data_7YW8
#
_entry.id   7YW8
#
_cell.length_a   60.572
_cell.length_b   134.482
_cell.length_c   214.962
_cell.angle_alpha   90.000
_cell.angle_beta   90.000
_cell.angle_gamma   90.000
#
_symmetry.space_group_name_H-M   'P 21 21 21'
#
loop_
_entity.id
_entity.type
_entity.pdbx_description
1 polymer 'Core protein'
2 water water
#
_entity_poly.entity_id   1
_entity_poly.type   'polypeptide(L)'
_entity_poly.pdbx_seq_one_letter_code
;MIRCIGVSNRDFVEGMSGGTWVDVVLEHGGCVTVMAQDKPTVDIELVTTTVSNMAEVRSYCYEASISDMASDSRCPTQGE
AYLDKQSDTQYVCKRTLVDRGWGNGCGLFGKGSLVTCAKFACSKKMTGKSIQPENLEYRIMLSVHGSQHSGMIVNDTGHE
TDENRAKVEITPNSPRAEATLGGFGSLGLDCEPRTGLDFSDLYYLTMNNKHWLVHKEWFHDIPLPWHAGADTGTPHWNNK
EALVEFKDAHAKRQTVVVLGSQEGAVHTALAGALEAEMDGAKGRLSSGHLKCRLKMDKLRLKGVSYSLCTAAFTFTKIPA
ETLHGTVTVEVQYAGTDGPCKVPAQMAVDMQTLTPVGRLITANPVITESTENSKMMLELDPPFGDSYIVIGVGEKKITHH
WHRSGSTIGK
;
_entity_poly.pdbx_strand_id   A,B,D,C
#
# COMPACT_ATOMS: atom_id res chain seq x y z
N MET A 1 1.66 38.73 -0.05
CA MET A 1 1.51 40.01 0.62
C MET A 1 0.04 40.38 0.83
N ILE A 2 -0.72 40.38 -0.26
CA ILE A 2 -2.12 40.80 -0.24
C ILE A 2 -2.91 39.90 0.71
N ARG A 3 -2.55 38.60 0.73
CA ARG A 3 -3.18 37.68 1.66
C ARG A 3 -2.95 38.11 3.10
N CYS A 4 -1.71 38.47 3.41
CA CYS A 4 -1.38 38.89 4.77
C CYS A 4 -2.01 40.25 5.10
N ILE A 5 -2.14 41.13 4.10
CA ILE A 5 -2.73 42.44 4.34
C ILE A 5 -4.19 42.32 4.76
N GLY A 6 -4.96 41.46 4.10
CA GLY A 6 -6.39 41.43 4.25
C GLY A 6 -6.95 40.64 5.42
N VAL A 7 -6.12 39.99 6.22
CA VAL A 7 -6.60 39.13 7.29
C VAL A 7 -6.67 39.93 8.60
N SER A 8 -7.82 39.86 9.25
CA SER A 8 -8.01 40.58 10.51
C SER A 8 -7.20 39.95 11.63
N ASN A 9 -6.83 38.68 11.48
CA ASN A 9 -6.07 37.96 12.50
C ASN A 9 -4.58 38.03 12.19
N ARG A 10 -4.08 39.27 12.12
CA ARG A 10 -2.71 39.54 11.72
C ARG A 10 -1.93 40.08 12.90
N ASP A 11 -0.74 39.52 13.13
CA ASP A 11 0.14 39.93 14.22
C ASP A 11 1.41 40.53 13.66
N PHE A 12 1.94 41.53 14.37
CA PHE A 12 3.19 42.19 14.02
C PHE A 12 4.19 41.90 15.12
N VAL A 13 5.33 41.33 14.77
CA VAL A 13 6.40 41.07 15.73
C VAL A 13 7.68 41.75 15.26
N GLU A 14 8.33 42.45 16.18
CA GLU A 14 9.59 43.11 15.92
C GLU A 14 10.72 42.36 16.62
N GLY A 15 11.80 42.14 15.88
CA GLY A 15 12.96 41.45 16.39
C GLY A 15 13.78 42.32 17.32
N MET A 16 14.56 41.67 18.19
CA MET A 16 15.42 42.38 19.12
C MET A 16 16.68 42.87 18.39
N SER A 17 17.49 43.63 19.12
CA SER A 17 18.70 44.19 18.53
C SER A 17 19.69 43.10 18.15
N GLY A 18 19.68 41.98 18.87
CA GLY A 18 20.58 40.89 18.55
C GLY A 18 20.34 40.31 17.17
N GLY A 19 19.08 40.33 16.73
CA GLY A 19 18.74 39.82 15.41
C GLY A 19 18.97 38.34 15.23
N THR A 20 18.72 37.54 16.27
CA THR A 20 18.91 36.10 16.16
C THR A 20 17.59 35.35 16.31
N TRP A 21 16.86 35.59 17.40
CA TRP A 21 15.66 34.83 17.73
C TRP A 21 14.43 35.72 17.68
N VAL A 22 13.38 35.20 17.06
CA VAL A 22 12.05 35.83 17.07
C VAL A 22 11.02 34.74 17.35
N ASP A 23 10.11 35.01 18.27
CA ASP A 23 9.07 34.07 18.64
C ASP A 23 7.73 34.51 18.09
N VAL A 24 7.02 33.60 17.43
CA VAL A 24 5.73 33.88 16.84
C VAL A 24 4.75 32.79 17.26
N VAL A 25 3.46 33.11 17.14
CA VAL A 25 2.38 32.16 17.38
C VAL A 25 1.54 32.10 16.12
N LEU A 26 1.37 30.90 15.59
CA LEU A 26 0.64 30.69 14.34
C LEU A 26 -0.69 30.00 14.62
N GLU A 27 -1.70 30.41 13.85
CA GLU A 27 -3.01 29.79 13.91
C GLU A 27 -3.65 29.86 12.54
N HIS A 28 -4.65 29.01 12.32
CA HIS A 28 -5.26 28.90 11.01
C HIS A 28 -6.00 30.18 10.64
N GLY A 29 -5.83 30.61 9.39
CA GLY A 29 -6.45 31.84 8.94
C GLY A 29 -5.79 33.11 9.40
N GLY A 30 -4.59 33.03 9.96
CA GLY A 30 -3.90 34.19 10.45
C GLY A 30 -2.51 34.30 9.85
N CYS A 31 -1.99 35.53 9.86
CA CYS A 31 -0.67 35.83 9.31
C CYS A 31 0.14 36.59 10.35
N VAL A 32 1.44 36.32 10.36
CA VAL A 32 2.37 37.02 11.24
C VAL A 32 3.39 37.73 10.35
N THR A 33 3.55 39.03 10.58
CA THR A 33 4.52 39.85 9.86
C THR A 33 5.72 40.07 10.78
N VAL A 34 6.89 39.64 10.33
CA VAL A 34 8.09 39.66 11.14
C VAL A 34 9.03 40.73 10.59
N MET A 35 9.33 41.73 11.40
CA MET A 35 10.21 42.83 11.02
C MET A 35 11.46 42.79 11.88
N ALA A 36 12.63 42.87 11.23
CA ALA A 36 13.91 42.85 11.93
C ALA A 36 14.80 43.93 11.36
N GLN A 37 15.76 44.36 12.18
CA GLN A 37 16.62 45.48 11.82
C GLN A 37 17.66 45.05 10.79
N ASP A 38 17.68 45.72 9.64
CA ASP A 38 18.49 45.34 8.48
C ASP A 38 18.23 43.90 8.04
N LYS A 39 16.96 43.51 8.06
CA LYS A 39 16.56 42.20 7.56
C LYS A 39 15.25 42.36 6.80
N PRO A 40 15.01 41.55 5.79
CA PRO A 40 13.73 41.63 5.07
C PRO A 40 12.57 41.20 5.94
N THR A 41 11.41 41.81 5.66
CA THR A 41 10.18 41.46 6.37
C THR A 41 9.65 40.14 5.84
N VAL A 42 9.24 39.26 6.75
CA VAL A 42 8.80 37.92 6.39
C VAL A 42 7.38 37.71 6.89
N ASP A 43 6.53 37.18 6.01
CA ASP A 43 5.16 36.84 6.34
C ASP A 43 5.07 35.33 6.53
N ILE A 44 4.56 34.91 7.69
CA ILE A 44 4.48 33.50 8.05
C ILE A 44 3.02 33.15 8.33
N GLU A 45 2.56 32.05 7.74
CA GLU A 45 1.19 31.62 7.94
C GLU A 45 1.15 30.11 8.04
N LEU A 46 0.32 29.60 8.95
CA LEU A 46 0.01 28.19 9.02
C LEU A 46 -1.08 27.88 8.00
N VAL A 47 -0.77 27.01 7.04
CA VAL A 47 -1.67 26.75 5.93
C VAL A 47 -2.57 25.55 6.19
N THR A 48 -2.05 24.50 6.81
CA THR A 48 -2.84 23.30 7.05
C THR A 48 -2.29 22.52 8.24
N THR A 49 -3.21 21.82 8.93
CA THR A 49 -2.86 20.88 9.98
C THR A 49 -3.36 19.51 9.56
N THR A 50 -2.48 18.52 9.59
CA THR A 50 -2.76 17.20 9.03
C THR A 50 -2.63 16.12 10.10
N VAL A 51 -3.62 15.23 10.14
CA VAL A 51 -3.57 14.00 10.93
C VAL A 51 -3.55 12.82 9.98
N SER A 52 -2.69 11.85 10.27
CA SER A 52 -2.51 10.70 9.40
C SER A 52 -2.67 9.41 10.20
N ASN A 53 -2.95 8.33 9.46
CA ASN A 53 -3.02 6.97 10.01
C ASN A 53 -4.03 6.89 11.16
N MET A 54 -5.20 7.49 10.96
CA MET A 54 -6.25 7.43 11.96
C MET A 54 -6.86 6.04 11.97
N ALA A 55 -6.76 5.36 13.11
CA ALA A 55 -7.22 3.99 13.24
C ALA A 55 -8.68 3.97 13.67
N GLU A 56 -9.47 3.11 13.03
CA GLU A 56 -10.89 2.99 13.35
C GLU A 56 -11.06 2.47 14.77
N VAL A 57 -11.96 3.11 15.52
CA VAL A 57 -12.23 2.72 16.90
C VAL A 57 -13.61 2.11 17.06
N ARG A 58 -14.65 2.71 16.49
CA ARG A 58 -16.00 2.20 16.59
C ARG A 58 -16.89 2.79 15.51
N SER A 59 -17.78 1.99 14.95
CA SER A 59 -18.71 2.44 13.92
C SER A 59 -20.14 2.34 14.45
N TYR A 60 -20.91 3.39 14.25
CA TYR A 60 -22.29 3.45 14.72
C TYR A 60 -23.25 3.46 13.53
N CYS A 61 -24.28 2.63 13.62
CA CYS A 61 -25.30 2.55 12.58
C CYS A 61 -26.46 3.46 12.93
N TYR A 62 -26.77 4.43 12.06
CA TYR A 62 -27.89 5.32 12.27
C TYR A 62 -29.08 5.05 11.35
N GLU A 63 -28.92 4.21 10.34
CA GLU A 63 -30.03 3.76 9.50
C GLU A 63 -29.84 2.28 9.23
N ALA A 64 -30.86 1.48 9.52
CA ALA A 64 -30.79 0.05 9.41
C ALA A 64 -32.08 -0.51 8.82
N SER A 65 -31.99 -1.74 8.30
CA SER A 65 -33.12 -2.41 7.69
C SER A 65 -33.18 -3.85 8.19
N ILE A 66 -34.38 -4.42 8.19
CA ILE A 66 -34.60 -5.78 8.65
C ILE A 66 -35.13 -6.63 7.49
N SER A 67 -34.93 -7.93 7.63
CA SER A 67 -35.32 -8.90 6.62
C SER A 67 -35.58 -10.24 7.30
N ASP A 68 -36.30 -11.11 6.61
CA ASP A 68 -36.59 -12.47 7.06
C ASP A 68 -37.26 -12.46 8.43
N MET A 69 -38.38 -11.76 8.50
CA MET A 69 -39.16 -11.71 9.74
C MET A 69 -39.94 -13.01 9.91
N ALA A 70 -39.75 -13.66 11.05
CA ALA A 70 -40.39 -14.93 11.32
C ALA A 70 -40.88 -14.96 12.77
N SER A 71 -41.96 -15.71 12.99
CA SER A 71 -42.53 -15.88 14.30
C SER A 71 -42.87 -17.34 14.54
N ASP A 72 -42.72 -17.78 15.78
CA ASP A 72 -43.14 -19.12 16.18
C ASP A 72 -43.89 -19.01 17.50
N SER A 73 -44.97 -19.77 17.61
CA SER A 73 -45.83 -19.72 18.78
C SER A 73 -46.12 -21.13 19.28
N ARG A 74 -46.33 -21.24 20.59
CA ARG A 74 -46.69 -22.50 21.22
C ARG A 74 -47.89 -22.29 22.12
N CYS A 75 -48.78 -23.27 22.13
CA CYS A 75 -49.90 -23.25 23.06
C CYS A 75 -49.38 -23.44 24.48
N PRO A 76 -50.15 -23.01 25.49
CA PRO A 76 -49.75 -23.25 26.87
C PRO A 76 -49.56 -24.73 27.15
N THR A 77 -48.55 -25.05 27.94
CA THR A 77 -48.07 -26.38 28.32
C THR A 77 -47.41 -27.10 27.15
N GLN A 78 -47.20 -26.45 26.01
CA GLN A 78 -46.58 -27.08 24.85
C GLN A 78 -45.12 -26.69 24.67
N GLY A 79 -44.53 -25.99 25.64
CA GLY A 79 -43.11 -25.73 25.63
C GLY A 79 -42.76 -24.37 25.03
N GLU A 80 -41.46 -24.16 24.90
CA GLU A 80 -40.93 -22.88 24.43
C GLU A 80 -40.93 -22.82 22.92
N ALA A 81 -41.29 -21.65 22.38
CA ALA A 81 -41.26 -21.42 20.95
C ALA A 81 -39.81 -21.35 20.46
N TYR A 82 -39.58 -21.94 19.29
CA TYR A 82 -38.23 -22.03 18.75
C TYR A 82 -38.22 -21.55 17.31
N LEU A 83 -37.13 -20.88 16.94
CA LEU A 83 -36.88 -20.48 15.57
C LEU A 83 -35.45 -20.86 15.22
N ASP A 84 -35.23 -21.19 13.95
CA ASP A 84 -33.90 -21.56 13.50
C ASP A 84 -32.92 -20.40 13.65
N LYS A 85 -33.37 -19.18 13.35
CA LYS A 85 -32.53 -18.00 13.39
C LYS A 85 -32.48 -17.36 14.77
N GLN A 86 -33.12 -17.98 15.76
CA GLN A 86 -33.12 -17.48 17.13
C GLN A 86 -31.73 -17.38 17.73
N SER A 87 -30.76 -18.17 17.25
CA SER A 87 -29.40 -18.13 17.76
C SER A 87 -28.43 -17.43 16.82
N ASP A 88 -28.86 -17.01 15.64
CA ASP A 88 -27.97 -16.34 14.71
C ASP A 88 -27.60 -14.95 15.23
N THR A 89 -26.32 -14.61 15.17
CA THR A 89 -25.85 -13.34 15.70
C THR A 89 -26.28 -12.15 14.86
N GLN A 90 -26.65 -12.37 13.62
CA GLN A 90 -27.12 -11.29 12.75
C GLN A 90 -28.56 -10.96 12.96
N TYR A 91 -29.25 -11.71 13.81
CA TYR A 91 -30.69 -11.58 14.02
C TYR A 91 -30.95 -10.97 15.38
N VAL A 92 -32.04 -10.21 15.48
CA VAL A 92 -32.51 -9.65 16.73
C VAL A 92 -33.88 -10.27 17.02
N CYS A 93 -34.08 -10.69 18.26
CA CYS A 93 -35.28 -11.44 18.63
C CYS A 93 -35.89 -10.90 19.92
N LYS A 94 -37.18 -11.18 20.09
CA LYS A 94 -37.89 -10.90 21.32
C LYS A 94 -38.74 -12.11 21.70
N ARG A 95 -38.62 -12.53 22.96
CA ARG A 95 -39.35 -13.66 23.49
C ARG A 95 -40.32 -13.17 24.55
N THR A 96 -41.58 -13.57 24.43
CA THR A 96 -42.61 -13.08 25.33
C THR A 96 -43.69 -14.14 25.51
N LEU A 97 -44.67 -13.81 26.35
CA LEU A 97 -45.83 -14.65 26.60
C LEU A 97 -47.09 -13.89 26.22
N VAL A 98 -48.02 -14.58 25.56
CA VAL A 98 -49.23 -13.95 25.05
C VAL A 98 -50.43 -14.80 25.44
N ASP A 99 -51.58 -14.16 25.55
CA ASP A 99 -52.82 -14.87 25.87
C ASP A 99 -53.22 -15.78 24.73
N ARG A 100 -53.54 -17.03 25.06
CA ARG A 100 -53.97 -18.02 24.08
C ARG A 100 -55.28 -18.65 24.53
N GLY A 101 -56.02 -19.18 23.57
CA GLY A 101 -57.31 -19.76 23.90
C GLY A 101 -57.97 -20.39 22.68
N TRP A 102 -59.28 -20.59 22.80
CA TRP A 102 -60.03 -21.28 21.75
C TRP A 102 -60.04 -20.48 20.45
N GLY A 103 -60.04 -19.16 20.56
CA GLY A 103 -60.02 -18.31 19.40
C GLY A 103 -58.67 -18.16 18.74
N ASN A 104 -57.63 -18.74 19.32
CA ASN A 104 -56.26 -18.62 18.80
C ASN A 104 -55.70 -19.97 18.37
N GLY A 105 -56.47 -21.04 18.50
CA GLY A 105 -56.03 -22.36 18.11
C GLY A 105 -55.56 -23.25 19.25
N CYS A 106 -55.79 -22.87 20.49
CA CYS A 106 -55.39 -23.67 21.64
C CYS A 106 -56.63 -24.10 22.42
N GLY A 107 -56.55 -25.28 23.04
CA GLY A 107 -57.64 -25.81 23.83
C GLY A 107 -57.62 -25.34 25.28
N LEU A 108 -56.59 -24.60 25.68
CA LEU A 108 -56.46 -24.11 27.04
C LEU A 108 -56.34 -22.59 27.03
N PHE A 109 -56.78 -21.97 28.12
CA PHE A 109 -56.67 -20.52 28.30
C PHE A 109 -55.48 -20.24 29.19
N GLY A 110 -54.42 -19.68 28.61
CA GLY A 110 -53.22 -19.40 29.37
C GLY A 110 -52.19 -18.71 28.51
N LYS A 111 -51.01 -18.50 29.10
CA LYS A 111 -49.94 -17.78 28.45
C LYS A 111 -49.13 -18.74 27.59
N GLY A 112 -49.03 -18.44 26.29
CA GLY A 112 -48.24 -19.24 25.39
C GLY A 112 -46.93 -18.58 25.03
N SER A 113 -45.94 -19.38 24.62
CA SER A 113 -44.64 -18.83 24.27
C SER A 113 -44.68 -18.25 22.85
N LEU A 114 -43.96 -17.14 22.66
CA LEU A 114 -43.91 -16.48 21.37
C LEU A 114 -42.54 -15.84 21.20
N VAL A 115 -41.91 -16.10 20.05
CA VAL A 115 -40.62 -15.51 19.72
C VAL A 115 -40.68 -15.02 18.27
N THR A 116 -40.10 -13.86 18.02
CA THR A 116 -40.05 -13.27 16.69
C THR A 116 -38.63 -12.77 16.44
N CYS A 117 -38.06 -13.12 15.28
CA CYS A 117 -36.71 -12.73 14.91
C CYS A 117 -36.72 -12.05 13.55
N ALA A 118 -35.64 -11.31 13.28
CA ALA A 118 -35.48 -10.62 12.01
C ALA A 118 -33.99 -10.34 11.79
N LYS A 119 -33.52 -10.56 10.57
CA LYS A 119 -32.13 -10.30 10.24
C LYS A 119 -31.87 -8.79 10.24
N PHE A 120 -30.75 -8.39 10.84
CA PHE A 120 -30.41 -6.98 10.97
C PHE A 120 -29.37 -6.61 9.92
N ALA A 121 -29.67 -5.58 9.14
CA ALA A 121 -28.75 -5.06 8.14
C ALA A 121 -28.60 -3.55 8.34
N CYS A 122 -27.39 -3.06 8.18
CA CYS A 122 -27.08 -1.65 8.38
C CYS A 122 -26.90 -0.99 7.02
N SER A 123 -27.66 0.07 6.77
CA SER A 123 -27.54 0.80 5.51
C SER A 123 -26.40 1.81 5.57
N LYS A 124 -26.50 2.79 6.44
CA LYS A 124 -25.52 3.87 6.56
C LYS A 124 -24.94 3.87 7.96
N LYS A 125 -23.62 4.01 8.06
CA LYS A 125 -22.95 4.00 9.35
C LYS A 125 -22.00 5.18 9.46
N MET A 126 -21.74 5.60 10.70
CA MET A 126 -20.71 6.59 10.99
C MET A 126 -19.59 5.93 11.79
N THR A 127 -18.37 6.41 11.57
CA THR A 127 -17.16 5.80 12.12
C THR A 127 -16.37 6.83 12.92
N GLY A 128 -15.85 6.40 14.07
CA GLY A 128 -14.97 7.22 14.87
C GLY A 128 -13.56 6.66 14.82
N LYS A 129 -12.58 7.56 14.73
CA LYS A 129 -11.20 7.18 14.49
C LYS A 129 -10.27 7.84 15.51
N SER A 130 -9.15 7.17 15.76
CA SER A 130 -8.19 7.60 16.75
C SER A 130 -7.16 8.55 16.13
N ILE A 131 -6.68 9.49 16.94
CA ILE A 131 -5.64 10.43 16.53
C ILE A 131 -4.43 10.21 17.42
N GLN A 132 -3.31 9.84 16.82
CA GLN A 132 -2.10 9.66 17.59
C GLN A 132 -1.22 10.90 17.52
N PRO A 133 -0.59 11.27 18.64
CA PRO A 133 0.20 12.51 18.68
C PRO A 133 1.34 12.55 17.68
N GLU A 134 1.89 11.39 17.35
CA GLU A 134 3.03 11.30 16.45
C GLU A 134 2.64 11.46 14.98
N ASN A 135 1.35 11.51 14.67
CA ASN A 135 0.88 11.61 13.29
C ASN A 135 0.40 13.01 12.93
N LEU A 136 0.73 14.01 13.76
CA LEU A 136 0.40 15.39 13.44
C LEU A 136 1.44 15.97 12.49
N GLU A 137 1.00 16.72 11.50
CA GLU A 137 1.90 17.36 10.54
C GLU A 137 1.40 18.78 10.28
N TYR A 138 2.31 19.74 10.42
CA TYR A 138 2.00 21.15 10.19
C TYR A 138 2.81 21.65 9.00
N ARG A 139 2.13 22.34 8.09
CA ARG A 139 2.76 22.94 6.93
C ARG A 139 2.75 24.46 7.09
N ILE A 140 3.90 25.09 6.88
CA ILE A 140 4.11 26.50 7.19
C ILE A 140 4.57 27.20 5.91
N MET A 141 3.98 28.35 5.64
CA MET A 141 4.31 29.16 4.47
C MET A 141 5.04 30.41 4.93
N LEU A 142 6.20 30.67 4.31
CA LEU A 142 7.02 31.83 4.62
C LEU A 142 7.21 32.65 3.35
N SER A 143 6.89 33.93 3.41
CA SER A 143 6.94 34.80 2.25
C SER A 143 7.70 36.07 2.59
N VAL A 144 8.52 36.52 1.64
CA VAL A 144 9.22 37.78 1.79
C VAL A 144 8.25 38.92 1.48
N HIS A 145 8.08 39.83 2.42
CA HIS A 145 7.03 40.84 2.38
C HIS A 145 7.55 42.09 1.68
N GLY A 146 7.16 42.27 0.41
CA GLY A 146 7.54 43.45 -0.32
C GLY A 146 8.59 43.22 -1.39
N SER A 147 8.52 42.09 -2.09
CA SER A 147 9.48 41.74 -3.12
C SER A 147 9.09 42.27 -4.49
N GLN A 148 8.23 43.29 -4.54
CA GLN A 148 7.77 44.00 -5.73
C GLN A 148 6.80 43.15 -6.56
N HIS A 149 6.64 41.86 -6.23
CA HIS A 149 5.66 41.02 -6.90
C HIS A 149 4.71 40.32 -5.93
N SER A 150 5.00 40.34 -4.63
CA SER A 150 4.06 39.79 -3.65
C SER A 150 2.79 40.62 -3.57
N GLY A 151 2.83 41.87 -4.02
CA GLY A 151 1.67 42.75 -4.00
C GLY A 151 0.57 42.38 -4.97
N MET A 152 0.80 41.39 -5.82
CA MET A 152 -0.25 40.86 -6.70
C MET A 152 -0.50 39.39 -6.44
N ILE A 153 -0.11 38.88 -5.27
CA ILE A 153 -0.27 37.48 -4.92
C ILE A 153 -1.33 37.36 -3.83
N VAL A 154 -2.34 36.52 -4.09
CA VAL A 154 -3.43 36.33 -3.14
C VAL A 154 -3.60 34.88 -2.70
N ASN A 155 -2.89 33.92 -3.29
CA ASN A 155 -3.10 32.51 -2.97
C ASN A 155 -1.79 31.72 -3.06
N ASP A 156 -1.90 30.39 -3.08
CA ASP A 156 -0.75 29.49 -3.03
C ASP A 156 -0.45 28.90 -4.41
N THR A 157 -0.54 29.72 -5.45
CA THR A 157 -0.32 29.29 -6.82
C THR A 157 0.98 29.83 -7.41
N GLY A 158 1.86 30.36 -6.56
CA GLY A 158 3.10 30.93 -7.05
C GLY A 158 4.34 30.70 -6.21
N HIS A 159 4.42 29.55 -5.53
CA HIS A 159 5.51 29.35 -4.57
C HIS A 159 6.63 28.43 -5.04
N GLU A 160 6.39 27.49 -5.96
CA GLU A 160 7.42 26.50 -6.29
C GLU A 160 8.59 27.14 -7.02
N THR A 161 8.32 27.92 -8.05
CA THR A 161 9.37 28.57 -8.83
C THR A 161 9.81 29.89 -8.21
N ASP A 162 9.17 30.32 -7.13
CA ASP A 162 9.51 31.55 -6.44
C ASP A 162 10.57 31.26 -5.38
N GLU A 163 11.74 31.87 -5.52
CA GLU A 163 12.81 31.71 -4.54
C GLU A 163 12.61 32.57 -3.30
N ASN A 164 11.73 33.56 -3.36
CA ASN A 164 11.44 34.42 -2.24
C ASN A 164 10.35 33.87 -1.32
N ARG A 165 10.03 32.58 -1.44
CA ARG A 165 8.96 31.98 -0.68
C ARG A 165 9.21 30.48 -0.56
N ALA A 166 8.85 29.92 0.59
CA ALA A 166 9.20 28.53 0.89
C ALA A 166 8.09 27.86 1.67
N LYS A 167 8.06 26.54 1.59
CA LYS A 167 7.13 25.70 2.33
C LYS A 167 7.94 24.73 3.19
N VAL A 168 7.61 24.67 4.48
CA VAL A 168 8.26 23.74 5.40
C VAL A 168 7.19 22.94 6.13
N GLU A 169 7.59 21.78 6.61
CA GLU A 169 6.69 20.85 7.29
C GLU A 169 7.22 20.59 8.70
N ILE A 170 6.32 20.57 9.67
CA ILE A 170 6.67 20.42 11.08
C ILE A 170 5.92 19.21 11.64
N THR A 171 6.65 18.33 12.29
CA THR A 171 6.11 17.17 12.99
C THR A 171 6.66 17.10 14.40
N PRO A 172 5.95 16.45 15.33
CA PRO A 172 6.48 16.32 16.70
C PRO A 172 7.78 15.56 16.79
N ASN A 173 8.09 14.71 15.81
CA ASN A 173 9.34 13.97 15.81
C ASN A 173 10.47 14.76 15.14
N SER A 174 10.13 15.62 14.17
CA SER A 174 11.08 16.50 13.51
C SER A 174 10.53 17.92 13.56
N PRO A 175 10.61 18.58 14.72
CA PRO A 175 10.02 19.91 14.87
C PRO A 175 10.87 21.05 14.33
N ARG A 176 11.98 20.76 13.65
CA ARG A 176 12.84 21.78 13.11
C ARG A 176 12.82 21.72 11.58
N ALA A 177 12.93 22.89 10.95
CA ALA A 177 12.93 22.96 9.50
C ALA A 177 13.72 24.19 9.07
N GLU A 178 14.20 24.15 7.83
CA GLU A 178 14.95 25.26 7.24
C GLU A 178 14.22 25.74 6.00
N ALA A 179 13.97 27.05 5.94
CA ALA A 179 13.27 27.66 4.82
C ALA A 179 14.28 28.45 3.99
N THR A 180 14.57 27.97 2.79
CA THR A 180 15.51 28.65 1.91
C THR A 180 14.78 29.75 1.15
N LEU A 181 15.31 30.97 1.24
CA LEU A 181 14.72 32.12 0.57
C LEU A 181 15.63 32.70 -0.51
N GLY A 182 16.48 31.86 -1.08
CA GLY A 182 17.32 32.31 -2.19
C GLY A 182 18.34 33.33 -1.74
N GLY A 183 18.38 34.46 -2.46
CA GLY A 183 19.33 35.51 -2.16
C GLY A 183 19.14 36.19 -0.83
N PHE A 184 17.98 36.01 -0.20
CA PHE A 184 17.71 36.57 1.12
C PHE A 184 18.26 35.71 2.24
N GLY A 185 18.79 34.52 1.93
CA GLY A 185 19.33 33.65 2.94
C GLY A 185 18.39 32.51 3.31
N SER A 186 18.35 32.17 4.59
CA SER A 186 17.51 31.07 5.04
C SER A 186 16.96 31.40 6.43
N LEU A 187 15.89 30.70 6.79
CA LEU A 187 15.24 30.86 8.07
C LEU A 187 15.18 29.51 8.78
N GLY A 188 15.36 29.53 10.10
CA GLY A 188 15.29 28.35 10.93
C GLY A 188 14.03 28.38 11.78
N LEU A 189 13.34 27.23 11.83
CA LEU A 189 12.07 27.10 12.54
C LEU A 189 12.17 25.98 13.55
N ASP A 190 11.71 26.25 14.77
CA ASP A 190 11.56 25.24 15.82
C ASP A 190 10.15 25.39 16.38
N CYS A 191 9.23 24.55 15.92
CA CYS A 191 7.81 24.73 16.17
C CYS A 191 7.27 23.59 17.03
N GLU A 192 6.55 23.95 18.08
CA GLU A 192 5.83 23.01 18.93
C GLU A 192 4.41 23.52 19.15
N PRO A 193 3.45 22.62 19.33
CA PRO A 193 2.06 23.05 19.51
C PRO A 193 1.86 23.81 20.82
N ARG A 194 0.93 24.74 20.80
CA ARG A 194 0.55 25.46 22.01
C ARG A 194 -0.46 24.64 22.81
N THR A 195 -0.33 24.68 24.12
CA THR A 195 -1.23 23.94 24.99
C THR A 195 -2.64 24.51 24.92
N GLY A 196 -3.62 23.63 25.17
CA GLY A 196 -5.00 24.04 25.17
C GLY A 196 -5.90 23.16 24.33
N LEU A 197 -5.38 22.69 23.19
CA LEU A 197 -6.14 21.86 22.26
C LEU A 197 -5.26 20.70 21.82
N ASP A 198 -5.34 19.58 22.53
CA ASP A 198 -4.64 18.36 22.16
C ASP A 198 -5.59 17.47 21.38
N PHE A 199 -5.26 17.19 20.13
CA PHE A 199 -6.13 16.39 19.27
C PHE A 199 -6.09 14.90 19.61
N SER A 200 -5.09 14.45 20.37
CA SER A 200 -5.02 13.05 20.76
C SER A 200 -6.12 12.68 21.75
N ASP A 201 -6.76 13.66 22.37
CA ASP A 201 -7.87 13.42 23.28
C ASP A 201 -9.23 13.53 22.60
N LEU A 202 -9.25 13.50 21.26
CA LEU A 202 -10.48 13.66 20.49
C LEU A 202 -10.55 12.54 19.45
N TYR A 203 -11.76 12.07 19.18
CA TYR A 203 -11.96 11.13 18.09
C TYR A 203 -12.31 11.87 16.80
N TYR A 204 -11.93 11.29 15.67
CA TYR A 204 -12.28 11.84 14.37
C TYR A 204 -13.53 11.13 13.87
N LEU A 205 -14.63 11.88 13.73
CA LEU A 205 -15.93 11.33 13.40
C LEU A 205 -16.26 11.60 11.94
N THR A 206 -16.53 10.53 11.19
CA THR A 206 -16.94 10.63 9.80
C THR A 206 -18.37 10.12 9.66
N MET A 207 -19.22 10.92 9.01
CA MET A 207 -20.62 10.55 8.87
C MET A 207 -21.16 11.19 7.60
N ASN A 208 -21.30 10.38 6.55
CA ASN A 208 -21.89 10.80 5.27
C ASN A 208 -21.14 11.99 4.69
N ASN A 209 -19.82 11.83 4.59
CA ASN A 209 -18.88 12.80 4.01
C ASN A 209 -18.73 14.07 4.84
N LYS A 210 -19.43 14.19 5.96
CA LYS A 210 -19.20 15.28 6.90
C LYS A 210 -18.32 14.78 8.03
N HIS A 211 -17.48 15.66 8.57
CA HIS A 211 -16.45 15.28 9.53
C HIS A 211 -16.48 16.21 10.72
N TRP A 212 -16.15 15.66 11.89
CA TRP A 212 -16.10 16.43 13.13
C TRP A 212 -14.98 15.89 14.01
N LEU A 213 -14.62 16.70 15.01
CA LEU A 213 -13.79 16.26 16.12
C LEU A 213 -14.66 16.25 17.37
N VAL A 214 -14.76 15.09 18.01
CA VAL A 214 -15.67 14.91 19.14
C VAL A 214 -14.91 14.34 20.32
N HIS A 215 -15.47 14.57 21.51
CA HIS A 215 -14.87 14.05 22.72
C HIS A 215 -15.14 12.54 22.85
N LYS A 216 -14.23 11.87 23.55
CA LYS A 216 -14.24 10.41 23.56
C LYS A 216 -15.44 9.85 24.32
N GLU A 217 -15.72 10.37 25.51
CA GLU A 217 -16.76 9.80 26.35
C GLU A 217 -18.14 9.99 25.72
N TRP A 218 -18.37 11.13 25.08
CA TRP A 218 -19.63 11.32 24.37
C TRP A 218 -19.79 10.31 23.24
N PHE A 219 -18.71 10.03 22.51
CA PHE A 219 -18.76 9.04 21.45
C PHE A 219 -19.00 7.63 21.97
N HIS A 220 -18.46 7.32 23.16
CA HIS A 220 -18.63 5.99 23.71
C HIS A 220 -20.05 5.78 24.23
N ASP A 221 -20.79 6.86 24.46
CA ASP A 221 -22.12 6.78 25.04
C ASP A 221 -23.24 6.94 24.00
N ILE A 222 -22.92 6.89 22.71
CA ILE A 222 -23.94 7.06 21.68
C ILE A 222 -24.87 5.85 21.69
N PRO A 223 -26.18 6.04 21.87
CA PRO A 223 -27.13 4.92 21.94
C PRO A 223 -27.55 4.40 20.57
N LEU A 224 -26.62 3.75 19.89
CA LEU A 224 -26.84 3.23 18.55
C LEU A 224 -26.12 1.89 18.43
N PRO A 225 -26.52 1.05 17.49
CA PRO A 225 -25.76 -0.19 17.25
C PRO A 225 -24.34 0.14 16.83
N TRP A 226 -23.40 -0.69 17.31
CA TRP A 226 -21.99 -0.44 17.10
C TRP A 226 -21.25 -1.76 16.92
N HIS A 227 -20.11 -1.67 16.23
CA HIS A 227 -19.16 -2.77 16.13
C HIS A 227 -17.77 -2.26 16.39
N ALA A 228 -16.96 -3.07 17.08
CA ALA A 228 -15.66 -2.63 17.56
C ALA A 228 -14.60 -2.74 16.47
N GLY A 229 -13.67 -1.79 16.47
CA GLY A 229 -12.58 -1.81 15.50
C GLY A 229 -13.11 -1.70 14.09
N ALA A 230 -12.41 -2.32 13.14
CA ALA A 230 -12.90 -2.41 11.78
C ALA A 230 -13.20 -3.87 11.50
N ASP A 231 -12.20 -4.75 11.58
CA ASP A 231 -12.35 -6.19 11.34
C ASP A 231 -13.34 -6.48 10.23
N THR A 232 -13.11 -5.86 9.08
CA THR A 232 -14.08 -5.82 8.00
C THR A 232 -14.40 -7.23 7.50
N GLY A 233 -15.59 -7.38 6.92
CA GLY A 233 -16.13 -8.68 6.60
C GLY A 233 -17.57 -8.78 7.06
N THR A 234 -17.84 -9.67 8.01
CA THR A 234 -19.17 -9.82 8.60
C THR A 234 -19.12 -9.24 10.01
N PRO A 235 -19.47 -7.98 10.18
CA PRO A 235 -19.40 -7.36 11.51
C PRO A 235 -20.55 -7.80 12.40
N HIS A 236 -20.27 -7.82 13.70
CA HIS A 236 -21.29 -8.10 14.70
C HIS A 236 -21.78 -6.79 15.29
N TRP A 237 -23.07 -6.52 15.16
CA TRP A 237 -23.66 -5.30 15.68
C TRP A 237 -24.22 -5.54 17.07
N ASN A 238 -23.69 -4.80 18.04
CA ASN A 238 -24.15 -4.86 19.42
C ASN A 238 -25.26 -3.84 19.61
N ASN A 239 -26.22 -4.15 20.49
CA ASN A 239 -27.35 -3.28 20.78
C ASN A 239 -28.14 -2.96 19.51
N LYS A 240 -28.52 -3.99 18.76
CA LYS A 240 -29.37 -3.77 17.60
C LYS A 240 -30.75 -3.26 17.99
N GLU A 241 -31.14 -3.44 19.25
CA GLU A 241 -32.45 -3.01 19.72
C GLU A 241 -32.56 -1.50 19.79
N ALA A 242 -31.46 -0.77 19.66
CA ALA A 242 -31.54 0.68 19.62
C ALA A 242 -32.29 1.17 18.39
N LEU A 243 -32.24 0.40 17.30
CA LEU A 243 -32.94 0.75 16.07
C LEU A 243 -34.09 -0.18 15.72
N VAL A 244 -34.21 -1.32 16.40
CA VAL A 244 -35.24 -2.30 16.11
C VAL A 244 -36.14 -2.42 17.34
N GLU A 245 -37.43 -2.20 17.16
CA GLU A 245 -38.40 -2.28 18.24
C GLU A 245 -39.51 -3.26 17.88
N PHE A 246 -40.11 -3.85 18.90
CA PHE A 246 -41.19 -4.82 18.72
C PHE A 246 -42.47 -4.25 19.31
N LYS A 247 -43.53 -4.23 18.50
CA LYS A 247 -44.81 -3.68 18.90
C LYS A 247 -45.62 -4.73 19.65
N ASP A 248 -46.90 -4.44 19.86
CA ASP A 248 -47.78 -5.31 20.63
C ASP A 248 -47.80 -6.71 20.06
N ALA A 249 -47.63 -7.70 20.95
CA ALA A 249 -47.54 -9.10 20.53
C ALA A 249 -48.93 -9.69 20.36
N HIS A 250 -49.17 -10.33 19.22
CA HIS A 250 -50.41 -11.02 18.97
C HIS A 250 -50.26 -12.50 19.36
N ALA A 251 -51.30 -13.28 19.08
CA ALA A 251 -51.33 -14.66 19.53
C ALA A 251 -50.22 -15.49 18.88
N LYS A 252 -50.03 -15.33 17.57
CA LYS A 252 -49.08 -16.16 16.85
C LYS A 252 -48.00 -15.37 16.12
N ARG A 253 -47.97 -14.05 16.25
CA ARG A 253 -46.96 -13.24 15.57
C ARG A 253 -46.74 -11.96 16.34
N GLN A 254 -45.60 -11.33 16.07
CA GLN A 254 -45.22 -10.05 16.66
C GLN A 254 -44.66 -9.16 15.57
N THR A 255 -45.10 -7.90 15.54
CA THR A 255 -44.72 -6.98 14.49
C THR A 255 -43.40 -6.32 14.83
N VAL A 256 -42.51 -6.23 13.84
CA VAL A 256 -41.18 -5.66 13.99
C VAL A 256 -41.05 -4.45 13.09
N VAL A 257 -40.59 -3.33 13.65
CA VAL A 257 -40.42 -2.10 12.91
C VAL A 257 -39.02 -1.57 13.14
N VAL A 258 -38.49 -0.84 12.18
CA VAL A 258 -37.21 -0.15 12.31
C VAL A 258 -37.47 1.34 12.48
N LEU A 259 -36.69 1.98 13.34
CA LEU A 259 -36.72 3.43 13.40
C LEU A 259 -36.09 4.01 12.14
N GLY A 260 -36.43 5.26 11.85
CA GLY A 260 -35.87 5.94 10.69
C GLY A 260 -34.41 6.27 10.90
N SER A 261 -33.83 6.90 9.88
CA SER A 261 -32.45 7.34 9.97
C SER A 261 -32.27 8.29 11.14
N GLN A 262 -31.17 8.11 11.88
CA GLN A 262 -30.84 8.94 13.02
C GLN A 262 -29.85 10.03 12.66
N GLU A 263 -29.74 10.37 11.38
CA GLU A 263 -28.80 11.40 10.95
C GLU A 263 -29.14 12.75 11.55
N GLY A 264 -30.43 13.08 11.59
CA GLY A 264 -30.83 14.38 12.15
C GLY A 264 -30.50 14.51 13.62
N ALA A 265 -30.74 13.46 14.40
CA ALA A 265 -30.43 13.52 15.83
C ALA A 265 -28.94 13.68 16.07
N VAL A 266 -28.11 12.95 15.33
CA VAL A 266 -26.67 13.07 15.48
C VAL A 266 -26.21 14.46 15.06
N HIS A 267 -26.75 14.98 13.95
CA HIS A 267 -26.38 16.31 13.50
C HIS A 267 -26.76 17.38 14.51
N THR A 268 -27.93 17.25 15.11
CA THR A 268 -28.32 18.17 16.18
C THR A 268 -27.41 18.05 17.40
N ALA A 269 -27.03 16.84 17.78
CA ALA A 269 -26.12 16.64 18.90
C ALA A 269 -24.70 17.11 18.60
N LEU A 270 -24.35 17.29 17.33
CA LEU A 270 -23.03 17.73 16.93
C LEU A 270 -22.98 19.24 16.67
N ALA A 271 -23.78 20.02 17.39
CA ALA A 271 -23.88 21.45 17.12
C ALA A 271 -22.57 22.18 17.40
N GLY A 272 -22.06 22.08 18.63
CA GLY A 272 -20.88 22.81 19.02
C GLY A 272 -19.56 22.14 18.65
N ALA A 273 -19.63 20.98 18.01
CA ALA A 273 -18.45 20.23 17.67
C ALA A 273 -17.62 20.93 16.60
N LEU A 274 -16.30 20.81 16.72
CA LEU A 274 -15.39 21.36 15.73
C LEU A 274 -15.55 20.63 14.41
N GLU A 275 -15.64 21.39 13.32
CA GLU A 275 -15.75 20.79 12.01
C GLU A 275 -14.37 20.44 11.47
N ALA A 276 -14.35 19.45 10.57
CA ALA A 276 -13.11 18.99 9.98
C ALA A 276 -13.38 18.54 8.55
N GLU A 277 -12.30 18.37 7.78
CA GLU A 277 -12.39 17.95 6.40
C GLU A 277 -11.35 16.87 6.12
N MET A 278 -11.63 16.07 5.10
CA MET A 278 -10.81 14.92 4.76
C MET A 278 -10.33 15.08 3.32
N ASP A 279 -9.02 15.30 3.15
CA ASP A 279 -8.41 15.36 1.82
C ASP A 279 -7.51 14.13 1.69
N GLY A 280 -8.04 13.12 0.99
CA GLY A 280 -7.33 11.86 0.85
C GLY A 280 -7.42 11.02 2.10
N ALA A 281 -6.39 10.23 2.38
CA ALA A 281 -6.33 9.42 3.58
C ALA A 281 -5.86 10.21 4.80
N LYS A 282 -5.89 11.54 4.73
CA LYS A 282 -5.45 12.40 5.80
C LYS A 282 -6.58 13.34 6.21
N GLY A 283 -6.68 13.60 7.51
CA GLY A 283 -7.66 14.54 8.02
C GLY A 283 -7.09 15.94 8.11
N ARG A 284 -7.88 16.92 7.67
CA ARG A 284 -7.46 18.31 7.67
C ARG A 284 -8.20 19.06 8.77
N LEU A 285 -7.45 19.49 9.79
CA LEU A 285 -8.02 20.30 10.87
C LEU A 285 -7.76 21.78 10.60
N SER A 286 -8.62 22.62 11.17
CA SER A 286 -8.52 24.06 10.98
C SER A 286 -8.73 24.81 12.29
N SER A 287 -8.24 24.26 13.40
CA SER A 287 -8.43 24.88 14.70
C SER A 287 -7.26 24.45 15.60
N GLY A 288 -6.29 25.33 15.76
CA GLY A 288 -5.17 25.06 16.63
C GLY A 288 -4.19 26.21 16.62
N HIS A 289 -3.26 26.15 17.57
CA HIS A 289 -2.22 27.16 17.71
C HIS A 289 -0.85 26.50 17.66
N LEU A 290 0.09 27.14 16.99
CA LEU A 290 1.44 26.64 16.84
C LEU A 290 2.44 27.68 17.31
N LYS A 291 3.37 27.27 18.17
CA LYS A 291 4.42 28.14 18.68
C LYS A 291 5.71 27.85 17.90
N CYS A 292 6.29 28.88 17.31
CA CYS A 292 7.49 28.73 16.51
C CYS A 292 8.55 29.72 16.96
N ARG A 293 9.80 29.26 17.00
CA ARG A 293 10.95 30.10 17.26
C ARG A 293 11.77 30.23 15.98
N LEU A 294 12.08 31.44 15.58
CA LEU A 294 12.79 31.71 14.35
C LEU A 294 14.25 32.04 14.62
N LYS A 295 15.14 31.46 13.82
CA LYS A 295 16.55 31.81 13.81
C LYS A 295 16.84 32.52 12.48
N MET A 296 17.16 33.81 12.57
CA MET A 296 17.27 34.65 11.38
C MET A 296 18.70 35.17 11.17
N ASP A 297 19.69 34.50 11.74
CA ASP A 297 21.06 34.95 11.57
C ASP A 297 21.57 34.72 10.15
N LYS A 298 20.95 33.81 9.40
CA LYS A 298 21.27 33.60 8.00
C LYS A 298 20.36 34.37 7.04
N LEU A 299 19.44 35.16 7.58
CA LEU A 299 18.55 35.97 6.75
C LEU A 299 19.18 37.34 6.51
N ARG A 300 19.14 37.80 5.26
CA ARG A 300 19.82 39.04 4.90
C ARG A 300 19.01 39.76 3.83
N LEU A 301 19.26 41.07 3.72
CA LEU A 301 18.59 41.89 2.74
C LEU A 301 19.29 41.82 1.39
N LYS A 302 18.59 42.27 0.36
CA LYS A 302 19.13 42.39 -0.99
C LYS A 302 18.98 43.83 -1.45
N GLY A 303 20.02 44.36 -2.08
CA GLY A 303 19.99 45.71 -2.59
C GLY A 303 20.21 46.80 -1.57
N VAL A 304 20.94 46.53 -0.49
CA VAL A 304 21.24 47.56 0.49
C VAL A 304 22.05 48.69 -0.12
N SER A 305 22.93 48.39 -1.06
CA SER A 305 23.73 49.41 -1.74
C SER A 305 23.18 49.80 -3.10
N TYR A 306 21.93 49.45 -3.40
CA TYR A 306 21.30 49.92 -4.62
C TYR A 306 21.26 51.45 -4.64
N SER A 307 21.49 52.02 -5.81
CA SER A 307 21.35 53.45 -5.98
C SER A 307 19.88 53.85 -5.86
N LEU A 308 19.64 55.00 -5.24
CA LEU A 308 18.28 55.48 -5.09
C LEU A 308 17.67 55.78 -6.45
N CYS A 309 16.38 55.48 -6.60
CA CYS A 309 15.67 55.80 -7.82
C CYS A 309 15.63 57.31 -8.03
N THR A 310 15.92 57.75 -9.26
CA THR A 310 16.03 59.17 -9.55
C THR A 310 14.86 59.75 -10.33
N ALA A 311 14.02 58.91 -10.94
CA ALA A 311 12.91 59.41 -11.74
C ALA A 311 11.71 59.73 -10.87
N ALA A 312 10.57 59.98 -11.49
CA ALA A 312 9.37 60.46 -10.81
C ALA A 312 8.42 59.31 -10.52
N PHE A 313 7.89 59.27 -9.30
CA PHE A 313 6.87 58.31 -8.92
C PHE A 313 5.48 58.94 -9.04
N THR A 314 4.48 58.08 -9.18
CA THR A 314 3.09 58.49 -9.30
C THR A 314 2.20 57.52 -8.54
N PHE A 315 1.15 58.05 -7.93
CA PHE A 315 0.20 57.23 -7.18
C PHE A 315 -0.84 56.67 -8.16
N THR A 316 -0.85 55.35 -8.34
CA THR A 316 -1.86 54.72 -9.18
C THR A 316 -3.13 54.44 -8.41
N LYS A 317 -3.00 54.04 -7.16
CA LYS A 317 -4.12 53.82 -6.25
C LYS A 317 -4.05 54.83 -5.12
N ILE A 318 -5.22 55.30 -4.71
CA ILE A 318 -5.29 56.18 -3.53
C ILE A 318 -4.88 55.37 -2.30
N PRO A 319 -4.09 55.94 -1.38
CA PRO A 319 -3.69 55.18 -0.18
C PRO A 319 -4.89 54.72 0.64
N ALA A 320 -4.81 53.50 1.17
CA ALA A 320 -5.91 52.89 1.89
C ALA A 320 -5.44 52.42 3.26
N GLU A 321 -6.32 52.56 4.25
CA GLU A 321 -6.03 52.13 5.61
C GLU A 321 -6.52 50.72 5.84
N THR A 322 -5.62 49.87 6.35
CA THR A 322 -5.95 48.49 6.66
C THR A 322 -6.66 48.42 8.00
N LEU A 323 -7.11 47.22 8.35
CA LEU A 323 -7.77 47.01 9.63
C LEU A 323 -6.83 47.23 10.82
N HIS A 324 -5.52 47.27 10.58
CA HIS A 324 -4.53 47.40 11.64
C HIS A 324 -3.93 48.80 11.69
N GLY A 325 -4.47 49.74 10.92
CA GLY A 325 -3.98 51.11 10.90
C GLY A 325 -2.82 51.37 9.98
N THR A 326 -2.36 50.38 9.21
CA THR A 326 -1.28 50.57 8.27
C THR A 326 -1.82 51.09 6.95
N VAL A 327 -0.92 51.62 6.12
CA VAL A 327 -1.27 52.21 4.84
C VAL A 327 -0.68 51.38 3.73
N THR A 328 -1.47 51.10 2.70
CA THR A 328 -1.00 50.48 1.48
C THR A 328 -1.05 51.51 0.37
N VAL A 329 0.07 51.69 -0.32
CA VAL A 329 0.16 52.62 -1.45
C VAL A 329 0.71 51.87 -2.65
N GLU A 330 0.21 52.19 -3.83
CA GLU A 330 0.71 51.65 -5.08
C GLU A 330 1.33 52.79 -5.88
N VAL A 331 2.59 52.60 -6.31
CA VAL A 331 3.33 53.62 -7.01
C VAL A 331 3.75 53.08 -8.36
N GLN A 332 3.95 54.01 -9.30
CA GLN A 332 4.40 53.70 -10.65
C GLN A 332 5.67 54.49 -10.92
N TYR A 333 6.70 53.81 -11.43
CA TYR A 333 8.00 54.41 -11.66
C TYR A 333 8.27 54.48 -13.15
N ALA A 334 8.56 55.69 -13.64
CA ALA A 334 8.79 55.93 -15.06
C ALA A 334 10.27 55.95 -15.41
N GLY A 335 11.11 55.36 -14.58
CA GLY A 335 12.53 55.29 -14.82
C GLY A 335 12.97 53.92 -15.31
N THR A 336 14.20 53.89 -15.82
CA THR A 336 14.79 52.66 -16.34
C THR A 336 16.21 52.46 -15.80
N ASP A 337 16.49 52.99 -14.62
CA ASP A 337 17.84 52.91 -14.05
C ASP A 337 18.01 51.61 -13.28
N GLY A 338 17.68 50.51 -13.97
CA GLY A 338 17.89 49.18 -13.47
C GLY A 338 17.27 48.95 -12.11
N PRO A 339 17.92 48.13 -11.28
CA PRO A 339 17.48 47.97 -9.89
C PRO A 339 17.85 49.19 -9.06
N CYS A 340 16.84 49.85 -8.50
CA CYS A 340 17.05 51.05 -7.71
C CYS A 340 16.23 50.97 -6.43
N LYS A 341 16.69 51.68 -5.41
CA LYS A 341 16.06 51.67 -4.09
C LYS A 341 14.98 52.74 -4.05
N VAL A 342 13.79 52.35 -3.59
CA VAL A 342 12.65 53.26 -3.56
C VAL A 342 12.67 54.08 -2.28
N PRO A 343 12.69 55.42 -2.36
CA PRO A 343 12.58 56.24 -1.17
C PRO A 343 11.13 56.26 -0.67
N ALA A 344 10.92 55.79 0.55
CA ALA A 344 9.58 55.73 1.11
C ALA A 344 9.68 55.91 2.61
N GLN A 345 8.89 56.83 3.16
CA GLN A 345 8.92 57.12 4.59
C GLN A 345 7.65 57.88 4.95
N MET A 346 7.45 58.05 6.26
CA MET A 346 6.44 58.95 6.79
C MET A 346 7.17 60.14 7.41
N ALA A 347 6.67 61.34 7.15
CA ALA A 347 7.34 62.54 7.62
C ALA A 347 6.34 63.50 8.25
N VAL A 348 6.77 64.15 9.34
CA VAL A 348 6.02 65.23 9.93
C VAL A 348 6.66 66.58 9.66
N ASP A 349 7.98 66.70 9.78
CA ASP A 349 8.70 67.92 9.43
C ASP A 349 9.11 67.82 7.97
N MET A 350 8.42 68.56 7.10
CA MET A 350 8.62 68.45 5.67
C MET A 350 9.88 69.15 5.18
N GLN A 351 10.58 69.87 6.05
CA GLN A 351 11.83 70.53 5.67
C GLN A 351 13.06 69.69 5.93
N THR A 352 13.06 68.88 6.98
CA THR A 352 14.18 68.00 7.29
C THR A 352 13.90 66.53 7.01
N LEU A 353 12.64 66.16 6.76
CA LEU A 353 12.27 64.80 6.35
C LEU A 353 12.70 63.75 7.37
N THR A 354 12.54 64.07 8.65
CA THR A 354 12.85 63.10 9.69
C THR A 354 11.86 61.94 9.62
N PRO A 355 12.33 60.72 9.42
CA PRO A 355 11.39 59.58 9.33
C PRO A 355 10.65 59.36 10.63
N VAL A 356 9.35 59.06 10.51
CA VAL A 356 8.52 58.73 11.66
C VAL A 356 7.74 57.46 11.32
N GLY A 357 7.20 56.84 12.37
CA GLY A 357 6.49 55.58 12.16
C GLY A 357 7.45 54.47 11.78
N ARG A 358 6.94 53.50 11.04
CA ARG A 358 7.73 52.36 10.60
C ARG A 358 7.44 52.08 9.13
N LEU A 359 8.40 51.44 8.47
CA LEU A 359 8.26 50.99 7.09
C LEU A 359 8.24 49.47 7.10
N ILE A 360 7.05 48.89 6.97
CA ILE A 360 6.91 47.44 7.09
C ILE A 360 7.56 46.73 5.91
N THR A 361 7.29 47.20 4.69
CA THR A 361 7.99 46.64 3.54
C THR A 361 9.42 47.15 3.53
N ALA A 362 10.33 46.39 4.14
CA ALA A 362 11.69 46.84 4.32
C ALA A 362 12.45 46.85 3.00
N ASN A 363 13.25 47.90 2.81
CA ASN A 363 14.09 48.06 1.63
C ASN A 363 13.32 47.88 0.32
N PRO A 364 12.37 48.76 0.03
CA PRO A 364 11.63 48.64 -1.25
C PRO A 364 12.54 48.92 -2.43
N VAL A 365 12.49 48.03 -3.42
CA VAL A 365 13.34 48.12 -4.60
C VAL A 365 12.49 47.93 -5.84
N ILE A 366 12.99 48.41 -6.97
CA ILE A 366 12.37 48.17 -8.26
C ILE A 366 13.31 47.29 -9.08
N THR A 367 12.90 46.06 -9.34
CA THR A 367 13.73 45.10 -10.05
C THR A 367 13.64 45.22 -11.56
N GLU A 368 12.47 45.58 -12.09
CA GLU A 368 12.30 45.67 -13.52
C GLU A 368 13.08 46.86 -14.07
N SER A 369 13.86 46.61 -15.13
CA SER A 369 14.59 47.67 -15.81
C SER A 369 13.73 48.44 -16.81
N THR A 370 12.50 47.98 -17.05
CA THR A 370 11.60 48.68 -17.94
C THR A 370 10.92 49.84 -17.23
N GLU A 371 10.35 50.74 -18.02
CA GLU A 371 9.64 51.89 -17.47
C GLU A 371 8.21 51.51 -17.09
N ASN A 372 7.56 52.41 -16.36
CA ASN A 372 6.18 52.26 -15.92
C ASN A 372 5.98 50.97 -15.13
N SER A 373 6.91 50.72 -14.22
CA SER A 373 6.84 49.58 -13.32
C SER A 373 6.05 49.95 -12.06
N LYS A 374 5.23 49.01 -11.60
CA LYS A 374 4.36 49.24 -10.46
C LYS A 374 4.82 48.40 -9.28
N MET A 375 4.65 48.94 -8.07
CA MET A 375 5.12 48.33 -6.84
C MET A 375 4.29 48.85 -5.68
N MET A 376 4.13 48.03 -4.65
CA MET A 376 3.27 48.34 -3.51
C MET A 376 4.07 48.38 -2.21
N LEU A 377 3.64 49.25 -1.30
CA LEU A 377 4.30 49.48 -0.02
C LEU A 377 3.30 49.35 1.12
N GLU A 378 3.84 49.07 2.31
CA GLU A 378 3.08 49.12 3.55
C GLU A 378 3.85 49.96 4.55
N LEU A 379 3.15 50.87 5.21
CA LEU A 379 3.76 51.79 6.17
C LEU A 379 2.96 51.77 7.46
N ASP A 380 3.65 51.95 8.59
CA ASP A 380 3.01 52.03 9.89
C ASP A 380 3.09 53.47 10.39
N PRO A 381 2.05 54.26 10.18
CA PRO A 381 2.14 55.70 10.43
C PRO A 381 2.17 56.01 11.91
N PRO A 382 2.66 57.18 12.29
CA PRO A 382 2.42 57.68 13.64
C PRO A 382 0.98 58.13 13.80
N PHE A 383 0.53 58.14 15.05
CA PHE A 383 -0.82 58.61 15.33
C PHE A 383 -0.91 60.12 15.12
N GLY A 384 -1.99 60.54 14.48
CA GLY A 384 -2.19 61.93 14.15
C GLY A 384 -1.90 62.22 12.69
N ASP A 385 -1.63 63.49 12.41
CA ASP A 385 -1.33 63.92 11.06
C ASP A 385 0.10 63.56 10.67
N SER A 386 0.29 63.25 9.39
CA SER A 386 1.60 62.93 8.83
C SER A 386 1.49 62.97 7.32
N TYR A 387 2.63 62.77 6.65
CA TYR A 387 2.68 62.76 5.20
C TYR A 387 3.37 61.50 4.69
N ILE A 388 2.85 60.97 3.60
CA ILE A 388 3.47 59.85 2.90
C ILE A 388 4.40 60.43 1.85
N VAL A 389 5.69 60.15 1.98
CA VAL A 389 6.71 60.72 1.11
C VAL A 389 7.30 59.59 0.28
N ILE A 390 7.17 59.71 -1.04
CA ILE A 390 7.71 58.74 -1.98
C ILE A 390 8.65 59.48 -2.92
N GLY A 391 9.89 59.01 -3.01
CA GLY A 391 10.90 59.63 -3.83
C GLY A 391 11.66 60.72 -3.09
N VAL A 392 12.67 61.25 -3.77
CA VAL A 392 13.52 62.30 -3.23
C VAL A 392 13.65 63.40 -4.28
N GLY A 393 14.01 64.59 -3.80
CA GLY A 393 14.24 65.71 -4.69
C GLY A 393 12.98 66.50 -4.97
N GLU A 394 13.01 67.22 -6.10
CA GLU A 394 11.85 68.02 -6.50
C GLU A 394 10.68 67.14 -6.90
N LYS A 395 10.97 65.95 -7.43
CA LYS A 395 9.94 65.07 -7.96
C LYS A 395 9.31 64.17 -6.90
N LYS A 396 9.70 64.29 -5.64
CA LYS A 396 9.07 63.50 -4.59
C LYS A 396 7.59 63.85 -4.48
N ILE A 397 6.78 62.86 -4.16
CA ILE A 397 5.34 63.04 -4.09
C ILE A 397 4.88 62.85 -2.65
N THR A 398 3.98 63.73 -2.20
CA THR A 398 3.50 63.73 -0.83
C THR A 398 1.99 63.54 -0.80
N HIS A 399 1.52 62.80 0.20
CA HIS A 399 0.10 62.57 0.39
C HIS A 399 -0.23 62.65 1.87
N HIS A 400 -1.17 63.52 2.22
CA HIS A 400 -1.56 63.72 3.61
C HIS A 400 -2.21 62.46 4.18
N TRP A 401 -1.89 62.15 5.43
CA TRP A 401 -2.45 60.99 6.10
C TRP A 401 -2.75 61.32 7.55
N HIS A 402 -3.81 60.71 8.07
CA HIS A 402 -4.19 60.85 9.48
C HIS A 402 -4.50 59.47 10.04
N ARG A 403 -4.00 59.20 11.25
CA ARG A 403 -4.25 57.94 11.93
C ARG A 403 -4.92 58.22 13.27
N SER A 404 -6.00 57.49 13.55
CA SER A 404 -6.76 57.68 14.78
C SER A 404 -6.19 56.80 15.91
N MET B 1 -9.10 16.48 -14.14
CA MET B 1 -9.42 15.82 -15.40
C MET B 1 -10.69 16.43 -16.00
N ILE B 2 -11.50 17.05 -15.15
CA ILE B 2 -12.78 17.58 -15.59
C ILE B 2 -12.58 18.71 -16.59
N ARG B 3 -11.53 19.52 -16.40
CA ARG B 3 -11.26 20.61 -17.34
C ARG B 3 -10.92 20.07 -18.72
N CYS B 4 -10.08 19.04 -18.78
CA CYS B 4 -9.67 18.50 -20.07
C CYS B 4 -10.84 17.83 -20.81
N ILE B 5 -11.74 17.18 -20.08
CA ILE B 5 -12.88 16.56 -20.74
C ILE B 5 -13.96 17.60 -21.08
N GLY B 6 -13.96 18.75 -20.41
CA GLY B 6 -14.89 19.81 -20.77
C GLY B 6 -14.48 20.66 -21.95
N VAL B 7 -13.24 20.56 -22.40
CA VAL B 7 -12.77 21.36 -23.52
C VAL B 7 -13.30 20.78 -24.82
N SER B 8 -13.91 21.65 -25.64
CA SER B 8 -14.34 21.22 -26.96
C SER B 8 -13.16 20.94 -27.88
N ASN B 9 -12.10 21.72 -27.76
CA ASN B 9 -10.90 21.56 -28.58
C ASN B 9 -9.93 20.57 -27.91
N ARG B 10 -10.29 19.29 -28.01
CA ARG B 10 -9.57 18.22 -27.34
C ARG B 10 -9.11 17.20 -28.38
N ASP B 11 -7.85 16.78 -28.26
CA ASP B 11 -7.27 15.78 -29.15
C ASP B 11 -6.93 14.52 -28.38
N PHE B 12 -7.03 13.38 -29.06
CA PHE B 12 -6.72 12.08 -28.49
C PHE B 12 -5.58 11.46 -29.32
N VAL B 13 -4.53 11.03 -28.64
CA VAL B 13 -3.38 10.41 -29.29
C VAL B 13 -3.14 9.06 -28.64
N GLU B 14 -2.96 8.03 -29.45
CA GLU B 14 -2.64 6.70 -28.96
C GLU B 14 -1.14 6.46 -29.11
N GLY B 15 -0.56 5.79 -28.10
CA GLY B 15 0.87 5.70 -27.93
C GLY B 15 1.67 4.97 -28.98
N MET B 16 1.16 3.83 -29.44
CA MET B 16 1.84 2.90 -30.36
C MET B 16 2.81 2.03 -29.58
N SER B 17 2.90 0.75 -29.95
CA SER B 17 3.59 -0.24 -29.13
C SER B 17 5.08 0.06 -29.03
N GLY B 18 5.66 -0.33 -27.89
CA GLY B 18 7.07 -0.11 -27.63
C GLY B 18 7.37 1.03 -26.69
N GLY B 19 6.35 1.69 -26.15
CA GLY B 19 6.56 2.84 -25.29
C GLY B 19 6.96 4.05 -26.11
N THR B 20 8.18 4.03 -26.64
CA THR B 20 8.69 5.04 -27.57
C THR B 20 8.30 6.45 -27.20
N TRP B 21 7.82 7.21 -28.17
CA TRP B 21 7.43 8.60 -27.97
C TRP B 21 6.19 8.91 -28.81
N VAL B 22 5.51 9.99 -28.45
CA VAL B 22 4.34 10.45 -29.19
C VAL B 22 4.49 11.94 -29.47
N ASP B 23 3.91 12.38 -30.56
CA ASP B 23 3.94 13.78 -30.97
C ASP B 23 2.55 14.38 -30.76
N VAL B 24 2.50 15.55 -30.14
CA VAL B 24 1.25 16.24 -29.85
C VAL B 24 1.36 17.67 -30.36
N VAL B 25 0.22 18.29 -30.61
CA VAL B 25 0.14 19.69 -31.00
C VAL B 25 -0.69 20.40 -29.94
N LEU B 26 -0.11 21.41 -29.31
CA LEU B 26 -0.77 22.15 -28.25
C LEU B 26 -1.17 23.54 -28.72
N GLU B 27 -2.33 23.98 -28.26
CA GLU B 27 -2.82 25.33 -28.51
C GLU B 27 -3.56 25.82 -27.27
N HIS B 28 -3.67 27.14 -27.18
CA HIS B 28 -4.31 27.75 -26.02
C HIS B 28 -5.78 27.37 -25.96
N GLY B 29 -6.25 27.06 -24.76
CA GLY B 29 -7.61 26.62 -24.57
C GLY B 29 -7.89 25.20 -25.01
N GLY B 30 -6.86 24.40 -25.24
CA GLY B 30 -7.03 23.04 -25.67
C GLY B 30 -6.28 22.07 -24.79
N CYS B 31 -6.66 20.81 -24.87
CA CYS B 31 -6.05 19.74 -24.10
C CYS B 31 -5.78 18.56 -25.02
N VAL B 32 -4.71 17.84 -24.73
CA VAL B 32 -4.35 16.63 -25.47
C VAL B 32 -4.33 15.47 -24.49
N THR B 33 -5.09 14.44 -24.79
CA THR B 33 -5.16 13.23 -23.98
C THR B 33 -4.36 12.15 -24.67
N VAL B 34 -3.33 11.66 -24.00
CA VAL B 34 -2.38 10.71 -24.58
C VAL B 34 -2.54 9.37 -23.89
N MET B 35 -2.86 8.33 -24.67
CA MET B 35 -3.00 6.97 -24.17
C MET B 35 -1.89 6.11 -24.75
N ALA B 36 -1.29 5.27 -23.91
CA ALA B 36 -0.22 4.38 -24.34
C ALA B 36 -0.43 3.00 -23.73
N GLN B 37 0.00 1.99 -24.47
CA GLN B 37 -0.16 0.61 -24.03
C GLN B 37 0.65 0.36 -22.76
N ASP B 38 -0.02 -0.20 -21.76
CA ASP B 38 0.59 -0.49 -20.45
C ASP B 38 1.27 0.76 -19.88
N LYS B 39 0.57 1.88 -19.97
CA LYS B 39 1.02 3.15 -19.42
C LYS B 39 -0.19 3.97 -19.02
N PRO B 40 -0.08 4.79 -17.99
CA PRO B 40 -1.20 5.66 -17.61
C PRO B 40 -1.46 6.73 -18.65
N THR B 41 -2.72 7.14 -18.72
CA THR B 41 -3.12 8.21 -19.63
C THR B 41 -2.69 9.56 -19.05
N VAL B 42 -2.17 10.44 -19.92
CA VAL B 42 -1.65 11.72 -19.50
C VAL B 42 -2.33 12.83 -20.27
N ASP B 43 -2.64 13.92 -19.58
CA ASP B 43 -3.24 15.11 -20.17
C ASP B 43 -2.17 16.19 -20.29
N ILE B 44 -2.07 16.77 -21.48
CA ILE B 44 -1.12 17.85 -21.75
C ILE B 44 -1.89 19.10 -22.12
N GLU B 45 -1.55 20.22 -21.49
CA GLU B 45 -2.26 21.47 -21.73
C GLU B 45 -1.27 22.63 -21.76
N LEU B 46 -1.29 23.37 -22.86
CA LEU B 46 -0.57 24.63 -22.96
C LEU B 46 -1.40 25.72 -22.27
N VAL B 47 -0.82 26.34 -21.26
CA VAL B 47 -1.55 27.28 -20.42
C VAL B 47 -1.18 28.72 -20.72
N THR B 48 0.09 28.98 -21.06
CA THR B 48 0.55 30.36 -21.21
C THR B 48 1.70 30.44 -22.20
N THR B 49 1.60 31.40 -23.12
CA THR B 49 2.71 31.80 -23.99
C THR B 49 3.09 33.22 -23.62
N THR B 50 4.37 33.43 -23.31
CA THR B 50 4.83 34.69 -22.75
C THR B 50 6.04 35.22 -23.51
N VAL B 51 6.06 36.54 -23.69
CA VAL B 51 7.19 37.24 -24.31
C VAL B 51 7.78 38.19 -23.29
N SER B 52 9.10 38.28 -23.27
CA SER B 52 9.82 39.07 -22.29
C SER B 52 10.82 40.01 -22.98
N ASN B 53 11.20 41.06 -22.26
CA ASN B 53 12.22 42.02 -22.70
C ASN B 53 11.86 42.61 -24.06
N MET B 54 10.60 42.99 -24.22
CA MET B 54 10.16 43.66 -25.44
C MET B 54 10.71 45.08 -25.46
N ALA B 55 11.46 45.41 -26.51
CA ALA B 55 12.06 46.72 -26.65
C ALA B 55 11.10 47.65 -27.38
N GLU B 56 10.91 48.85 -26.84
CA GLU B 56 10.07 49.84 -27.50
C GLU B 56 10.66 50.22 -28.85
N VAL B 57 9.80 50.29 -29.86
CA VAL B 57 10.22 50.71 -31.18
C VAL B 57 9.70 52.11 -31.52
N ARG B 58 8.44 52.41 -31.25
CA ARG B 58 7.87 53.71 -31.57
C ARG B 58 6.63 53.98 -30.73
N SER B 59 6.49 55.21 -30.24
CA SER B 59 5.33 55.62 -29.46
C SER B 59 4.51 56.61 -30.28
N TYR B 60 3.20 56.41 -30.33
CA TYR B 60 2.29 57.26 -31.07
C TYR B 60 1.38 58.02 -30.11
N CYS B 61 1.15 59.28 -30.41
CA CYS B 61 0.27 60.13 -29.61
C CYS B 61 -1.13 60.13 -30.23
N TYR B 62 -2.13 59.71 -29.46
CA TYR B 62 -3.50 59.73 -29.94
C TYR B 62 -4.36 60.82 -29.31
N GLU B 63 -3.90 61.45 -28.23
CA GLU B 63 -4.54 62.64 -27.70
C GLU B 63 -3.45 63.61 -27.27
N ALA B 64 -3.54 64.85 -27.72
CA ALA B 64 -2.55 65.86 -27.43
C ALA B 64 -3.23 67.16 -27.06
N SER B 65 -2.44 68.12 -26.60
CA SER B 65 -2.94 69.43 -26.21
C SER B 65 -2.01 70.50 -26.75
N ILE B 66 -2.55 71.69 -26.98
CA ILE B 66 -1.80 72.82 -27.50
C ILE B 66 -1.88 73.96 -26.48
N SER B 67 -0.79 74.73 -26.43
CA SER B 67 -0.68 75.84 -25.50
C SER B 67 0.29 76.85 -26.05
N ASP B 68 0.27 78.05 -25.46
CA ASP B 68 1.18 79.14 -25.83
C ASP B 68 1.04 79.50 -27.31
N MET B 69 -0.20 79.79 -27.70
CA MET B 69 -0.48 80.17 -29.08
C MET B 69 -0.05 81.61 -29.31
N ALA B 70 0.81 81.81 -30.31
CA ALA B 70 1.32 83.14 -30.64
C ALA B 70 1.27 83.34 -32.14
N SER B 71 1.09 84.59 -32.55
CA SER B 71 1.00 84.93 -33.97
C SER B 71 1.76 86.22 -34.23
N ASP B 72 2.50 86.25 -35.33
CA ASP B 72 3.17 87.46 -35.80
C ASP B 72 2.72 87.73 -37.23
N SER B 73 2.43 89.00 -37.52
CA SER B 73 1.96 89.41 -38.84
C SER B 73 2.76 90.59 -39.32
N ARG B 74 3.05 90.61 -40.62
CA ARG B 74 3.75 91.71 -41.26
C ARG B 74 2.93 92.21 -42.43
N CYS B 75 2.90 93.54 -42.60
CA CYS B 75 2.22 94.14 -43.73
C CYS B 75 2.94 93.74 -45.03
N PRO B 76 2.24 93.79 -46.16
CA PRO B 76 2.91 93.48 -47.43
C PRO B 76 4.07 94.43 -47.68
N THR B 77 5.16 93.88 -48.23
CA THR B 77 6.42 94.56 -48.45
C THR B 77 7.03 95.13 -47.16
N GLN B 78 6.76 94.49 -46.01
CA GLN B 78 7.33 94.92 -44.74
C GLN B 78 8.10 93.81 -44.06
N GLY B 79 8.55 92.80 -44.79
CA GLY B 79 9.35 91.74 -44.24
C GLY B 79 8.55 90.51 -43.89
N GLU B 80 9.26 89.54 -43.32
CA GLU B 80 8.69 88.25 -42.95
C GLU B 80 8.38 88.23 -41.46
N ALA B 81 7.25 87.64 -41.11
CA ALA B 81 6.88 87.49 -39.71
C ALA B 81 7.84 86.53 -39.00
N TYR B 82 8.05 86.78 -37.72
CA TYR B 82 8.98 85.98 -36.94
C TYR B 82 8.45 85.84 -35.52
N LEU B 83 8.65 84.65 -34.95
CA LEU B 83 8.31 84.38 -33.57
C LEU B 83 9.51 83.75 -32.87
N ASP B 84 9.63 84.00 -31.57
CA ASP B 84 10.72 83.43 -30.80
C ASP B 84 10.61 81.92 -30.68
N LYS B 85 9.41 81.37 -30.82
CA LYS B 85 9.17 79.94 -30.72
C LYS B 85 9.15 79.26 -32.07
N GLN B 86 9.44 79.98 -33.15
CA GLN B 86 9.40 79.43 -34.50
C GLN B 86 10.43 78.33 -34.71
N SER B 87 11.52 78.31 -33.95
CA SER B 87 12.60 77.35 -34.14
C SER B 87 12.56 76.18 -33.16
N ASP B 88 11.84 76.30 -32.05
CA ASP B 88 11.82 75.26 -31.04
C ASP B 88 11.19 73.98 -31.59
N THR B 89 11.79 72.85 -31.25
CA THR B 89 11.31 71.56 -31.75
C THR B 89 10.01 71.12 -31.09
N GLN B 90 9.67 71.68 -29.93
CA GLN B 90 8.43 71.33 -29.25
C GLN B 90 7.26 72.18 -29.71
N TYR B 91 7.47 73.06 -30.68
CA TYR B 91 6.43 73.94 -31.17
C TYR B 91 6.05 73.54 -32.59
N VAL B 92 4.76 73.66 -32.91
CA VAL B 92 4.26 73.43 -34.26
C VAL B 92 3.86 74.78 -34.85
N CYS B 93 4.35 75.07 -36.05
CA CYS B 93 4.22 76.39 -36.64
C CYS B 93 3.74 76.28 -38.07
N LYS B 94 2.97 77.27 -38.50
CA LYS B 94 2.50 77.36 -39.88
C LYS B 94 2.72 78.77 -40.40
N ARG B 95 3.34 78.88 -41.57
CA ARG B 95 3.59 80.15 -42.23
C ARG B 95 2.71 80.24 -43.46
N THR B 96 2.00 81.35 -43.61
CA THR B 96 1.07 81.51 -44.72
C THR B 96 0.98 82.98 -45.09
N LEU B 97 0.20 83.26 -46.13
CA LEU B 97 -0.08 84.61 -46.59
C LEU B 97 -1.55 84.91 -46.43
N VAL B 98 -1.87 86.16 -46.09
CA VAL B 98 -3.25 86.58 -45.87
C VAL B 98 -3.46 87.91 -46.56
N ASP B 99 -4.72 88.18 -46.91
CA ASP B 99 -5.08 89.45 -47.52
C ASP B 99 -4.97 90.58 -46.50
N ARG B 100 -4.27 91.65 -46.88
CA ARG B 100 -4.11 92.82 -46.03
C ARG B 100 -4.55 94.06 -46.80
N GLY B 101 -5.01 95.06 -46.07
CA GLY B 101 -5.50 96.27 -46.69
C GLY B 101 -5.70 97.38 -45.68
N TRP B 102 -6.47 98.39 -46.10
CA TRP B 102 -6.74 99.53 -45.25
C TRP B 102 -7.52 99.16 -44.00
N GLY B 103 -8.43 98.19 -44.10
CA GLY B 103 -9.19 97.75 -42.95
C GLY B 103 -8.44 96.88 -41.97
N ASN B 104 -7.24 96.43 -42.34
CA ASN B 104 -6.43 95.57 -41.49
C ASN B 104 -5.15 96.24 -41.01
N GLY B 105 -5.00 97.55 -41.23
CA GLY B 105 -3.84 98.27 -40.79
C GLY B 105 -2.72 98.41 -41.79
N CYS B 106 -2.97 98.23 -43.07
CA CYS B 106 -1.95 98.30 -44.10
C CYS B 106 -2.31 99.37 -45.12
N GLY B 107 -1.29 100.03 -45.65
CA GLY B 107 -1.44 101.06 -46.68
C GLY B 107 -1.58 100.46 -48.07
N LEU B 108 -1.23 99.20 -48.26
CA LEU B 108 -1.30 98.53 -49.55
C LEU B 108 -2.24 97.34 -49.46
N PHE B 109 -2.91 97.05 -50.56
CA PHE B 109 -3.79 95.89 -50.67
C PHE B 109 -2.98 94.75 -51.26
N GLY B 110 -2.56 93.81 -50.42
CA GLY B 110 -1.76 92.72 -50.89
C GLY B 110 -1.68 91.61 -49.87
N LYS B 111 -0.84 90.62 -50.17
CA LYS B 111 -0.65 89.47 -49.30
C LYS B 111 0.43 89.79 -48.27
N GLY B 112 0.09 89.64 -47.00
CA GLY B 112 1.02 89.85 -45.92
C GLY B 112 1.45 88.53 -45.28
N SER B 113 2.65 88.55 -44.72
CA SER B 113 3.19 87.35 -44.08
C SER B 113 2.53 87.13 -42.73
N LEU B 114 2.25 85.85 -42.45
CA LEU B 114 1.64 85.48 -41.18
C LEU B 114 2.17 84.13 -40.71
N VAL B 115 2.58 84.04 -39.45
CA VAL B 115 3.06 82.80 -38.87
C VAL B 115 2.41 82.64 -37.50
N THR B 116 2.03 81.39 -37.18
CA THR B 116 1.38 81.07 -35.92
C THR B 116 2.03 79.82 -35.35
N CYS B 117 2.28 79.82 -34.05
CA CYS B 117 2.97 78.73 -33.38
C CYS B 117 2.23 78.37 -32.10
N ALA B 118 2.38 77.10 -31.70
CA ALA B 118 1.77 76.61 -30.48
C ALA B 118 2.63 75.49 -29.91
N LYS B 119 2.61 75.37 -28.59
CA LYS B 119 3.39 74.36 -27.89
C LYS B 119 2.64 73.03 -27.95
N PHE B 120 3.35 71.97 -28.36
CA PHE B 120 2.74 70.66 -28.51
C PHE B 120 3.02 69.82 -27.28
N ALA B 121 1.95 69.40 -26.60
CA ALA B 121 2.06 68.54 -25.42
C ALA B 121 1.17 67.32 -25.63
N CYS B 122 1.74 66.14 -25.40
CA CYS B 122 1.04 64.87 -25.57
C CYS B 122 0.62 64.35 -24.21
N SER B 123 -0.68 64.07 -24.06
CA SER B 123 -1.19 63.58 -22.78
C SER B 123 -1.19 62.07 -22.73
N LYS B 124 -1.78 61.42 -23.73
CA LYS B 124 -1.87 59.97 -23.79
C LYS B 124 -1.18 59.46 -25.05
N LYS B 125 -0.44 58.37 -24.91
CA LYS B 125 0.33 57.81 -26.02
C LYS B 125 0.17 56.29 -26.03
N MET B 126 0.34 55.71 -27.22
CA MET B 126 0.39 54.26 -27.37
C MET B 126 1.81 53.84 -27.74
N THR B 127 2.19 52.64 -27.30
CA THR B 127 3.56 52.16 -27.43
C THR B 127 3.59 50.87 -28.23
N GLY B 128 4.50 50.79 -29.19
CA GLY B 128 4.73 49.58 -29.95
C GLY B 128 6.08 48.99 -29.61
N LYS B 129 6.08 47.70 -29.24
CA LYS B 129 7.27 47.02 -28.79
C LYS B 129 7.61 45.87 -29.71
N SER B 130 8.90 45.56 -29.80
CA SER B 130 9.38 44.50 -30.67
C SER B 130 9.38 43.16 -29.95
N ILE B 131 9.25 42.09 -30.72
CA ILE B 131 9.24 40.73 -30.20
C ILE B 131 10.43 39.99 -30.78
N GLN B 132 11.27 39.43 -29.92
CA GLN B 132 12.45 38.69 -30.29
C GLN B 132 12.21 37.19 -30.14
N PRO B 133 12.63 36.39 -31.11
CA PRO B 133 12.36 34.94 -31.05
C PRO B 133 12.93 34.27 -29.81
N GLU B 134 14.08 34.75 -29.33
CA GLU B 134 14.75 34.16 -28.19
C GLU B 134 14.09 34.50 -26.85
N ASN B 135 13.07 35.35 -26.84
CA ASN B 135 12.41 35.76 -25.61
C ASN B 135 11.05 35.11 -25.44
N LEU B 136 10.73 34.12 -26.25
CA LEU B 136 9.48 33.38 -26.10
C LEU B 136 9.63 32.34 -24.99
N GLU B 137 8.57 32.15 -24.22
CA GLU B 137 8.55 31.10 -23.19
C GLU B 137 7.16 30.50 -23.13
N TYR B 138 7.09 29.18 -22.97
CA TYR B 138 5.83 28.45 -22.96
C TYR B 138 5.69 27.69 -21.65
N ARG B 139 4.50 27.70 -21.08
CA ARG B 139 4.19 26.96 -19.88
C ARG B 139 3.20 25.84 -20.21
N ILE B 140 3.53 24.62 -19.79
CA ILE B 140 2.76 23.43 -20.13
C ILE B 140 2.44 22.69 -18.85
N MET B 141 1.19 22.22 -18.75
CA MET B 141 0.73 21.43 -17.62
C MET B 141 0.60 19.97 -18.04
N LEU B 142 1.16 19.07 -17.24
CA LEU B 142 1.10 17.63 -17.47
C LEU B 142 0.41 16.99 -16.27
N SER B 143 -0.62 16.19 -16.53
CA SER B 143 -1.40 15.57 -15.47
C SER B 143 -1.72 14.12 -15.83
N VAL B 144 -1.79 13.29 -14.80
CA VAL B 144 -2.23 11.91 -14.97
C VAL B 144 -3.75 11.89 -15.06
N HIS B 145 -4.28 11.35 -16.15
CA HIS B 145 -5.70 11.41 -16.43
C HIS B 145 -6.41 10.26 -15.71
N GLY B 146 -7.18 10.58 -14.68
CA GLY B 146 -7.91 9.57 -13.95
C GLY B 146 -7.25 9.12 -12.66
N SER B 147 -6.83 10.07 -11.82
CA SER B 147 -6.21 9.77 -10.55
C SER B 147 -7.21 9.69 -9.41
N GLN B 148 -8.49 9.45 -9.72
CA GLN B 148 -9.55 9.24 -8.73
C GLN B 148 -9.89 10.51 -7.96
N HIS B 149 -9.15 11.59 -8.19
CA HIS B 149 -9.40 12.86 -7.52
C HIS B 149 -9.36 14.06 -8.44
N SER B 150 -8.75 13.95 -9.62
CA SER B 150 -8.68 15.09 -10.53
C SER B 150 -10.03 15.46 -11.10
N GLY B 151 -11.03 14.58 -10.98
CA GLY B 151 -12.36 14.88 -11.46
C GLY B 151 -12.99 16.08 -10.79
N MET B 152 -12.73 16.27 -9.50
CA MET B 152 -13.19 17.48 -8.83
C MET B 152 -12.33 18.69 -9.19
N ILE B 153 -11.06 18.45 -9.52
CA ILE B 153 -10.15 19.56 -9.81
C ILE B 153 -10.49 20.14 -11.17
N VAL B 154 -10.73 21.44 -11.22
CA VAL B 154 -11.12 22.10 -12.46
C VAL B 154 -10.17 23.24 -12.84
N ASN B 155 -9.47 23.87 -11.90
CA ASN B 155 -8.63 25.01 -12.22
C ASN B 155 -7.28 24.95 -11.50
N ASP B 156 -6.52 26.02 -11.58
CA ASP B 156 -5.16 26.09 -11.05
C ASP B 156 -5.13 26.74 -9.67
N THR B 157 -5.69 26.06 -8.67
CA THR B 157 -5.67 26.53 -7.29
C THR B 157 -4.77 25.68 -6.41
N GLY B 158 -4.49 24.44 -6.82
CA GLY B 158 -3.72 23.51 -6.01
C GLY B 158 -2.74 22.68 -6.82
N HIS B 159 -2.09 23.32 -7.81
CA HIS B 159 -1.24 22.61 -8.76
C HIS B 159 0.04 22.06 -8.16
N GLU B 160 0.59 22.65 -7.10
CA GLU B 160 1.84 22.14 -6.54
C GLU B 160 1.57 21.02 -5.54
N THR B 161 0.53 21.16 -4.73
CA THR B 161 0.23 20.21 -3.67
C THR B 161 -0.20 18.84 -4.20
N ASP B 162 -0.48 18.72 -5.50
CA ASP B 162 -0.85 17.46 -6.10
C ASP B 162 0.36 16.86 -6.81
N GLU B 163 0.78 15.68 -6.36
CA GLU B 163 1.99 15.07 -6.88
C GLU B 163 1.78 14.39 -8.23
N ASN B 164 0.54 14.23 -8.67
CA ASN B 164 0.25 13.55 -9.92
C ASN B 164 0.19 14.50 -11.12
N ARG B 165 0.54 15.76 -10.94
CA ARG B 165 0.52 16.70 -12.06
C ARG B 165 1.49 17.84 -11.78
N ALA B 166 2.06 18.38 -12.85
CA ALA B 166 3.14 19.35 -12.73
C ALA B 166 3.14 20.29 -13.91
N LYS B 167 3.92 21.36 -13.79
CA LYS B 167 4.02 22.39 -14.81
C LYS B 167 5.48 22.59 -15.19
N VAL B 168 5.73 22.81 -16.49
CA VAL B 168 7.09 23.00 -16.99
C VAL B 168 7.16 24.24 -17.86
N GLU B 169 8.37 24.70 -18.15
CA GLU B 169 8.60 25.89 -18.97
C GLU B 169 9.48 25.53 -20.15
N ILE B 170 9.11 26.00 -21.33
CA ILE B 170 9.82 25.68 -22.57
C ILE B 170 10.24 26.99 -23.23
N THR B 171 11.49 27.05 -23.66
CA THR B 171 12.06 28.17 -24.40
C THR B 171 12.77 27.66 -25.64
N PRO B 172 12.95 28.51 -26.67
CA PRO B 172 13.75 28.10 -27.83
C PRO B 172 15.19 27.74 -27.48
N ASN B 173 15.77 28.37 -26.47
CA ASN B 173 17.11 28.02 -26.01
C ASN B 173 17.14 26.68 -25.28
N SER B 174 16.15 26.40 -24.45
CA SER B 174 16.05 25.15 -23.70
C SER B 174 14.68 24.55 -23.96
N PRO B 175 14.47 23.92 -25.13
CA PRO B 175 13.17 23.36 -25.47
C PRO B 175 12.82 22.06 -24.79
N ARG B 176 13.72 21.51 -23.97
CA ARG B 176 13.50 20.23 -23.30
C ARG B 176 13.21 20.46 -21.82
N ALA B 177 12.40 19.57 -21.26
CA ALA B 177 12.07 19.63 -19.85
C ALA B 177 11.66 18.25 -19.37
N GLU B 178 11.75 18.04 -18.05
CA GLU B 178 11.36 16.80 -17.41
C GLU B 178 10.40 17.11 -16.28
N ALA B 179 9.33 16.33 -16.18
CA ALA B 179 8.34 16.46 -15.12
C ALA B 179 8.18 15.11 -14.43
N THR B 180 8.25 15.11 -13.11
CA THR B 180 8.07 13.89 -12.33
C THR B 180 6.63 13.82 -11.85
N LEU B 181 5.88 12.84 -12.34
CA LEU B 181 4.47 12.73 -12.02
C LEU B 181 4.23 11.72 -10.90
N GLY B 182 4.76 11.99 -9.72
CA GLY B 182 4.50 11.15 -8.56
C GLY B 182 4.99 9.72 -8.77
N GLY B 183 4.12 8.78 -8.41
CA GLY B 183 4.42 7.37 -8.51
C GLY B 183 4.23 6.76 -9.89
N PHE B 184 3.85 7.58 -10.87
CA PHE B 184 3.68 7.11 -12.24
C PHE B 184 4.95 7.21 -13.07
N GLY B 185 6.04 7.72 -12.50
CA GLY B 185 7.26 7.92 -13.25
C GLY B 185 7.49 9.36 -13.64
N SER B 186 8.09 9.59 -14.81
CA SER B 186 8.39 10.93 -15.28
C SER B 186 8.13 11.01 -16.78
N LEU B 187 8.10 12.24 -17.28
CA LEU B 187 7.89 12.53 -18.70
C LEU B 187 8.93 13.51 -19.21
N GLY B 188 9.27 13.37 -20.49
CA GLY B 188 10.16 14.29 -21.17
C GLY B 188 9.39 15.04 -22.25
N LEU B 189 9.72 16.33 -22.37
CA LEU B 189 9.06 17.21 -23.34
C LEU B 189 10.13 17.83 -24.22
N ASP B 190 9.89 17.84 -25.53
CA ASP B 190 10.73 18.53 -26.49
C ASP B 190 9.82 19.30 -27.43
N CYS B 191 9.71 20.60 -27.21
CA CYS B 191 8.68 21.42 -27.86
C CYS B 191 9.33 22.51 -28.70
N GLU B 192 8.77 22.72 -29.89
CA GLU B 192 9.16 23.82 -30.77
C GLU B 192 7.93 24.45 -31.38
N PRO B 193 8.00 25.73 -31.73
CA PRO B 193 6.83 26.40 -32.32
C PRO B 193 6.47 25.81 -33.68
N ARG B 194 5.17 25.84 -33.99
CA ARG B 194 4.69 25.42 -35.29
C ARG B 194 4.72 26.59 -36.26
N THR B 195 5.09 26.30 -37.50
CA THR B 195 5.13 27.34 -38.52
C THR B 195 3.72 27.83 -38.83
N GLY B 196 3.63 29.11 -39.19
CA GLY B 196 2.35 29.70 -39.52
C GLY B 196 2.10 31.02 -38.83
N LEU B 197 2.64 31.18 -37.62
CA LEU B 197 2.46 32.39 -36.83
C LEU B 197 3.78 32.69 -36.11
N ASP B 198 4.61 33.52 -36.73
CA ASP B 198 5.87 33.95 -36.12
C ASP B 198 5.63 35.31 -35.47
N PHE B 199 5.88 35.39 -34.16
CA PHE B 199 5.67 36.62 -33.43
C PHE B 199 6.80 37.62 -33.61
N SER B 200 7.94 37.20 -34.15
CA SER B 200 9.02 38.14 -34.44
C SER B 200 8.65 39.07 -35.59
N ASP B 201 7.60 38.77 -36.33
CA ASP B 201 7.13 39.59 -37.44
C ASP B 201 5.97 40.50 -37.05
N LEU B 202 5.64 40.58 -35.76
CA LEU B 202 4.52 41.37 -35.27
C LEU B 202 5.02 42.30 -34.17
N TYR B 203 4.48 43.51 -34.12
CA TYR B 203 4.76 44.41 -33.02
C TYR B 203 3.75 44.22 -31.89
N TYR B 204 4.18 44.52 -30.67
CA TYR B 204 3.30 44.46 -29.51
C TYR B 204 2.85 45.87 -29.17
N LEU B 205 1.55 46.13 -29.31
CA LEU B 205 1.00 47.47 -29.19
C LEU B 205 0.21 47.57 -27.89
N THR B 206 0.47 48.64 -27.13
CA THR B 206 -0.25 48.92 -25.89
C THR B 206 -0.93 50.27 -26.00
N MET B 207 -2.22 50.32 -25.67
CA MET B 207 -2.98 51.56 -25.70
C MET B 207 -3.98 51.54 -24.56
N ASN B 208 -3.69 52.29 -23.50
CA ASN B 208 -4.57 52.45 -22.35
C ASN B 208 -4.92 51.08 -21.74
N ASN B 209 -3.88 50.37 -21.30
CA ASN B 209 -3.99 49.11 -20.59
C ASN B 209 -4.67 48.02 -21.41
N LYS B 210 -4.72 48.19 -22.73
CA LYS B 210 -5.23 47.17 -23.63
C LYS B 210 -4.19 46.93 -24.72
N HIS B 211 -4.09 45.68 -25.18
CA HIS B 211 -2.93 45.24 -25.93
C HIS B 211 -3.34 44.43 -27.15
N TRP B 212 -2.45 44.40 -28.14
CA TRP B 212 -2.67 43.70 -29.40
C TRP B 212 -1.34 43.28 -30.01
N LEU B 213 -1.41 42.41 -31.00
CA LEU B 213 -0.30 42.09 -31.88
C LEU B 213 -0.64 42.59 -33.28
N VAL B 214 0.22 43.44 -33.84
CA VAL B 214 -0.06 44.11 -35.10
C VAL B 214 1.09 43.93 -36.06
N HIS B 215 0.81 44.14 -37.35
CA HIS B 215 1.81 44.03 -38.38
C HIS B 215 2.73 45.25 -38.39
N LYS B 216 3.96 45.04 -38.84
CA LYS B 216 4.99 46.07 -38.72
C LYS B 216 4.72 47.23 -39.67
N GLU B 217 4.44 46.94 -40.94
CA GLU B 217 4.24 48.01 -41.93
C GLU B 217 3.02 48.84 -41.61
N TRP B 218 1.94 48.19 -41.13
CA TRP B 218 0.78 48.94 -40.69
C TRP B 218 1.10 49.87 -39.54
N PHE B 219 1.87 49.40 -38.58
CA PHE B 219 2.25 50.22 -37.44
C PHE B 219 3.12 51.41 -37.86
N HIS B 220 4.04 51.20 -38.80
CA HIS B 220 4.90 52.28 -39.25
C HIS B 220 4.12 53.33 -40.06
N ASP B 221 2.93 52.98 -40.52
CA ASP B 221 2.13 53.86 -41.36
C ASP B 221 1.01 54.56 -40.62
N ILE B 222 1.01 54.53 -39.29
CA ILE B 222 -0.05 55.18 -38.51
C ILE B 222 0.07 56.69 -38.67
N PRO B 223 -1.01 57.39 -39.05
CA PRO B 223 -0.96 58.85 -39.22
C PRO B 223 -1.18 59.60 -37.91
N LEU B 224 -0.20 59.47 -37.02
CA LEU B 224 -0.26 60.11 -35.71
C LEU B 224 1.13 60.62 -35.37
N PRO B 225 1.24 61.63 -34.51
CA PRO B 225 2.57 62.07 -34.06
C PRO B 225 3.29 60.94 -33.35
N TRP B 226 4.60 60.89 -33.53
CA TRP B 226 5.39 59.78 -33.02
C TRP B 226 6.81 60.22 -32.70
N HIS B 227 7.45 59.48 -31.79
CA HIS B 227 8.86 59.60 -31.50
C HIS B 227 9.49 58.21 -31.46
N ALA B 228 10.73 58.12 -31.90
CA ALA B 228 11.36 56.83 -32.13
C ALA B 228 11.95 56.27 -30.85
N GLY B 229 11.91 54.94 -30.75
CA GLY B 229 12.57 54.19 -29.70
C GLY B 229 12.23 54.62 -28.29
N ALA B 230 13.24 54.64 -27.42
CA ALA B 230 13.07 55.02 -26.03
C ALA B 230 13.10 56.54 -25.87
N ASP B 231 12.69 56.99 -24.69
CA ASP B 231 12.62 58.41 -24.37
C ASP B 231 13.74 58.75 -23.41
N THR B 232 14.76 59.46 -23.90
CA THR B 232 15.88 59.90 -23.07
C THR B 232 15.53 61.11 -22.22
N GLY B 233 14.26 61.51 -22.15
CA GLY B 233 13.86 62.68 -21.41
C GLY B 233 13.63 63.91 -22.27
N THR B 234 13.93 63.85 -23.56
CA THR B 234 13.73 64.96 -24.50
C THR B 234 12.95 64.41 -25.69
N PRO B 235 11.65 64.15 -25.51
CA PRO B 235 10.87 63.52 -26.59
C PRO B 235 10.48 64.54 -27.65
N HIS B 236 11.04 64.39 -28.84
CA HIS B 236 10.69 65.23 -29.99
C HIS B 236 9.63 64.50 -30.80
N TRP B 237 8.44 65.09 -30.88
CA TRP B 237 7.35 64.48 -31.61
C TRP B 237 7.40 64.89 -33.08
N ASN B 238 7.41 63.89 -33.96
CA ASN B 238 7.41 64.12 -35.40
C ASN B 238 5.97 64.10 -35.90
N ASN B 239 5.68 64.91 -36.92
CA ASN B 239 4.36 64.99 -37.51
C ASN B 239 3.32 65.40 -36.49
N LYS B 240 3.54 66.56 -35.85
CA LYS B 240 2.54 67.09 -34.92
C LYS B 240 1.27 67.52 -35.65
N GLU B 241 1.37 67.77 -36.95
CA GLU B 241 0.22 68.22 -37.73
C GLU B 241 -0.85 67.16 -37.88
N ALA B 242 -0.54 65.90 -37.56
CA ALA B 242 -1.55 64.85 -37.64
C ALA B 242 -2.67 65.06 -36.64
N LEU B 243 -2.39 65.79 -35.55
CA LEU B 243 -3.39 66.09 -34.54
C LEU B 243 -3.69 67.57 -34.39
N VAL B 244 -2.83 68.45 -34.92
CA VAL B 244 -3.00 69.89 -34.78
C VAL B 244 -3.28 70.47 -36.16
N GLU B 245 -4.37 71.21 -36.28
CA GLU B 245 -4.79 71.82 -37.53
C GLU B 245 -4.88 73.33 -37.36
N PHE B 246 -4.54 74.06 -38.42
CA PHE B 246 -4.63 75.51 -38.44
C PHE B 246 -5.81 75.90 -39.31
N LYS B 247 -6.79 76.57 -38.72
CA LYS B 247 -8.00 76.94 -39.44
C LYS B 247 -7.77 78.19 -40.27
N ASP B 248 -8.87 78.78 -40.77
CA ASP B 248 -8.79 79.94 -41.63
C ASP B 248 -8.00 81.09 -41.01
N ALA B 249 -7.09 81.66 -41.78
CA ALA B 249 -6.17 82.66 -41.27
C ALA B 249 -6.72 84.06 -41.53
N HIS B 250 -6.73 84.88 -40.49
CA HIS B 250 -7.16 86.26 -40.60
C HIS B 250 -5.95 87.16 -40.90
N ALA B 251 -6.17 88.47 -40.81
CA ALA B 251 -5.12 89.41 -41.16
C ALA B 251 -3.92 89.28 -40.23
N LYS B 252 -4.16 89.14 -38.94
CA LYS B 252 -3.09 89.15 -37.95
C LYS B 252 -3.03 87.89 -37.11
N ARG B 253 -4.08 87.06 -37.12
CA ARG B 253 -4.17 85.92 -36.22
C ARG B 253 -4.69 84.72 -36.98
N GLN B 254 -4.27 83.53 -36.55
CA GLN B 254 -4.69 82.27 -37.15
C GLN B 254 -5.09 81.31 -36.05
N THR B 255 -6.21 80.62 -36.25
CA THR B 255 -6.78 79.75 -35.23
C THR B 255 -6.09 78.39 -35.25
N VAL B 256 -5.75 77.90 -34.06
CA VAL B 256 -5.11 76.60 -33.91
C VAL B 256 -6.03 75.71 -33.08
N VAL B 257 -6.40 74.56 -33.65
CA VAL B 257 -7.29 73.61 -32.99
C VAL B 257 -6.67 72.22 -33.07
N VAL B 258 -6.68 71.52 -31.94
CA VAL B 258 -6.13 70.17 -31.87
C VAL B 258 -7.28 69.18 -32.00
N LEU B 259 -7.04 68.10 -32.75
CA LEU B 259 -8.04 67.06 -32.86
C LEU B 259 -8.25 66.37 -31.51
N GLY B 260 -9.43 65.80 -31.34
CA GLY B 260 -9.77 65.10 -30.12
C GLY B 260 -9.03 63.78 -30.02
N SER B 261 -9.34 63.05 -28.95
CA SER B 261 -8.73 61.75 -28.73
C SER B 261 -9.06 60.83 -29.89
N GLN B 262 -8.03 60.16 -30.42
CA GLN B 262 -8.18 59.24 -31.53
C GLN B 262 -8.23 57.78 -31.07
N GLU B 263 -8.50 57.55 -29.79
CA GLU B 263 -8.52 56.20 -29.25
C GLU B 263 -9.61 55.36 -29.91
N GLY B 264 -10.78 55.94 -30.14
CA GLY B 264 -11.86 55.19 -30.76
C GLY B 264 -11.53 54.74 -32.18
N ALA B 265 -10.86 55.62 -32.94
CA ALA B 265 -10.47 55.26 -34.30
C ALA B 265 -9.49 54.10 -34.32
N VAL B 266 -8.52 54.11 -33.39
CA VAL B 266 -7.56 53.01 -33.30
C VAL B 266 -8.25 51.73 -32.85
N HIS B 267 -9.23 51.86 -31.94
CA HIS B 267 -10.03 50.69 -31.57
C HIS B 267 -10.76 50.11 -32.76
N THR B 268 -11.36 50.97 -33.59
CA THR B 268 -12.08 50.51 -34.77
C THR B 268 -11.14 49.87 -35.80
N ALA B 269 -9.93 50.41 -35.96
CA ALA B 269 -9.00 49.86 -36.94
C ALA B 269 -8.42 48.51 -36.51
N LEU B 270 -8.57 48.16 -35.24
CA LEU B 270 -7.94 46.95 -34.71
C LEU B 270 -8.96 45.85 -34.42
N ALA B 271 -10.06 45.83 -35.17
CA ALA B 271 -11.11 44.84 -34.94
C ALA B 271 -10.58 43.42 -35.15
N GLY B 272 -9.82 43.21 -36.23
CA GLY B 272 -9.30 41.90 -36.54
C GLY B 272 -7.98 41.58 -35.89
N ALA B 273 -7.48 42.49 -35.07
CA ALA B 273 -6.17 42.32 -34.44
C ALA B 273 -6.23 41.24 -33.36
N LEU B 274 -5.08 40.61 -33.13
CA LEU B 274 -4.94 39.55 -32.13
C LEU B 274 -4.80 40.19 -30.76
N GLU B 275 -5.81 40.01 -29.91
CA GLU B 275 -5.79 40.61 -28.60
C GLU B 275 -4.77 39.91 -27.70
N ALA B 276 -4.27 40.67 -26.72
CA ALA B 276 -3.24 40.16 -25.82
C ALA B 276 -3.46 40.77 -24.44
N GLU B 277 -2.63 40.34 -23.49
CA GLU B 277 -2.69 40.81 -22.12
C GLU B 277 -1.26 40.96 -21.61
N MET B 278 -1.09 41.73 -20.53
CA MET B 278 0.23 42.10 -20.05
C MET B 278 0.37 41.61 -18.61
N ASP B 279 1.33 40.71 -18.37
CA ASP B 279 1.60 40.24 -17.02
C ASP B 279 2.77 41.00 -16.41
N GLY B 280 2.54 42.29 -16.21
CA GLY B 280 3.55 43.14 -15.63
C GLY B 280 4.58 43.58 -16.64
N ALA B 281 5.78 42.99 -16.58
CA ALA B 281 6.84 43.28 -17.53
C ALA B 281 6.88 42.31 -18.70
N LYS B 282 5.97 41.34 -18.75
CA LYS B 282 5.93 40.35 -19.82
C LYS B 282 4.53 40.28 -20.41
N GLY B 283 4.47 40.07 -21.72
CA GLY B 283 3.20 39.98 -22.41
C GLY B 283 2.73 38.55 -22.57
N ARG B 284 1.42 38.36 -22.46
CA ARG B 284 0.80 37.05 -22.61
C ARG B 284 0.16 36.94 -23.99
N LEU B 285 0.52 35.90 -24.73
CA LEU B 285 -0.11 35.59 -26.00
C LEU B 285 -1.03 34.39 -25.84
N SER B 286 -2.18 34.44 -26.52
CA SER B 286 -3.18 33.39 -26.42
C SER B 286 -3.55 32.83 -27.78
N SER B 287 -2.60 32.84 -28.72
CA SER B 287 -2.85 32.33 -30.07
C SER B 287 -1.53 31.79 -30.61
N GLY B 288 -1.42 30.46 -30.63
CA GLY B 288 -0.24 29.83 -31.18
C GLY B 288 -0.34 28.32 -31.06
N HIS B 289 0.39 27.64 -31.91
CA HIS B 289 0.45 26.18 -31.92
C HIS B 289 1.87 25.74 -31.58
N LEU B 290 1.97 24.78 -30.68
CA LEU B 290 3.26 24.26 -30.24
C LEU B 290 3.36 22.77 -30.57
N LYS B 291 4.47 22.40 -31.21
CA LYS B 291 4.74 21.02 -31.57
C LYS B 291 5.62 20.40 -30.49
N CYS B 292 5.16 19.32 -29.89
CA CYS B 292 5.85 18.71 -28.76
C CYS B 292 6.04 17.22 -29.00
N ARG B 293 7.12 16.68 -28.47
CA ARG B 293 7.40 15.25 -28.48
C ARG B 293 7.50 14.75 -27.05
N LEU B 294 6.64 13.79 -26.70
CA LEU B 294 6.60 13.24 -25.35
C LEU B 294 7.40 11.95 -25.29
N LYS B 295 8.41 11.92 -24.42
CA LYS B 295 9.13 10.70 -24.12
C LYS B 295 8.52 10.04 -22.89
N MET B 296 7.98 8.83 -23.06
CA MET B 296 7.23 8.18 -22.00
C MET B 296 7.86 6.86 -21.60
N ASP B 297 9.12 6.62 -21.96
CA ASP B 297 9.77 5.37 -21.56
C ASP B 297 9.89 5.26 -20.05
N LYS B 298 10.01 6.37 -19.33
CA LYS B 298 10.07 6.38 -17.88
C LYS B 298 8.71 6.57 -17.25
N LEU B 299 7.63 6.37 -17.99
CA LEU B 299 6.28 6.38 -17.45
C LEU B 299 5.89 4.96 -17.07
N ARG B 300 5.37 4.80 -15.86
CA ARG B 300 4.99 3.49 -15.37
C ARG B 300 3.61 3.55 -14.72
N LEU B 301 3.03 2.37 -14.51
CA LEU B 301 1.72 2.29 -13.88
C LEU B 301 1.86 2.21 -12.37
N LYS B 302 0.71 2.19 -11.70
CA LYS B 302 0.64 1.92 -10.27
C LYS B 302 -0.36 0.79 -10.07
N GLY B 303 0.04 -0.23 -9.30
CA GLY B 303 -0.90 -1.27 -8.93
C GLY B 303 -0.71 -2.60 -9.62
N VAL B 304 0.38 -2.77 -10.36
CA VAL B 304 0.67 -4.07 -10.98
C VAL B 304 0.86 -5.16 -9.94
N SER B 305 1.16 -4.78 -8.69
CA SER B 305 1.27 -5.73 -7.59
C SER B 305 -0.01 -5.86 -6.80
N TYR B 306 -1.08 -5.18 -7.22
CA TYR B 306 -2.35 -5.22 -6.53
C TYR B 306 -3.27 -6.24 -7.20
N SER B 307 -4.22 -6.75 -6.43
CA SER B 307 -5.28 -7.59 -6.94
C SER B 307 -6.46 -6.75 -7.40
N LEU B 308 -7.37 -7.37 -8.12
CA LEU B 308 -8.57 -6.69 -8.58
C LEU B 308 -9.52 -6.43 -7.42
N CYS B 309 -10.21 -5.30 -7.46
CA CYS B 309 -11.21 -5.01 -6.45
C CYS B 309 -12.34 -6.02 -6.52
N THR B 310 -12.62 -6.68 -5.40
CA THR B 310 -13.58 -7.79 -5.37
C THR B 310 -14.94 -7.40 -4.86
N ALA B 311 -15.08 -6.28 -4.15
CA ALA B 311 -16.37 -5.88 -3.61
C ALA B 311 -17.22 -5.23 -4.68
N ALA B 312 -18.35 -4.66 -4.27
CA ALA B 312 -19.36 -4.16 -5.19
C ALA B 312 -19.22 -2.66 -5.37
N PHE B 313 -19.32 -2.21 -6.61
CA PHE B 313 -19.35 -0.79 -6.93
C PHE B 313 -20.79 -0.31 -7.04
N THR B 314 -20.96 1.01 -7.06
CA THR B 314 -22.26 1.64 -7.29
C THR B 314 -22.08 2.85 -8.20
N PHE B 315 -23.12 3.19 -8.94
CA PHE B 315 -23.13 4.43 -9.71
C PHE B 315 -23.66 5.55 -8.83
N THR B 316 -22.85 6.58 -8.62
CA THR B 316 -23.29 7.74 -7.86
C THR B 316 -23.88 8.81 -8.75
N LYS B 317 -23.50 8.85 -10.02
CA LYS B 317 -23.98 9.82 -10.97
C LYS B 317 -24.29 9.12 -12.29
N ILE B 318 -25.33 9.57 -12.97
CA ILE B 318 -25.70 8.96 -14.25
C ILE B 318 -24.59 9.21 -15.26
N PRO B 319 -24.20 8.21 -16.05
CA PRO B 319 -23.17 8.44 -17.09
C PRO B 319 -23.61 9.48 -18.11
N ALA B 320 -22.69 10.32 -18.54
CA ALA B 320 -22.98 11.39 -19.48
C ALA B 320 -22.01 11.33 -20.66
N GLU B 321 -22.53 11.64 -21.84
CA GLU B 321 -21.71 11.67 -23.04
C GLU B 321 -21.06 13.05 -23.19
N THR B 322 -19.75 13.04 -23.41
CA THR B 322 -19.00 14.26 -23.62
C THR B 322 -19.22 14.78 -25.03
N LEU B 323 -18.60 15.91 -25.33
CA LEU B 323 -18.73 16.51 -26.66
C LEU B 323 -18.04 15.68 -27.75
N HIS B 324 -17.17 14.73 -27.37
CA HIS B 324 -16.44 13.92 -28.33
C HIS B 324 -16.94 12.48 -28.37
N GLY B 325 -18.07 12.19 -27.75
CA GLY B 325 -18.66 10.87 -27.80
C GLY B 325 -18.19 9.90 -26.74
N THR B 326 -17.29 10.31 -25.85
CA THR B 326 -16.87 9.46 -24.75
C THR B 326 -17.90 9.52 -23.63
N VAL B 327 -17.76 8.62 -22.65
CA VAL B 327 -18.68 8.53 -21.53
C VAL B 327 -17.89 8.72 -20.24
N THR B 328 -18.42 9.56 -19.35
CA THR B 328 -17.83 9.77 -18.03
C THR B 328 -18.71 9.12 -17.00
N VAL B 329 -18.08 8.35 -16.10
CA VAL B 329 -18.80 7.57 -15.11
C VAL B 329 -18.18 7.83 -13.74
N GLU B 330 -19.02 8.07 -12.74
CA GLU B 330 -18.58 8.18 -11.35
C GLU B 330 -19.05 6.95 -10.59
N VAL B 331 -18.11 6.25 -9.96
CA VAL B 331 -18.40 5.02 -9.24
C VAL B 331 -17.93 5.15 -7.80
N GLN B 332 -18.50 4.32 -6.94
CA GLN B 332 -18.16 4.30 -5.53
C GLN B 332 -17.93 2.86 -5.11
N TYR B 333 -16.83 2.63 -4.40
CA TYR B 333 -16.39 1.30 -4.02
C TYR B 333 -16.70 1.04 -2.55
N ALA B 334 -17.36 -0.07 -2.27
CA ALA B 334 -17.84 -0.39 -0.93
C ALA B 334 -16.96 -1.44 -0.24
N GLY B 335 -15.70 -1.57 -0.67
CA GLY B 335 -14.80 -2.54 -0.11
C GLY B 335 -13.64 -1.89 0.62
N THR B 336 -12.97 -2.68 1.46
CA THR B 336 -11.82 -2.23 2.22
C THR B 336 -10.56 -3.00 1.90
N ASP B 337 -10.54 -3.78 0.82
CA ASP B 337 -9.41 -4.64 0.53
C ASP B 337 -8.22 -3.83 0.03
N GLY B 338 -7.67 -2.98 0.91
CA GLY B 338 -6.50 -2.17 0.61
C GLY B 338 -6.62 -1.45 -0.71
N PRO B 339 -5.48 -1.25 -1.38
CA PRO B 339 -5.51 -0.73 -2.74
C PRO B 339 -5.67 -1.85 -3.75
N CYS B 340 -6.52 -1.61 -4.74
CA CYS B 340 -6.85 -2.65 -5.71
C CYS B 340 -7.12 -2.01 -7.07
N LYS B 341 -6.98 -2.83 -8.11
CA LYS B 341 -7.27 -2.40 -9.47
C LYS B 341 -8.77 -2.47 -9.75
N VAL B 342 -9.30 -1.44 -10.39
CA VAL B 342 -10.73 -1.37 -10.69
C VAL B 342 -11.00 -2.01 -12.05
N PRO B 343 -11.80 -3.07 -12.11
CA PRO B 343 -12.17 -3.64 -13.41
C PRO B 343 -13.18 -2.77 -14.13
N ALA B 344 -12.76 -2.16 -15.23
CA ALA B 344 -13.63 -1.28 -16.01
C ALA B 344 -13.42 -1.57 -17.48
N GLN B 345 -14.51 -1.68 -18.23
CA GLN B 345 -14.44 -2.00 -19.65
C GLN B 345 -15.81 -1.70 -20.27
N MET B 346 -15.87 -1.84 -21.60
CA MET B 346 -17.11 -1.83 -22.35
C MET B 346 -17.29 -3.21 -22.97
N ALA B 347 -18.50 -3.73 -22.93
CA ALA B 347 -18.77 -5.07 -23.41
C ALA B 347 -20.05 -5.10 -24.23
N VAL B 348 -20.06 -5.94 -25.26
CA VAL B 348 -21.24 -6.19 -26.06
C VAL B 348 -21.69 -7.63 -25.81
N ASP B 349 -20.72 -8.53 -25.70
CA ASP B 349 -20.98 -9.93 -25.37
C ASP B 349 -20.93 -10.04 -23.84
N MET B 350 -22.10 -10.17 -23.22
CA MET B 350 -22.23 -10.00 -21.79
C MET B 350 -21.84 -11.24 -20.99
N GLN B 351 -21.55 -12.35 -21.66
CA GLN B 351 -21.11 -13.56 -20.97
C GLN B 351 -19.59 -13.68 -20.89
N THR B 352 -18.90 -13.62 -22.02
CA THR B 352 -17.44 -13.64 -22.03
C THR B 352 -16.83 -12.29 -21.71
N LEU B 353 -17.61 -11.21 -21.73
CA LEU B 353 -17.14 -9.87 -21.38
C LEU B 353 -15.93 -9.47 -22.21
N THR B 354 -15.97 -9.76 -23.50
CA THR B 354 -14.89 -9.39 -24.39
C THR B 354 -14.81 -7.87 -24.48
N PRO B 355 -13.67 -7.26 -24.17
CA PRO B 355 -13.59 -5.79 -24.15
C PRO B 355 -13.79 -5.21 -25.55
N VAL B 356 -14.57 -4.14 -25.62
CA VAL B 356 -14.74 -3.36 -26.84
C VAL B 356 -14.57 -1.89 -26.49
N GLY B 357 -14.28 -1.09 -27.52
CA GLY B 357 -14.01 0.31 -27.27
C GLY B 357 -12.68 0.49 -26.55
N ARG B 358 -12.57 1.58 -25.80
CA ARG B 358 -11.34 1.90 -25.11
C ARG B 358 -11.66 2.45 -23.72
N LEU B 359 -10.70 2.28 -22.82
CA LEU B 359 -10.74 2.87 -21.48
C LEU B 359 -9.73 4.00 -21.46
N ILE B 360 -10.23 5.24 -21.51
CA ILE B 360 -9.33 6.39 -21.53
C ILE B 360 -8.64 6.57 -20.19
N THR B 361 -9.40 6.47 -19.09
CA THR B 361 -8.79 6.50 -17.78
C THR B 361 -8.08 5.17 -17.54
N ALA B 362 -6.89 5.01 -18.10
CA ALA B 362 -6.19 3.74 -18.07
C ALA B 362 -5.77 3.39 -16.65
N ASN B 363 -5.90 2.10 -16.33
CA ASN B 363 -5.47 1.50 -15.08
C ASN B 363 -6.03 2.27 -13.89
N PRO B 364 -7.34 2.20 -13.63
CA PRO B 364 -7.89 2.84 -12.44
C PRO B 364 -7.52 2.07 -11.19
N VAL B 365 -7.12 2.80 -10.14
CA VAL B 365 -6.67 2.20 -8.89
C VAL B 365 -7.36 2.92 -7.74
N ILE B 366 -7.93 2.16 -6.82
CA ILE B 366 -8.44 2.70 -5.57
C ILE B 366 -7.26 2.82 -4.61
N THR B 367 -6.77 4.04 -4.41
CA THR B 367 -5.64 4.23 -3.52
C THR B 367 -6.05 4.09 -2.05
N GLU B 368 -7.20 4.65 -1.68
CA GLU B 368 -7.64 4.61 -0.29
C GLU B 368 -8.02 3.19 0.11
N SER B 369 -7.74 2.85 1.36
CA SER B 369 -8.12 1.56 1.93
C SER B 369 -9.44 1.63 2.69
N THR B 370 -10.10 2.78 2.66
CA THR B 370 -11.39 2.96 3.32
C THR B 370 -12.52 2.63 2.36
N GLU B 371 -13.71 2.47 2.93
CA GLU B 371 -14.91 2.13 2.17
C GLU B 371 -15.58 3.39 1.62
N ASN B 372 -16.52 3.16 0.71
CA ASN B 372 -17.32 4.24 0.11
C ASN B 372 -16.43 5.27 -0.57
N SER B 373 -15.37 4.79 -1.23
CA SER B 373 -14.46 5.67 -1.95
C SER B 373 -14.99 5.95 -3.36
N LYS B 374 -14.93 7.21 -3.77
CA LYS B 374 -15.45 7.66 -5.06
C LYS B 374 -14.32 7.75 -6.08
N MET B 375 -14.69 7.59 -7.35
CA MET B 375 -13.70 7.66 -8.43
C MET B 375 -14.42 7.97 -9.74
N MET B 376 -13.76 8.72 -10.61
CA MET B 376 -14.29 9.09 -11.91
C MET B 376 -13.57 8.34 -13.01
N LEU B 377 -14.32 7.89 -14.01
CA LEU B 377 -13.77 7.13 -15.12
C LEU B 377 -14.27 7.70 -16.44
N GLU B 378 -13.46 7.52 -17.48
CA GLU B 378 -13.82 7.89 -18.84
C GLU B 378 -13.55 6.71 -19.76
N LEU B 379 -14.48 6.43 -20.65
CA LEU B 379 -14.37 5.30 -21.58
C LEU B 379 -14.69 5.78 -22.98
N ASP B 380 -14.06 5.16 -23.97
CA ASP B 380 -14.34 5.45 -25.37
C ASP B 380 -15.21 4.34 -25.95
N PRO B 381 -16.53 4.52 -25.95
CA PRO B 381 -17.43 3.42 -26.30
C PRO B 381 -17.41 3.15 -27.79
N PRO B 382 -17.77 1.93 -28.20
CA PRO B 382 -17.99 1.65 -29.62
C PRO B 382 -19.30 2.24 -30.10
N PHE B 383 -19.39 2.40 -31.42
CA PHE B 383 -20.60 2.94 -32.02
C PHE B 383 -21.72 1.91 -31.93
N GLY B 384 -22.90 2.38 -31.51
CA GLY B 384 -24.03 1.49 -31.35
C GLY B 384 -24.31 1.18 -29.89
N ASP B 385 -24.91 0.02 -29.63
CA ASP B 385 -25.29 -0.36 -28.27
C ASP B 385 -24.17 -1.14 -27.60
N SER B 386 -23.91 -0.81 -26.35
CA SER B 386 -22.91 -1.51 -25.55
C SER B 386 -23.27 -1.33 -24.08
N TYR B 387 -22.43 -1.91 -23.22
CA TYR B 387 -22.64 -1.84 -21.79
C TYR B 387 -21.37 -1.37 -21.08
N ILE B 388 -21.55 -0.61 -20.01
CA ILE B 388 -20.47 -0.22 -19.12
C ILE B 388 -20.41 -1.26 -18.01
N VAL B 389 -19.25 -1.89 -17.85
CA VAL B 389 -19.06 -2.94 -16.86
C VAL B 389 -18.04 -2.45 -15.85
N ILE B 390 -18.47 -2.33 -14.59
CA ILE B 390 -17.61 -1.91 -13.49
C ILE B 390 -17.61 -3.03 -12.46
N GLY B 391 -16.42 -3.47 -12.08
CA GLY B 391 -16.27 -4.55 -11.13
C GLY B 391 -16.15 -5.90 -11.83
N VAL B 392 -16.08 -6.94 -11.00
CA VAL B 392 -15.87 -8.30 -11.48
C VAL B 392 -16.82 -9.23 -10.74
N GLY B 393 -17.14 -10.36 -11.37
CA GLY B 393 -17.90 -11.41 -10.72
C GLY B 393 -19.38 -11.12 -10.59
N GLU B 394 -20.01 -11.69 -9.57
CA GLU B 394 -21.43 -11.50 -9.35
C GLU B 394 -21.76 -10.05 -8.99
N LYS B 395 -20.78 -9.31 -8.50
CA LYS B 395 -21.00 -7.94 -8.03
C LYS B 395 -20.74 -6.89 -9.09
N LYS B 396 -20.45 -7.27 -10.33
CA LYS B 396 -20.19 -6.30 -11.38
C LYS B 396 -21.46 -5.54 -11.73
N ILE B 397 -21.29 -4.33 -12.27
CA ILE B 397 -22.42 -3.50 -12.65
C ILE B 397 -22.53 -3.50 -14.16
N THR B 398 -23.73 -3.25 -14.67
CA THR B 398 -23.96 -3.04 -16.08
C THR B 398 -24.78 -1.77 -16.27
N HIS B 399 -24.48 -1.00 -17.31
CA HIS B 399 -25.27 0.14 -17.70
C HIS B 399 -25.30 0.23 -19.22
N HIS B 400 -26.50 0.21 -19.78
CA HIS B 400 -26.65 0.26 -21.22
C HIS B 400 -26.17 1.60 -21.77
N TRP B 401 -25.51 1.56 -22.92
CA TRP B 401 -24.98 2.77 -23.54
C TRP B 401 -25.19 2.70 -25.05
N HIS B 402 -25.45 3.87 -25.64
CA HIS B 402 -25.60 4.00 -27.08
C HIS B 402 -24.77 5.18 -27.55
N ARG B 403 -24.05 4.99 -28.66
CA ARG B 403 -23.24 6.04 -29.27
C ARG B 403 -23.63 6.19 -30.73
N SER B 404 -23.74 7.43 -31.19
CA SER B 404 -24.09 7.70 -32.57
C SER B 404 -22.85 7.91 -33.42
N MET C 1 -4.44 -38.10 24.76
CA MET C 1 -3.92 -38.04 26.11
C MET C 1 -2.50 -38.59 26.18
N ILE C 2 -1.99 -39.03 25.03
CA ILE C 2 -0.60 -39.45 24.91
C ILE C 2 0.28 -38.25 25.15
N ARG C 3 -0.10 -37.10 24.58
CA ARG C 3 0.67 -35.87 24.77
C ARG C 3 0.68 -35.44 26.22
N CYS C 4 -0.47 -35.50 26.90
CA CYS C 4 -0.58 -34.97 28.24
C CYS C 4 0.23 -35.77 29.25
N ILE C 5 0.22 -37.10 29.13
CA ILE C 5 0.91 -37.92 30.12
C ILE C 5 2.43 -37.75 30.02
N GLY C 6 2.95 -37.49 28.83
CA GLY C 6 4.37 -37.32 28.63
C GLY C 6 4.91 -35.94 28.90
N VAL C 7 4.07 -34.99 29.28
CA VAL C 7 4.48 -33.61 29.48
C VAL C 7 5.12 -33.47 30.85
N SER C 8 6.35 -32.96 30.89
CA SER C 8 7.03 -32.73 32.16
C SER C 8 6.32 -31.70 33.01
N ASN C 9 5.85 -30.61 32.40
CA ASN C 9 5.17 -29.55 33.13
C ASN C 9 3.65 -29.76 33.08
N ARG C 10 3.21 -30.78 33.79
CA ARG C 10 1.81 -31.17 33.84
C ARG C 10 1.21 -30.77 35.18
N ASP C 11 0.08 -30.09 35.14
CA ASP C 11 -0.60 -29.62 36.34
C ASP C 11 -1.82 -30.47 36.62
N PHE C 12 -1.94 -30.91 37.86
CA PHE C 12 -3.11 -31.63 38.35
C PHE C 12 -3.91 -30.66 39.21
N VAL C 13 -5.06 -30.24 38.71
CA VAL C 13 -5.90 -29.27 39.40
C VAL C 13 -7.17 -29.94 39.87
N GLU C 14 -7.52 -29.71 41.13
CA GLU C 14 -8.68 -30.33 41.75
C GLU C 14 -9.81 -29.32 41.86
N GLY C 15 -11.04 -29.83 41.95
CA GLY C 15 -12.20 -28.99 42.08
C GLY C 15 -12.35 -28.43 43.47
N MET C 16 -13.38 -27.61 43.64
CA MET C 16 -13.66 -26.93 44.90
C MET C 16 -14.84 -27.61 45.59
N SER C 17 -15.15 -27.11 46.79
CA SER C 17 -16.28 -27.66 47.55
C SER C 17 -17.59 -27.42 46.83
N GLY C 18 -17.82 -26.19 46.37
CA GLY C 18 -19.02 -25.86 45.63
C GLY C 18 -19.09 -26.60 44.30
N GLY C 19 -17.99 -26.58 43.56
CA GLY C 19 -17.93 -27.31 42.31
C GLY C 19 -18.53 -26.58 41.14
N THR C 20 -18.13 -25.33 40.92
CA THR C 20 -18.65 -24.53 39.82
C THR C 20 -17.57 -24.00 38.88
N TRP C 21 -16.44 -23.55 39.42
CA TRP C 21 -15.37 -22.99 38.62
C TRP C 21 -14.02 -23.42 39.17
N VAL C 22 -12.99 -23.31 38.33
CA VAL C 22 -11.62 -23.60 38.73
C VAL C 22 -10.68 -22.71 37.91
N ASP C 23 -9.58 -22.31 38.54
CA ASP C 23 -8.58 -21.44 37.93
C ASP C 23 -7.37 -22.26 37.53
N VAL C 24 -6.94 -22.11 36.27
CA VAL C 24 -5.83 -22.88 35.72
C VAL C 24 -4.84 -21.92 35.08
N VAL C 25 -3.60 -22.40 34.93
CA VAL C 25 -2.54 -21.65 34.25
C VAL C 25 -2.08 -22.50 33.07
N LEU C 26 -2.06 -21.92 31.87
CA LEU C 26 -1.72 -22.64 30.66
C LEU C 26 -0.35 -22.21 30.16
N GLU C 27 0.47 -23.17 29.76
CA GLU C 27 1.81 -22.93 29.28
C GLU C 27 1.97 -23.59 27.91
N HIS C 28 2.90 -23.06 27.12
CA HIS C 28 3.18 -23.66 25.83
C HIS C 28 3.88 -25.00 26.01
N GLY C 29 3.38 -26.01 25.31
CA GLY C 29 3.89 -27.36 25.46
C GLY C 29 3.47 -28.06 26.74
N GLY C 30 2.59 -27.44 27.53
CA GLY C 30 2.15 -28.03 28.77
C GLY C 30 0.73 -28.55 28.65
N CYS C 31 0.27 -29.14 29.75
CA CYS C 31 -1.07 -29.72 29.81
C CYS C 31 -1.60 -29.55 31.22
N VAL C 32 -2.91 -29.32 31.32
CA VAL C 32 -3.58 -29.15 32.60
C VAL C 32 -4.72 -30.15 32.68
N THR C 33 -4.73 -30.97 33.72
CA THR C 33 -5.78 -31.96 33.95
C THR C 33 -6.62 -31.50 35.13
N VAL C 34 -7.92 -31.35 34.91
CA VAL C 34 -8.84 -30.88 35.93
C VAL C 34 -9.76 -32.02 36.32
N MET C 35 -9.83 -32.28 37.62
CA MET C 35 -10.63 -33.37 38.16
C MET C 35 -11.59 -32.83 39.22
N ALA C 36 -12.85 -33.24 39.12
CA ALA C 36 -13.87 -32.80 40.05
C ALA C 36 -14.81 -33.97 40.33
N GLN C 37 -15.52 -33.87 41.46
CA GLN C 37 -16.38 -34.96 41.89
C GLN C 37 -17.55 -35.12 40.91
N ASP C 38 -17.76 -36.36 40.48
CA ASP C 38 -18.85 -36.72 39.56
C ASP C 38 -18.78 -35.90 38.27
N LYS C 39 -17.56 -35.68 37.79
CA LYS C 39 -17.31 -34.99 36.54
C LYS C 39 -16.25 -35.74 35.77
N PRO C 40 -16.31 -35.73 34.44
CA PRO C 40 -15.25 -36.34 33.64
C PRO C 40 -13.98 -35.50 33.67
N THR C 41 -12.84 -36.19 33.64
CA THR C 41 -11.56 -35.53 33.61
C THR C 41 -11.34 -34.88 32.25
N VAL C 42 -10.86 -33.63 32.25
CA VAL C 42 -10.64 -32.87 31.03
C VAL C 42 -9.19 -32.43 30.97
N ASP C 43 -8.66 -32.36 29.76
CA ASP C 43 -7.31 -31.89 29.49
C ASP C 43 -7.41 -30.55 28.77
N ILE C 44 -6.70 -29.55 29.28
CA ILE C 44 -6.64 -28.23 28.67
C ILE C 44 -5.20 -27.91 28.33
N GLU C 45 -4.94 -27.61 27.06
CA GLU C 45 -3.58 -27.37 26.60
C GLU C 45 -3.56 -26.15 25.70
N LEU C 46 -2.55 -25.30 25.89
CA LEU C 46 -2.30 -24.17 25.00
C LEU C 46 -1.51 -24.68 23.80
N VAL C 47 -2.16 -24.72 22.64
CA VAL C 47 -1.53 -25.31 21.47
C VAL C 47 -0.66 -24.29 20.74
N THR C 48 -1.19 -23.11 20.45
CA THR C 48 -0.50 -22.14 19.61
C THR C 48 -0.87 -20.72 20.02
N THR C 49 0.13 -19.85 20.05
CA THR C 49 -0.07 -18.41 20.15
C THR C 49 0.33 -17.77 18.83
N THR C 50 -0.59 -17.00 18.25
CA THR C 50 -0.43 -16.49 16.90
C THR C 50 -0.61 -14.98 16.87
N VAL C 51 0.33 -14.30 16.22
CA VAL C 51 0.25 -12.87 15.94
C VAL C 51 0.05 -12.68 14.45
N SER C 52 -0.84 -11.76 14.09
CA SER C 52 -1.25 -11.56 12.71
C SER C 52 -1.32 -10.08 12.37
N ASN C 53 -1.16 -9.78 11.08
CA ASN C 53 -1.31 -8.43 10.54
C ASN C 53 -0.44 -7.43 11.30
N MET C 54 0.84 -7.76 11.43
CA MET C 54 1.79 -6.93 12.15
C MET C 54 2.24 -5.78 11.26
N ALA C 55 2.29 -4.58 11.82
CA ALA C 55 2.70 -3.39 11.08
C ALA C 55 4.18 -3.12 11.31
N GLU C 56 4.91 -2.91 10.22
CA GLU C 56 6.34 -2.64 10.32
C GLU C 56 6.58 -1.29 10.97
N VAL C 57 7.60 -1.22 11.82
CA VAL C 57 7.97 0.02 12.48
C VAL C 57 9.32 0.56 12.00
N ARG C 58 10.36 -0.26 12.00
CA ARG C 58 11.70 0.22 11.68
C ARG C 58 12.56 -0.94 11.20
N SER C 59 13.31 -0.74 10.12
CA SER C 59 14.15 -1.78 9.54
C SER C 59 15.60 -1.34 9.56
N TYR C 60 16.47 -2.21 10.07
CA TYR C 60 17.90 -1.93 10.15
C TYR C 60 18.65 -2.71 9.08
N CYS C 61 19.61 -2.07 8.44
CA CYS C 61 20.47 -2.74 7.48
C CYS C 61 21.71 -3.27 8.18
N TYR C 62 22.06 -4.53 7.89
CA TYR C 62 23.25 -5.15 8.46
C TYR C 62 24.28 -5.57 7.43
N GLU C 63 24.00 -5.42 6.14
CA GLU C 63 24.98 -5.64 5.09
C GLU C 63 24.72 -4.64 3.97
N ALA C 64 25.73 -3.87 3.61
CA ALA C 64 25.57 -2.75 2.69
C ALA C 64 26.66 -2.77 1.64
N SER C 65 26.45 -1.98 0.59
CA SER C 65 27.41 -1.82 -0.49
C SER C 65 27.50 -0.34 -0.85
N ILE C 66 28.66 0.05 -1.38
CA ILE C 66 28.91 1.43 -1.77
C ILE C 66 29.46 1.47 -3.18
N SER C 67 29.21 2.60 -3.85
CA SER C 67 29.62 2.79 -5.23
C SER C 67 29.60 4.29 -5.54
N ASP C 68 30.02 4.63 -6.75
CA ASP C 68 29.99 6.00 -7.25
C ASP C 68 30.80 6.93 -6.34
N MET C 69 32.05 6.53 -6.14
CA MET C 69 32.92 7.13 -5.15
C MET C 69 33.66 8.31 -5.77
N ALA C 70 33.47 9.50 -5.21
CA ALA C 70 34.04 10.73 -5.75
C ALA C 70 34.59 11.59 -4.61
N SER C 71 35.50 12.49 -4.97
CA SER C 71 36.12 13.40 -4.01
C SER C 71 36.30 14.76 -4.64
N ASP C 72 36.32 15.79 -3.79
CA ASP C 72 36.61 17.15 -4.21
C ASP C 72 37.51 17.82 -3.17
N SER C 73 38.50 18.58 -3.63
CA SER C 73 39.47 19.21 -2.75
C SER C 73 39.69 20.65 -3.17
N ARG C 74 40.01 21.49 -2.17
CA ARG C 74 40.33 22.89 -2.40
C ARG C 74 41.60 23.24 -1.65
N CYS C 75 42.44 24.07 -2.27
CA CYS C 75 43.63 24.57 -1.61
C CYS C 75 43.23 25.50 -0.46
N PRO C 76 44.09 25.67 0.54
CA PRO C 76 43.77 26.57 1.65
C PRO C 76 43.51 27.99 1.16
N THR C 77 42.55 28.64 1.80
CA THR C 77 42.05 29.99 1.51
C THR C 77 41.36 30.06 0.15
N GLN C 78 41.08 28.94 -0.50
CA GLN C 78 40.41 28.93 -1.79
C GLN C 78 38.98 28.41 -1.71
N GLY C 79 38.36 28.47 -0.55
CA GLY C 79 36.97 28.08 -0.39
C GLY C 79 36.82 26.65 0.08
N GLU C 80 35.57 26.28 0.37
CA GLU C 80 35.25 24.94 0.81
C GLU C 80 35.02 24.01 -0.37
N ALA C 81 35.29 22.73 -0.16
CA ALA C 81 35.08 21.75 -1.20
C ALA C 81 33.61 21.36 -1.28
N TYR C 82 33.12 21.23 -2.51
CA TYR C 82 31.71 20.92 -2.73
C TYR C 82 31.60 19.88 -3.83
N LEU C 83 30.62 18.99 -3.68
CA LEU C 83 30.27 18.02 -4.70
C LEU C 83 28.77 18.08 -4.94
N ASP C 84 28.37 17.84 -6.19
CA ASP C 84 26.95 17.82 -6.51
C ASP C 84 26.21 16.72 -5.78
N LYS C 85 26.94 15.72 -5.28
CA LYS C 85 26.37 14.53 -4.68
C LYS C 85 26.27 14.65 -3.16
N GLN C 86 26.62 15.81 -2.60
CA GLN C 86 26.58 16.00 -1.15
C GLN C 86 25.17 16.10 -0.60
N SER C 87 24.24 16.70 -1.35
CA SER C 87 22.87 16.86 -0.87
C SER C 87 21.98 15.68 -1.21
N ASP C 88 22.45 14.73 -2.01
CA ASP C 88 21.68 13.53 -2.29
C ASP C 88 21.50 12.70 -1.02
N THR C 89 20.26 12.29 -0.76
CA THR C 89 19.97 11.55 0.46
C THR C 89 20.48 10.12 0.41
N GLN C 90 20.80 9.61 -0.77
CA GLN C 90 21.33 8.25 -0.89
C GLN C 90 22.83 8.19 -0.78
N TYR C 91 23.49 9.31 -0.53
CA TYR C 91 24.95 9.38 -0.46
C TYR C 91 25.40 9.68 0.96
N VAL C 92 26.52 9.08 1.35
CA VAL C 92 27.15 9.35 2.63
C VAL C 92 28.46 10.10 2.34
N CYS C 93 28.66 11.21 3.03
CA CYS C 93 29.79 12.08 2.79
C CYS C 93 30.48 12.46 4.09
N LYS C 94 31.77 12.78 3.99
CA LYS C 94 32.56 13.22 5.12
C LYS C 94 33.41 14.42 4.71
N ARG C 95 33.46 15.42 5.57
CA ARG C 95 34.25 16.63 5.35
C ARG C 95 35.42 16.63 6.31
N THR C 96 36.61 16.93 5.79
CA THR C 96 37.82 16.89 6.60
C THR C 96 38.82 17.89 6.06
N LEU C 97 39.84 18.17 6.88
CA LEU C 97 40.93 19.05 6.51
C LEU C 97 42.21 18.24 6.39
N VAL C 98 42.97 18.50 5.33
CA VAL C 98 44.18 17.75 5.04
C VAL C 98 45.30 18.73 4.72
N ASP C 99 46.54 18.29 4.96
CA ASP C 99 47.70 19.13 4.71
C ASP C 99 47.88 19.35 3.22
N ARG C 100 48.24 20.58 2.84
CA ARG C 100 48.49 20.95 1.46
C ARG C 100 49.78 21.75 1.38
N GLY C 101 50.39 21.73 0.21
CA GLY C 101 51.65 22.43 0.03
C GLY C 101 52.11 22.42 -1.41
N TRP C 102 53.37 22.79 -1.61
CA TRP C 102 53.92 22.88 -2.97
C TRP C 102 53.94 21.52 -3.65
N GLY C 103 54.11 20.45 -2.88
CA GLY C 103 54.11 19.12 -3.43
C GLY C 103 52.74 18.55 -3.73
N ASN C 104 51.67 19.25 -3.33
CA ASN C 104 50.31 18.79 -3.58
C ASN C 104 49.55 19.75 -4.47
N GLY C 105 50.23 20.72 -5.08
CA GLY C 105 49.62 21.63 -6.02
C GLY C 105 49.08 22.91 -5.46
N CYS C 106 49.41 23.26 -4.22
CA CYS C 106 48.97 24.50 -3.61
C CYS C 106 50.16 25.42 -3.34
N GLY C 107 49.90 26.72 -3.39
CA GLY C 107 50.93 27.73 -3.16
C GLY C 107 51.13 28.07 -1.69
N LEU C 108 50.28 27.56 -0.80
CA LEU C 108 50.37 27.81 0.62
C LEU C 108 50.46 26.50 1.37
N PHE C 109 51.15 26.51 2.51
CA PHE C 109 51.26 25.33 3.37
C PHE C 109 50.22 25.45 4.48
N GLY C 110 49.06 24.83 4.27
CA GLY C 110 48.00 24.90 5.25
C GLY C 110 46.95 23.86 4.97
N LYS C 111 45.96 23.81 5.85
CA LYS C 111 44.90 22.81 5.76
C LYS C 111 43.94 23.18 4.64
N GLY C 112 43.67 22.22 3.76
CA GLY C 112 42.71 22.40 2.70
C GLY C 112 41.45 21.59 2.93
N SER C 113 40.33 22.00 2.33
CA SER C 113 39.09 21.28 2.49
C SER C 113 39.04 20.05 1.59
N LEU C 114 38.57 18.95 2.15
CA LEU C 114 38.44 17.70 1.40
C LEU C 114 37.09 17.09 1.72
N VAL C 115 36.38 16.65 0.69
CA VAL C 115 35.09 15.98 0.84
C VAL C 115 35.07 14.75 -0.05
N THR C 116 34.43 13.68 0.44
CA THR C 116 34.31 12.43 -0.28
C THR C 116 32.89 11.90 -0.08
N CYS C 117 32.25 11.50 -1.17
CA CYS C 117 30.90 10.98 -1.13
C CYS C 117 30.83 9.61 -1.80
N ALA C 118 29.89 8.79 -1.34
CA ALA C 118 29.68 7.46 -1.89
C ALA C 118 28.22 7.10 -1.76
N LYS C 119 27.67 6.49 -2.82
CA LYS C 119 26.27 6.07 -2.81
C LYS C 119 26.09 4.89 -1.86
N PHE C 120 25.06 4.96 -1.02
CA PHE C 120 24.77 3.90 -0.07
C PHE C 120 23.68 3.00 -0.62
N ALA C 121 23.84 1.69 -0.41
CA ALA C 121 22.86 0.70 -0.84
C ALA C 121 22.82 -0.42 0.18
N CYS C 122 21.61 -0.92 0.45
CA CYS C 122 21.40 -2.00 1.40
C CYS C 122 21.11 -3.29 0.66
N SER C 123 21.83 -4.34 1.00
CA SER C 123 21.62 -5.65 0.40
C SER C 123 20.82 -6.59 1.27
N LYS C 124 21.06 -6.59 2.58
CA LYS C 124 20.28 -7.39 3.52
C LYS C 124 19.90 -6.52 4.70
N LYS C 125 18.64 -6.62 5.12
CA LYS C 125 18.14 -5.81 6.22
C LYS C 125 17.30 -6.66 7.15
N MET C 126 17.22 -6.23 8.41
CA MET C 126 16.38 -6.85 9.42
C MET C 126 15.11 -6.02 9.50
N THR C 127 13.98 -6.68 9.76
CA THR C 127 12.72 -5.97 9.81
C THR C 127 12.10 -6.10 11.20
N GLY C 128 11.68 -4.97 11.76
CA GLY C 128 10.99 -4.93 13.05
C GLY C 128 9.53 -4.59 12.85
N LYS C 129 8.66 -5.36 13.50
CA LYS C 129 7.22 -5.24 13.35
C LYS C 129 6.57 -5.09 14.71
N SER C 130 5.43 -4.40 14.72
CA SER C 130 4.71 -4.08 15.94
C SER C 130 3.60 -5.11 16.17
N ILE C 131 3.42 -5.46 17.44
CA ILE C 131 2.40 -6.42 17.86
C ILE C 131 1.39 -5.68 18.71
N GLN C 132 0.20 -5.50 18.19
CA GLN C 132 -0.88 -4.84 18.91
C GLN C 132 -1.77 -5.87 19.60
N PRO C 133 -2.45 -5.49 20.69
CA PRO C 133 -3.35 -6.46 21.35
C PRO C 133 -4.48 -6.91 20.46
N GLU C 134 -4.82 -6.15 19.43
CA GLU C 134 -5.83 -6.56 18.46
C GLU C 134 -5.31 -7.61 17.48
N ASN C 135 -4.08 -8.07 17.66
CA ASN C 135 -3.47 -9.06 16.78
C ASN C 135 -3.28 -10.43 17.42
N LEU C 136 -3.52 -10.54 18.73
CA LEU C 136 -3.26 -11.79 19.43
C LEU C 136 -4.34 -12.82 19.17
N GLU C 137 -3.94 -14.09 19.15
CA GLU C 137 -4.87 -15.21 19.07
C GLU C 137 -4.24 -16.42 19.75
N TYR C 138 -4.91 -16.94 20.78
CA TYR C 138 -4.48 -18.13 21.50
C TYR C 138 -5.41 -19.27 21.14
N ARG C 139 -4.84 -20.38 20.69
CA ARG C 139 -5.62 -21.59 20.43
C ARG C 139 -5.49 -22.53 21.62
N ILE C 140 -6.63 -22.93 22.20
CA ILE C 140 -6.68 -23.76 23.39
C ILE C 140 -7.42 -25.05 23.03
N MET C 141 -6.83 -26.18 23.38
CA MET C 141 -7.38 -27.48 23.08
C MET C 141 -7.97 -28.09 24.33
N LEU C 142 -9.25 -28.47 24.28
CA LEU C 142 -9.95 -29.07 25.41
C LEU C 142 -10.47 -30.43 24.99
N SER C 143 -10.14 -31.46 25.76
CA SER C 143 -10.54 -32.83 25.44
C SER C 143 -10.97 -33.54 26.71
N VAL C 144 -11.84 -34.53 26.57
CA VAL C 144 -12.16 -35.41 27.69
C VAL C 144 -11.01 -36.40 27.87
N HIS C 145 -10.47 -36.42 29.08
CA HIS C 145 -9.27 -37.21 29.35
C HIS C 145 -9.62 -38.69 29.39
N GLY C 146 -9.09 -39.46 28.44
CA GLY C 146 -9.38 -40.88 28.38
C GLY C 146 -10.64 -41.20 27.61
N SER C 147 -10.70 -40.80 26.35
CA SER C 147 -11.88 -41.03 25.52
C SER C 147 -11.85 -42.40 24.85
N GLN C 148 -10.98 -43.28 25.34
CA GLN C 148 -10.76 -44.63 24.81
C GLN C 148 -10.10 -44.55 23.43
N HIS C 149 -9.95 -43.34 22.91
CA HIS C 149 -9.16 -43.08 21.72
C HIS C 149 -8.32 -41.83 21.81
N SER C 150 -8.47 -41.03 22.88
CA SER C 150 -7.53 -39.95 23.15
C SER C 150 -6.13 -40.48 23.39
N GLY C 151 -6.01 -41.73 23.84
CA GLY C 151 -4.73 -42.40 23.95
C GLY C 151 -4.14 -42.83 22.64
N MET C 152 -4.80 -42.51 21.53
CA MET C 152 -4.21 -42.65 20.20
C MET C 152 -4.03 -41.28 19.56
N ILE C 153 -4.42 -40.22 20.28
CA ILE C 153 -4.37 -38.86 19.77
C ILE C 153 -3.18 -38.15 20.38
N VAL C 154 -2.24 -37.73 19.53
CA VAL C 154 -1.04 -37.03 19.99
C VAL C 154 -0.81 -35.71 19.27
N ASN C 155 -1.48 -35.44 18.14
CA ASN C 155 -1.34 -34.18 17.44
C ASN C 155 -2.71 -33.70 16.96
N ASP C 156 -2.77 -32.50 16.40
CA ASP C 156 -4.01 -31.89 15.94
C ASP C 156 -4.31 -32.26 14.50
N THR C 157 -4.51 -33.55 14.24
CA THR C 157 -4.90 -34.05 12.92
C THR C 157 -6.25 -34.74 12.94
N GLY C 158 -6.88 -34.78 14.11
CA GLY C 158 -8.19 -35.41 14.26
C GLY C 158 -9.14 -34.58 15.08
N HIS C 159 -9.01 -33.25 14.98
CA HIS C 159 -9.74 -32.32 15.83
C HIS C 159 -11.19 -32.10 15.44
N GLU C 160 -11.65 -32.59 14.29
CA GLU C 160 -12.96 -32.17 13.77
C GLU C 160 -14.04 -33.21 14.05
N THR C 161 -13.83 -34.44 13.58
CA THR C 161 -14.89 -35.44 13.52
C THR C 161 -15.33 -35.96 14.88
N ASP C 162 -14.61 -35.64 15.95
CA ASP C 162 -14.88 -36.23 17.25
C ASP C 162 -15.53 -35.21 18.18
N GLU C 163 -16.48 -35.66 18.98
CA GLU C 163 -17.21 -34.80 19.90
C GLU C 163 -16.55 -34.68 21.27
N ASN C 164 -15.53 -35.48 21.56
CA ASN C 164 -14.92 -35.49 22.88
C ASN C 164 -13.86 -34.42 23.04
N ARG C 165 -13.68 -33.56 22.03
CA ARG C 165 -12.61 -32.58 22.02
C ARG C 165 -12.92 -31.48 21.00
N ALA C 166 -12.43 -30.28 21.31
CA ALA C 166 -12.74 -29.11 20.50
C ALA C 166 -11.65 -28.06 20.68
N LYS C 167 -11.58 -27.14 19.72
CA LYS C 167 -10.62 -26.05 19.73
C LYS C 167 -11.36 -24.74 19.94
N VAL C 168 -10.81 -23.87 20.78
CA VAL C 168 -11.38 -22.56 21.06
C VAL C 168 -10.29 -21.52 20.86
N GLU C 169 -10.68 -20.31 20.46
CA GLU C 169 -9.76 -19.22 20.22
C GLU C 169 -9.99 -18.11 21.25
N ILE C 170 -8.91 -17.57 21.80
CA ILE C 170 -8.97 -16.51 22.78
C ILE C 170 -8.21 -15.30 22.22
N THR C 171 -8.85 -14.14 22.25
CA THR C 171 -8.27 -12.88 21.85
C THR C 171 -8.54 -11.83 22.93
N PRO C 172 -7.68 -10.80 23.05
CA PRO C 172 -7.88 -9.82 24.12
C PRO C 172 -9.22 -9.10 24.07
N ASN C 173 -9.83 -8.96 22.90
CA ASN C 173 -11.12 -8.29 22.79
C ASN C 173 -12.31 -9.22 22.98
N SER C 174 -12.14 -10.51 22.70
CA SER C 174 -13.16 -11.53 22.94
C SER C 174 -12.51 -12.68 23.70
N PRO C 175 -12.20 -12.47 24.98
CA PRO C 175 -11.44 -13.46 25.75
C PRO C 175 -12.26 -14.61 26.31
N ARG C 176 -13.48 -14.82 25.83
CA ARG C 176 -14.36 -15.85 26.35
C ARG C 176 -14.74 -16.82 25.25
N ALA C 177 -14.90 -18.08 25.62
CA ALA C 177 -15.22 -19.11 24.64
C ALA C 177 -16.00 -20.23 25.32
N GLU C 178 -16.86 -20.87 24.54
CA GLU C 178 -17.63 -22.03 24.97
C GLU C 178 -17.23 -23.21 24.11
N ALA C 179 -16.79 -24.30 24.74
CA ALA C 179 -16.33 -25.49 24.04
C ALA C 179 -17.37 -26.59 24.22
N THR C 180 -18.09 -26.90 23.15
CA THR C 180 -19.06 -27.98 23.19
C THR C 180 -18.34 -29.32 23.12
N LEU C 181 -18.81 -30.29 23.90
CA LEU C 181 -18.18 -31.60 23.99
C LEU C 181 -19.17 -32.75 23.78
N GLY C 182 -20.20 -32.52 22.97
CA GLY C 182 -21.14 -33.59 22.66
C GLY C 182 -21.87 -34.06 23.89
N GLY C 183 -21.84 -35.37 24.12
CA GLY C 183 -22.53 -35.97 25.24
C GLY C 183 -21.97 -35.60 26.60
N PHE C 184 -20.76 -35.04 26.65
CA PHE C 184 -20.14 -34.64 27.89
C PHE C 184 -20.48 -33.21 28.29
N GLY C 185 -21.34 -32.53 27.53
CA GLY C 185 -21.74 -31.18 27.88
C GLY C 185 -20.89 -30.12 27.24
N SER C 186 -20.53 -29.09 28.01
CA SER C 186 -19.74 -27.99 27.48
C SER C 186 -18.84 -27.44 28.57
N LEU C 187 -17.78 -26.75 28.14
CA LEU C 187 -16.85 -26.10 29.05
C LEU C 187 -16.74 -24.62 28.68
N GLY C 188 -16.63 -23.78 29.70
CA GLY C 188 -16.50 -22.34 29.53
C GLY C 188 -15.11 -21.86 29.90
N LEU C 189 -14.59 -20.94 29.10
CA LEU C 189 -13.30 -20.31 29.35
C LEU C 189 -13.49 -18.81 29.42
N ASP C 190 -13.37 -18.27 30.63
CA ASP C 190 -13.42 -16.82 30.87
C ASP C 190 -12.10 -16.42 31.51
N CYS C 191 -11.18 -15.92 30.71
CA CYS C 191 -9.90 -15.45 31.23
C CYS C 191 -9.39 -14.23 30.48
N GLU C 192 -8.19 -13.81 30.89
CA GLU C 192 -7.60 -12.57 30.41
C GLU C 192 -6.17 -12.90 29.94
N PRO C 193 -5.62 -12.14 29.00
CA PRO C 193 -4.20 -12.26 28.73
C PRO C 193 -3.38 -11.98 29.98
N ARG C 194 -2.27 -12.71 30.12
CA ARG C 194 -1.34 -12.57 31.24
C ARG C 194 -1.08 -11.11 31.59
N THR C 195 -0.96 -10.83 32.89
CA THR C 195 -0.77 -9.46 33.35
C THR C 195 0.71 -9.11 33.47
N GLY C 196 1.52 -10.03 33.97
CA GLY C 196 2.92 -9.76 34.23
C GLY C 196 3.73 -9.41 33.01
N LEU C 197 3.58 -10.19 31.94
CA LEU C 197 4.33 -9.92 30.71
C LEU C 197 3.56 -8.91 29.86
N ASP C 198 4.29 -8.19 29.02
CA ASP C 198 3.71 -7.08 28.25
C ASP C 198 4.09 -7.22 26.79
N PHE C 199 3.09 -7.13 25.90
CA PHE C 199 3.27 -7.04 24.47
C PHE C 199 3.25 -5.62 23.93
N SER C 200 3.04 -4.62 24.80
CA SER C 200 3.10 -3.24 24.37
C SER C 200 4.52 -2.70 24.38
N ASP C 201 5.48 -3.45 24.90
CA ASP C 201 6.88 -3.08 24.91
C ASP C 201 7.74 -4.11 24.19
N LEU C 202 7.15 -4.82 23.23
CA LEU C 202 7.84 -5.87 22.50
C LEU C 202 7.63 -5.68 21.00
N TYR C 203 8.63 -6.12 20.23
CA TYR C 203 8.60 -6.05 18.78
C TYR C 203 8.91 -7.43 18.20
N TYR C 204 8.40 -7.67 17.00
CA TYR C 204 8.63 -8.91 16.28
C TYR C 204 9.74 -8.67 15.26
N LEU C 205 10.91 -9.23 15.53
CA LEU C 205 12.11 -8.98 14.72
C LEU C 205 12.33 -10.14 13.76
N THR C 206 12.35 -9.83 12.47
CA THR C 206 12.64 -10.79 11.43
C THR C 206 14.01 -10.50 10.82
N MET C 207 14.82 -11.54 10.66
CA MET C 207 16.18 -11.36 10.16
C MET C 207 16.62 -12.67 9.50
N ASN C 208 16.56 -12.69 8.17
CA ASN C 208 17.03 -13.83 7.36
C ASN C 208 16.35 -15.13 7.79
N ASN C 209 15.02 -15.15 7.63
CA ASN C 209 14.16 -16.29 7.91
C ASN C 209 14.21 -16.75 9.37
N LYS C 210 14.65 -15.91 10.29
CA LYS C 210 14.67 -16.25 11.71
C LYS C 210 14.04 -15.11 12.50
N HIS C 211 13.32 -15.45 13.56
CA HIS C 211 12.44 -14.49 14.22
C HIS C 211 12.65 -14.51 15.72
N TRP C 212 12.58 -13.34 16.34
CA TRP C 212 12.71 -13.19 17.78
C TRP C 212 11.65 -12.22 18.30
N LEU C 213 11.65 -12.01 19.62
CA LEU C 213 10.87 -10.94 20.24
C LEU C 213 11.85 -10.06 21.01
N VAL C 214 11.82 -8.76 20.74
CA VAL C 214 12.79 -7.84 21.31
C VAL C 214 12.07 -6.70 22.01
N HIS C 215 12.78 -6.06 22.94
CA HIS C 215 12.26 -4.90 23.64
C HIS C 215 12.33 -3.67 22.74
N LYS C 216 11.39 -2.75 22.94
CA LYS C 216 11.33 -1.57 22.09
C LYS C 216 12.58 -0.71 22.26
N GLU C 217 12.97 -0.43 23.50
CA GLU C 217 14.11 0.44 23.76
C GLU C 217 15.40 -0.16 23.20
N TRP C 218 15.58 -1.47 23.38
CA TRP C 218 16.76 -2.14 22.84
C TRP C 218 16.75 -2.10 21.32
N PHE C 219 15.59 -2.24 20.70
CA PHE C 219 15.49 -2.21 19.24
C PHE C 219 15.76 -0.82 18.69
N HIS C 220 15.35 0.24 19.40
CA HIS C 220 15.59 1.59 18.92
C HIS C 220 17.05 1.99 19.07
N ASP C 221 17.76 1.36 20.00
CA ASP C 221 19.14 1.74 20.29
C ASP C 221 20.14 0.85 19.55
N ILE C 222 19.70 0.17 18.50
CA ILE C 222 20.61 -0.61 17.67
C ILE C 222 21.43 0.33 16.81
N PRO C 223 22.76 0.28 16.88
CA PRO C 223 23.61 1.25 16.17
C PRO C 223 23.86 0.88 14.71
N LEU C 224 22.77 0.78 13.95
CA LEU C 224 22.81 0.38 12.56
C LEU C 224 21.98 1.34 11.72
N PRO C 225 22.21 1.44 10.42
CA PRO C 225 21.35 2.26 9.57
C PRO C 225 19.91 1.77 9.59
N TRP C 226 18.98 2.72 9.46
CA TRP C 226 17.57 2.40 9.60
C TRP C 226 16.72 3.30 8.72
N HIS C 227 15.50 2.85 8.45
CA HIS C 227 14.45 3.65 7.83
C HIS C 227 13.12 3.33 8.48
N ALA C 228 12.31 4.36 8.72
CA ALA C 228 11.07 4.20 9.45
C ALA C 228 9.96 3.73 8.52
N GLY C 229 8.99 3.01 9.10
CA GLY C 229 7.87 2.51 8.32
C GLY C 229 8.34 1.45 7.34
N ALA C 230 7.63 1.34 6.21
CA ALA C 230 8.04 0.44 5.15
C ALA C 230 8.45 1.30 3.96
N ASP C 231 7.55 2.12 3.43
CA ASP C 231 7.82 3.07 2.35
C ASP C 231 8.79 2.51 1.31
N THR C 232 8.44 1.34 0.77
CA THR C 232 9.33 0.63 -0.13
C THR C 232 9.58 1.47 -1.40
N GLY C 233 10.61 1.06 -2.14
CA GLY C 233 11.04 1.82 -3.30
C GLY C 233 12.47 2.29 -3.16
N THR C 234 12.67 3.60 -3.00
CA THR C 234 13.99 4.18 -2.76
C THR C 234 14.00 4.71 -1.34
N PRO C 235 14.31 3.87 -0.36
CA PRO C 235 14.25 4.30 1.04
C PRO C 235 15.38 5.25 1.39
N HIS C 236 15.09 6.14 2.34
CA HIS C 236 16.07 7.07 2.87
C HIS C 236 16.64 6.50 4.16
N TRP C 237 17.92 6.11 4.13
CA TRP C 237 18.58 5.52 5.27
C TRP C 237 19.20 6.60 6.15
N ASN C 238 19.16 6.39 7.46
CA ASN C 238 19.77 7.28 8.43
C ASN C 238 20.89 6.55 9.13
N ASN C 239 21.88 7.30 9.62
CA ASN C 239 23.06 6.74 10.28
C ASN C 239 23.78 5.74 9.39
N LYS C 240 23.95 6.10 8.11
CA LYS C 240 24.68 5.24 7.19
C LYS C 240 26.14 5.06 7.62
N GLU C 241 26.66 6.03 8.38
CA GLU C 241 28.06 5.98 8.80
C GLU C 241 28.34 4.82 9.75
N ALA C 242 27.31 4.18 10.29
CA ALA C 242 27.53 3.03 11.16
C ALA C 242 28.16 1.86 10.42
N LEU C 243 27.94 1.78 9.11
CA LEU C 243 28.53 0.72 8.29
C LEU C 243 29.54 1.21 7.27
N VAL C 244 29.74 2.52 7.15
CA VAL C 244 30.70 3.10 6.21
C VAL C 244 31.78 3.82 7.01
N GLU C 245 33.02 3.41 6.81
CA GLU C 245 34.15 4.02 7.49
C GLU C 245 35.07 4.69 6.48
N PHE C 246 35.60 5.85 6.87
CA PHE C 246 36.47 6.65 6.03
C PHE C 246 37.92 6.46 6.48
N LYS C 247 38.78 6.06 5.55
CA LYS C 247 40.16 5.76 5.86
C LYS C 247 40.98 7.04 5.96
N ASP C 248 42.30 6.89 6.04
CA ASP C 248 43.19 8.04 6.16
C ASP C 248 43.05 8.96 4.95
N ALA C 249 42.93 10.25 5.23
CA ALA C 249 42.69 11.23 4.19
C ALA C 249 43.99 11.62 3.51
N HIS C 250 43.98 11.67 2.18
CA HIS C 250 45.12 12.13 1.41
C HIS C 250 44.87 13.56 0.93
N ALA C 251 45.79 14.07 0.09
CA ALA C 251 45.69 15.45 -0.35
C ALA C 251 44.44 15.69 -1.19
N LYS C 252 44.12 14.77 -2.10
CA LYS C 252 43.02 14.98 -3.03
C LYS C 252 41.99 13.86 -3.04
N ARG C 253 42.21 12.77 -2.31
CA ARG C 253 41.25 11.68 -2.28
C ARG C 253 41.21 11.08 -0.88
N GLN C 254 40.09 10.41 -0.59
CA GLN C 254 39.90 9.71 0.67
C GLN C 254 39.35 8.33 0.39
N THR C 255 39.91 7.32 1.04
CA THR C 255 39.49 5.94 0.84
C THR C 255 38.28 5.64 1.72
N VAL C 256 37.24 5.07 1.11
CA VAL C 256 36.01 4.71 1.81
C VAL C 256 35.79 3.22 1.64
N VAL C 257 35.53 2.54 2.76
CA VAL C 257 35.30 1.10 2.77
C VAL C 257 34.02 0.82 3.54
N VAL C 258 33.31 -0.24 3.15
CA VAL C 258 32.09 -0.65 3.83
C VAL C 258 32.41 -1.86 4.71
N LEU C 259 31.89 -1.86 5.92
CA LEU C 259 32.11 -2.99 6.82
C LEU C 259 31.37 -4.22 6.32
N GLY C 260 31.78 -5.37 6.83
CA GLY C 260 31.15 -6.63 6.49
C GLY C 260 29.81 -6.79 7.17
N SER C 261 29.19 -7.94 6.92
CA SER C 261 27.89 -8.24 7.51
C SER C 261 27.97 -8.23 9.03
N GLN C 262 27.06 -7.49 9.66
CA GLN C 262 26.95 -7.44 11.11
C GLN C 262 25.95 -8.45 11.64
N GLU C 263 25.69 -9.51 10.88
CA GLU C 263 24.72 -10.52 11.28
C GLU C 263 25.12 -11.21 12.57
N GLY C 264 26.41 -11.57 12.70
CA GLY C 264 26.86 -12.27 13.88
C GLY C 264 26.75 -11.46 15.15
N ALA C 265 27.00 -10.15 15.06
CA ALA C 265 26.90 -9.30 16.24
C ALA C 265 25.47 -9.27 16.76
N VAL C 266 24.50 -9.14 15.86
CA VAL C 266 23.09 -9.13 16.29
C VAL C 266 22.69 -10.50 16.81
N HIS C 267 23.17 -11.57 16.18
CA HIS C 267 22.89 -12.91 16.69
C HIS C 267 23.42 -13.08 18.11
N THR C 268 24.64 -12.62 18.37
CA THR C 268 25.17 -12.67 19.73
C THR C 268 24.41 -11.77 20.69
N ALA C 269 23.85 -10.66 20.21
CA ALA C 269 23.07 -9.78 21.06
C ALA C 269 21.67 -10.31 21.34
N LEU C 270 21.23 -11.34 20.63
CA LEU C 270 19.91 -11.93 20.82
C LEU C 270 19.98 -13.30 21.48
N ALA C 271 21.01 -13.54 22.30
CA ALA C 271 21.19 -14.83 22.94
C ALA C 271 20.03 -15.15 23.89
N GLY C 272 19.68 -14.19 24.74
CA GLY C 272 18.60 -14.38 25.69
C GLY C 272 17.23 -14.10 25.13
N ALA C 273 17.17 -13.70 23.86
CA ALA C 273 15.92 -13.33 23.24
C ALA C 273 15.04 -14.55 23.02
N LEU C 274 13.73 -14.34 23.08
CA LEU C 274 12.76 -15.41 22.89
C LEU C 274 12.67 -15.76 21.40
N GLU C 275 12.77 -17.05 21.10
CA GLU C 275 12.69 -17.53 19.74
C GLU C 275 11.26 -17.45 19.23
N ALA C 276 11.12 -17.32 17.91
CA ALA C 276 9.82 -17.31 17.27
C ALA C 276 9.94 -17.93 15.89
N GLU C 277 8.80 -18.34 15.34
CA GLU C 277 8.73 -18.97 14.04
C GLU C 277 7.62 -18.35 13.23
N MET C 278 7.72 -18.50 11.90
CA MET C 278 6.78 -17.92 10.95
C MET C 278 6.09 -19.06 10.20
N ASP C 279 4.76 -19.01 10.16
CA ASP C 279 3.96 -19.97 9.39
C ASP C 279 3.11 -19.17 8.42
N GLY C 280 3.57 -19.09 7.17
CA GLY C 280 2.93 -18.24 6.19
C GLY C 280 3.15 -16.77 6.50
N ALA C 281 2.09 -15.98 6.46
CA ALA C 281 2.15 -14.58 6.86
C ALA C 281 1.76 -14.36 8.32
N LYS C 282 1.78 -15.42 9.12
CA LYS C 282 1.34 -15.37 10.51
C LYS C 282 2.45 -15.89 11.41
N GLY C 283 2.69 -15.18 12.51
CA GLY C 283 3.77 -15.54 13.43
C GLY C 283 3.28 -16.43 14.55
N ARG C 284 4.09 -17.44 14.87
CA ARG C 284 3.75 -18.44 15.87
C ARG C 284 4.62 -18.22 17.10
N LEU C 285 4.00 -18.12 18.26
CA LEU C 285 4.71 -17.94 19.52
C LEU C 285 4.71 -19.23 20.33
N SER C 286 5.72 -19.36 21.21
CA SER C 286 5.86 -20.52 22.07
C SER C 286 6.24 -20.12 23.49
N SER C 287 5.72 -18.99 23.97
CA SER C 287 6.00 -18.54 25.32
C SER C 287 4.89 -17.63 25.79
N GLY C 288 4.69 -17.59 27.10
CA GLY C 288 3.68 -16.74 27.71
C GLY C 288 2.78 -17.52 28.64
N HIS C 289 2.06 -16.78 29.47
CA HIS C 289 1.17 -17.33 30.48
C HIS C 289 -0.27 -17.03 30.10
N LEU C 290 -1.19 -17.87 30.60
CA LEU C 290 -2.62 -17.61 30.55
C LEU C 290 -3.26 -18.17 31.83
N LYS C 291 -3.57 -17.27 32.75
CA LYS C 291 -4.36 -17.64 33.91
C LYS C 291 -5.83 -17.68 33.54
N CYS C 292 -6.39 -18.88 33.42
CA CYS C 292 -7.74 -19.02 32.90
C CYS C 292 -8.66 -19.70 33.89
N ARG C 293 -9.95 -19.51 33.70
CA ARG C 293 -10.99 -19.87 34.66
C ARG C 293 -12.02 -20.74 33.97
N LEU C 294 -12.05 -22.03 34.31
CA LEU C 294 -12.98 -22.97 33.70
C LEU C 294 -14.32 -22.95 34.40
N LYS C 295 -15.39 -22.90 33.62
CA LYS C 295 -16.75 -23.09 34.09
C LYS C 295 -17.14 -24.53 33.78
N MET C 296 -17.34 -25.34 34.83
CA MET C 296 -17.61 -26.75 34.68
C MET C 296 -19.04 -27.12 35.07
N ASP C 297 -19.91 -26.12 35.21
CA ASP C 297 -21.29 -26.38 35.61
C ASP C 297 -22.08 -27.10 34.53
N LYS C 298 -21.68 -26.98 33.27
CA LYS C 298 -22.39 -27.61 32.17
C LYS C 298 -21.70 -28.89 31.70
N LEU C 299 -20.69 -29.36 32.42
CA LEU C 299 -19.99 -30.59 32.07
C LEU C 299 -20.67 -31.77 32.76
N ARG C 300 -21.01 -32.79 31.99
CA ARG C 300 -21.74 -33.94 32.51
C ARG C 300 -20.98 -35.21 32.19
N LEU C 301 -21.01 -36.16 33.11
CA LEU C 301 -20.49 -37.49 32.83
C LEU C 301 -21.38 -38.18 31.79
N LYS C 302 -20.73 -38.78 30.81
CA LYS C 302 -21.43 -39.48 29.75
C LYS C 302 -21.40 -40.98 30.03
N GLY C 303 -22.51 -41.65 29.75
CA GLY C 303 -22.63 -43.07 30.01
C GLY C 303 -22.65 -43.45 31.47
N VAL C 304 -23.35 -42.68 32.31
CA VAL C 304 -23.51 -43.07 33.70
C VAL C 304 -24.51 -44.21 33.85
N SER C 305 -25.30 -44.48 32.81
CA SER C 305 -26.31 -45.53 32.85
C SER C 305 -25.78 -46.85 32.29
N TYR C 306 -24.51 -46.90 31.88
CA TYR C 306 -23.96 -48.11 31.30
C TYR C 306 -23.76 -49.18 32.37
N SER C 307 -24.08 -50.42 32.01
CA SER C 307 -23.87 -51.55 32.90
C SER C 307 -22.39 -51.94 32.90
N LEU C 308 -21.93 -52.53 34.01
CA LEU C 308 -20.55 -52.96 34.11
C LEU C 308 -20.22 -54.03 33.09
N CYS C 309 -19.00 -53.96 32.56
CA CYS C 309 -18.53 -54.99 31.64
C CYS C 309 -18.40 -56.31 32.38
N THR C 310 -18.76 -57.41 31.70
CA THR C 310 -18.75 -58.73 32.30
C THR C 310 -17.60 -59.61 31.86
N ALA C 311 -17.04 -59.39 30.68
CA ALA C 311 -16.00 -60.27 30.16
C ALA C 311 -14.65 -59.96 30.82
N ALA C 312 -13.60 -60.58 30.31
CA ALA C 312 -12.26 -60.46 30.87
C ALA C 312 -11.47 -59.39 30.13
N PHE C 313 -10.45 -58.87 30.81
CA PHE C 313 -9.54 -57.88 30.26
C PHE C 313 -8.13 -58.46 30.15
N THR C 314 -7.36 -57.91 29.22
CA THR C 314 -5.97 -58.28 29.03
C THR C 314 -5.13 -57.04 28.83
N PHE C 315 -3.83 -57.15 29.07
CA PHE C 315 -2.91 -56.02 28.95
C PHE C 315 -2.32 -56.00 27.56
N THR C 316 -2.68 -55.00 26.75
CA THR C 316 -1.95 -54.79 25.50
C THR C 316 -0.62 -54.10 25.76
N LYS C 317 -0.60 -53.13 26.66
CA LYS C 317 0.61 -52.47 27.11
C LYS C 317 0.77 -52.66 28.61
N ILE C 318 1.98 -53.01 29.01
CA ILE C 318 2.27 -53.20 30.44
C ILE C 318 2.08 -51.88 31.17
N PRO C 319 1.55 -51.87 32.39
CA PRO C 319 1.44 -50.61 33.14
C PRO C 319 2.77 -49.90 33.28
N ALA C 320 2.77 -48.59 33.05
CA ALA C 320 3.97 -47.77 33.11
C ALA C 320 3.76 -46.61 34.06
N GLU C 321 4.80 -46.26 34.80
CA GLU C 321 4.76 -45.13 35.72
C GLU C 321 5.15 -43.86 34.97
N THR C 322 4.31 -42.85 35.06
CA THR C 322 4.60 -41.58 34.42
C THR C 322 5.54 -40.75 35.30
N LEU C 323 5.84 -39.53 34.83
CA LEU C 323 6.78 -38.67 35.53
C LEU C 323 6.21 -38.12 36.84
N HIS C 324 4.90 -38.24 37.07
CA HIS C 324 4.26 -37.67 38.25
C HIS C 324 3.69 -38.74 39.19
N GLY C 325 4.06 -40.00 38.98
CA GLY C 325 3.60 -41.07 39.84
C GLY C 325 2.33 -41.74 39.39
N THR C 326 1.68 -41.25 38.32
CA THR C 326 0.49 -41.88 37.79
C THR C 326 0.87 -43.11 36.96
N VAL C 327 -0.11 -43.99 36.77
CA VAL C 327 0.09 -45.24 36.05
C VAL C 327 -0.82 -45.24 34.83
N THR C 328 -0.22 -45.39 33.65
CA THR C 328 -0.97 -45.50 32.41
C THR C 328 -0.94 -46.94 31.94
N VAL C 329 -2.10 -47.43 31.50
CA VAL C 329 -2.23 -48.80 31.02
C VAL C 329 -3.17 -48.80 29.83
N GLU C 330 -2.98 -49.74 28.91
CA GLU C 330 -3.89 -49.98 27.80
C GLU C 330 -4.40 -51.40 27.90
N VAL C 331 -5.72 -51.58 27.86
CA VAL C 331 -6.33 -52.88 28.05
C VAL C 331 -7.12 -53.26 26.81
N GLN C 332 -7.42 -54.55 26.72
CA GLN C 332 -8.19 -55.11 25.62
C GLN C 332 -9.38 -55.86 26.20
N TYR C 333 -10.57 -55.60 25.66
CA TYR C 333 -11.81 -56.18 26.17
C TYR C 333 -12.26 -57.30 25.23
N ALA C 334 -12.55 -58.46 25.81
CA ALA C 334 -12.93 -59.64 25.05
C ALA C 334 -14.43 -59.83 24.93
N GLY C 335 -15.21 -58.87 25.45
CA GLY C 335 -16.66 -58.94 25.41
C GLY C 335 -17.25 -58.07 24.32
N THR C 336 -18.48 -58.41 23.94
CA THR C 336 -19.22 -57.71 22.89
C THR C 336 -20.48 -57.06 23.44
N ASP C 337 -20.56 -56.91 24.77
CA ASP C 337 -21.79 -56.43 25.41
C ASP C 337 -21.88 -54.90 25.32
N GLY C 338 -21.68 -54.41 24.10
CA GLY C 338 -21.86 -53.01 23.78
C GLY C 338 -21.13 -52.06 24.70
N PRO C 339 -21.60 -50.82 24.78
CA PRO C 339 -21.04 -49.88 25.77
C PRO C 339 -21.20 -50.42 27.18
N CYS C 340 -20.14 -50.35 27.97
CA CYS C 340 -20.15 -50.87 29.32
C CYS C 340 -19.14 -50.08 30.16
N LYS C 341 -19.31 -50.12 31.48
CA LYS C 341 -18.43 -49.44 32.41
C LYS C 341 -17.30 -50.39 32.77
N VAL C 342 -16.06 -49.94 32.55
CA VAL C 342 -14.89 -50.78 32.80
C VAL C 342 -14.60 -50.81 34.29
N PRO C 343 -14.56 -51.99 34.91
CA PRO C 343 -14.16 -52.08 36.32
C PRO C 343 -12.67 -51.83 36.46
N ALA C 344 -12.32 -50.79 37.21
CA ALA C 344 -10.91 -50.40 37.34
C ALA C 344 -10.74 -49.70 38.68
N GLN C 345 -9.95 -50.31 39.57
CA GLN C 345 -9.69 -49.77 40.89
C GLN C 345 -8.32 -50.21 41.36
N MET C 346 -7.94 -49.75 42.54
CA MET C 346 -6.74 -50.18 43.22
C MET C 346 -7.09 -50.56 44.64
N ALA C 347 -6.43 -51.59 45.16
CA ALA C 347 -6.76 -52.13 46.47
C ALA C 347 -5.50 -52.60 47.17
N VAL C 348 -5.58 -52.74 48.49
CA VAL C 348 -4.50 -53.31 49.27
C VAL C 348 -4.85 -54.70 49.82
N ASP C 349 -6.13 -55.02 49.94
CA ASP C 349 -6.56 -56.35 50.38
C ASP C 349 -7.52 -56.92 49.35
N MET C 350 -7.22 -58.12 48.86
CA MET C 350 -8.09 -58.78 47.89
C MET C 350 -9.40 -59.27 48.48
N GLN C 351 -9.43 -59.58 49.78
CA GLN C 351 -10.65 -60.04 50.40
C GLN C 351 -11.74 -58.97 50.47
N THR C 352 -11.35 -57.70 50.62
CA THR C 352 -12.31 -56.62 50.71
C THR C 352 -12.39 -55.76 49.46
N LEU C 353 -11.30 -55.64 48.70
CA LEU C 353 -11.26 -54.80 47.50
C LEU C 353 -11.72 -53.37 47.79
N THR C 354 -11.30 -52.85 48.93
CA THR C 354 -11.62 -51.49 49.28
C THR C 354 -10.88 -50.54 48.36
N PRO C 355 -11.57 -49.68 47.60
CA PRO C 355 -10.88 -48.81 46.65
C PRO C 355 -9.95 -47.83 47.35
N VAL C 356 -8.67 -47.92 47.01
CA VAL C 356 -7.66 -47.01 47.54
C VAL C 356 -7.05 -46.25 46.37
N GLY C 357 -6.61 -45.03 46.64
CA GLY C 357 -6.18 -44.17 45.56
C GLY C 357 -7.39 -43.68 44.78
N ARG C 358 -7.17 -43.31 43.52
CA ARG C 358 -8.26 -42.79 42.70
C ARG C 358 -7.89 -42.97 41.24
N LEU C 359 -8.89 -42.84 40.38
CA LEU C 359 -8.71 -42.91 38.94
C LEU C 359 -8.54 -41.51 38.37
N ILE C 360 -7.48 -41.31 37.60
CA ILE C 360 -7.35 -40.06 36.85
C ILE C 360 -8.38 -40.03 35.73
N THR C 361 -8.51 -41.14 35.01
CA THR C 361 -9.52 -41.28 33.96
C THR C 361 -10.85 -41.60 34.61
N ALA C 362 -11.70 -40.59 34.74
CA ALA C 362 -12.98 -40.75 35.41
C ALA C 362 -13.95 -41.55 34.54
N ASN C 363 -14.64 -42.49 35.17
CA ASN C 363 -15.65 -43.33 34.53
C ASN C 363 -15.12 -44.00 33.28
N PRO C 364 -14.23 -44.98 33.39
CA PRO C 364 -13.78 -45.71 32.21
C PRO C 364 -14.93 -46.42 31.52
N VAL C 365 -14.94 -46.34 30.18
CA VAL C 365 -16.01 -46.89 29.36
C VAL C 365 -15.41 -47.55 28.13
N ILE C 366 -15.97 -48.70 27.77
CA ILE C 366 -15.73 -49.32 26.47
C ILE C 366 -16.84 -48.88 25.54
N THR C 367 -16.51 -48.19 24.44
CA THR C 367 -17.53 -47.65 23.55
C THR C 367 -17.89 -48.59 22.41
N GLU C 368 -16.92 -49.26 21.81
CA GLU C 368 -17.21 -50.15 20.70
C GLU C 368 -17.91 -51.42 21.18
N SER C 369 -18.87 -51.90 20.39
CA SER C 369 -19.60 -53.11 20.70
C SER C 369 -18.88 -54.38 20.22
N THR C 370 -17.80 -54.22 19.46
CA THR C 370 -17.05 -55.37 18.97
C THR C 370 -16.11 -55.89 20.05
N GLU C 371 -15.54 -57.07 19.80
CA GLU C 371 -14.56 -57.63 20.71
C GLU C 371 -13.16 -57.12 20.35
N ASN C 372 -12.24 -57.33 21.30
CA ASN C 372 -10.84 -56.89 21.17
C ASN C 372 -10.76 -55.38 20.97
N SER C 373 -11.51 -54.66 21.79
CA SER C 373 -11.48 -53.20 21.80
C SER C 373 -10.42 -52.72 22.78
N LYS C 374 -9.67 -51.70 22.38
CA LYS C 374 -8.57 -51.17 23.17
C LYS C 374 -8.98 -49.86 23.83
N MET C 375 -8.63 -49.72 25.10
CA MET C 375 -8.93 -48.55 25.89
C MET C 375 -7.78 -48.30 26.85
N MET C 376 -7.53 -47.04 27.18
CA MET C 376 -6.41 -46.68 28.04
C MET C 376 -6.90 -46.01 29.32
N LEU C 377 -6.21 -46.32 30.41
CA LEU C 377 -6.53 -45.82 31.74
C LEU C 377 -5.35 -45.06 32.32
N GLU C 378 -5.65 -44.21 33.30
CA GLU C 378 -4.63 -43.57 34.11
C GLU C 378 -5.05 -43.64 35.57
N LEU C 379 -4.13 -44.03 36.43
CA LEU C 379 -4.42 -44.30 37.83
C LEU C 379 -3.51 -43.46 38.71
N ASP C 380 -4.02 -43.09 39.89
CA ASP C 380 -3.22 -42.36 40.87
C ASP C 380 -3.10 -43.20 42.13
N PRO C 381 -2.08 -44.04 42.23
CA PRO C 381 -2.00 -45.00 43.33
C PRO C 381 -1.58 -44.32 44.63
N PRO C 382 -1.87 -44.95 45.76
CA PRO C 382 -1.30 -44.47 47.03
C PRO C 382 0.18 -44.82 47.13
N PHE C 383 0.87 -44.05 47.95
CA PHE C 383 2.29 -44.33 48.20
C PHE C 383 2.43 -45.65 48.92
N GLY C 384 3.46 -46.40 48.56
CA GLY C 384 3.66 -47.73 49.08
C GLY C 384 3.19 -48.79 48.10
N ASP C 385 2.89 -49.96 48.64
CA ASP C 385 2.49 -51.09 47.82
C ASP C 385 0.98 -51.13 47.65
N SER C 386 0.55 -51.50 46.45
CA SER C 386 -0.86 -51.62 46.13
C SER C 386 -0.99 -52.54 44.92
N TYR C 387 -2.23 -52.85 44.57
CA TYR C 387 -2.53 -53.73 43.45
C TYR C 387 -3.47 -53.04 42.47
N ILE C 388 -3.19 -53.19 41.18
CA ILE C 388 -4.07 -52.70 40.13
C ILE C 388 -5.02 -53.82 39.76
N VAL C 389 -6.31 -53.59 39.94
CA VAL C 389 -7.34 -54.59 39.71
C VAL C 389 -8.23 -54.10 38.58
N ILE C 390 -8.26 -54.84 37.48
CA ILE C 390 -9.08 -54.52 36.31
C ILE C 390 -10.00 -55.70 36.06
N GLY C 391 -11.29 -55.42 35.96
CA GLY C 391 -12.31 -56.44 35.76
C GLY C 391 -12.90 -56.91 37.07
N VAL C 392 -13.83 -57.85 36.94
CA VAL C 392 -14.50 -58.45 38.09
C VAL C 392 -14.56 -59.96 37.89
N GLY C 393 -14.79 -60.67 38.98
CA GLY C 393 -14.91 -62.11 38.94
C GLY C 393 -13.57 -62.83 38.98
N GLU C 394 -13.60 -64.10 38.59
CA GLU C 394 -12.40 -64.91 38.60
C GLU C 394 -11.41 -64.50 37.50
N LYS C 395 -11.87 -63.80 36.47
CA LYS C 395 -11.01 -63.39 35.38
C LYS C 395 -10.45 -62.00 35.57
N LYS C 396 -10.64 -61.38 36.73
CA LYS C 396 -10.14 -60.04 36.98
C LYS C 396 -8.62 -60.02 36.95
N ILE C 397 -8.07 -58.89 36.52
CA ILE C 397 -6.63 -58.72 36.44
C ILE C 397 -6.10 -58.25 37.78
N THR C 398 -4.95 -58.79 38.18
CA THR C 398 -4.25 -58.34 39.37
C THR C 398 -2.81 -58.00 39.00
N HIS C 399 -2.39 -56.79 39.33
CA HIS C 399 -1.06 -56.32 38.99
C HIS C 399 -0.49 -55.53 40.16
N HIS C 400 0.55 -56.09 40.78
CA HIS C 400 1.18 -55.46 41.93
C HIS C 400 1.86 -54.15 41.53
N TRP C 401 1.73 -53.13 42.38
CA TRP C 401 2.33 -51.84 42.12
C TRP C 401 2.96 -51.29 43.38
N HIS C 402 4.04 -50.53 43.19
CA HIS C 402 4.69 -49.82 44.28
C HIS C 402 4.96 -48.38 43.85
N ARG C 403 4.57 -47.43 44.68
CA ARG C 403 4.76 -46.01 44.41
C ARG C 403 5.67 -45.42 45.47
N SER C 404 6.74 -44.76 45.03
CA SER C 404 7.66 -44.10 45.94
C SER C 404 7.59 -42.58 45.77
N MET D 1 14.70 -24.23 -18.19
CA MET D 1 14.91 -22.93 -17.59
C MET D 1 13.57 -22.20 -17.50
N ILE D 2 12.63 -22.59 -18.37
CA ILE D 2 11.27 -22.08 -18.27
C ILE D 2 10.64 -22.50 -16.95
N ARG D 3 10.86 -23.75 -16.54
CA ARG D 3 10.30 -24.23 -15.29
C ARG D 3 10.87 -23.50 -14.09
N CYS D 4 12.19 -23.26 -14.08
CA CYS D 4 12.82 -22.64 -12.92
C CYS D 4 12.34 -21.20 -12.71
N ILE D 5 12.17 -20.43 -13.78
CA ILE D 5 11.76 -19.04 -13.61
C ILE D 5 10.30 -18.90 -13.22
N GLY D 6 9.48 -19.92 -13.42
CA GLY D 6 8.07 -19.86 -13.15
C GLY D 6 7.61 -20.40 -11.81
N VAL D 7 8.47 -21.11 -11.08
CA VAL D 7 8.07 -21.67 -9.81
C VAL D 7 8.14 -20.61 -8.72
N SER D 8 7.06 -20.50 -7.95
CA SER D 8 7.07 -19.58 -6.81
C SER D 8 8.02 -20.05 -5.72
N ASN D 9 8.24 -21.36 -5.63
CA ASN D 9 9.12 -21.94 -4.63
C ASN D 9 10.56 -22.01 -5.15
N ARG D 10 11.08 -20.84 -5.52
CA ARG D 10 12.41 -20.71 -6.09
C ARG D 10 13.28 -19.93 -5.10
N ASP D 11 14.43 -20.50 -4.78
CA ASP D 11 15.38 -19.88 -3.88
C ASP D 11 16.68 -19.57 -4.61
N PHE D 12 17.30 -18.46 -4.24
CA PHE D 12 18.55 -17.99 -4.84
C PHE D 12 19.66 -18.20 -3.82
N VAL D 13 20.64 -19.01 -4.17
CA VAL D 13 21.79 -19.27 -3.32
C VAL D 13 23.02 -18.62 -3.92
N GLU D 14 23.71 -17.79 -3.14
CA GLU D 14 24.93 -17.13 -3.58
C GLU D 14 26.12 -17.82 -2.94
N GLY D 15 27.08 -18.21 -3.76
CA GLY D 15 28.30 -18.83 -3.28
C GLY D 15 29.37 -17.80 -3.00
N MET D 16 30.22 -18.10 -2.02
CA MET D 16 31.32 -17.22 -1.68
C MET D 16 32.35 -17.24 -2.81
N SER D 17 33.17 -16.17 -2.86
CA SER D 17 34.09 -16.01 -3.97
C SER D 17 35.06 -17.17 -4.10
N GLY D 18 35.31 -17.90 -3.00
CA GLY D 18 36.11 -19.10 -3.09
C GLY D 18 35.47 -20.16 -3.97
N GLY D 19 34.14 -20.25 -3.92
CA GLY D 19 33.39 -21.10 -4.83
C GLY D 19 33.71 -22.58 -4.71
N THR D 20 33.72 -23.11 -3.50
CA THR D 20 33.96 -24.53 -3.28
C THR D 20 32.74 -25.29 -2.80
N TRP D 21 32.11 -24.86 -1.71
CA TRP D 21 30.92 -25.53 -1.18
C TRP D 21 29.77 -24.54 -1.11
N VAL D 22 28.57 -25.02 -1.45
CA VAL D 22 27.33 -24.28 -1.22
C VAL D 22 26.29 -25.28 -0.73
N ASP D 23 25.49 -24.88 0.26
CA ASP D 23 24.43 -25.73 0.78
C ASP D 23 23.11 -25.39 0.11
N VAL D 24 22.43 -26.42 -0.41
CA VAL D 24 21.16 -26.23 -1.08
C VAL D 24 20.14 -27.20 -0.48
N VAL D 25 18.86 -26.81 -0.59
CA VAL D 25 17.74 -27.64 -0.17
C VAL D 25 16.84 -27.82 -1.37
N LEU D 26 16.57 -29.08 -1.74
CA LEU D 26 15.76 -29.38 -2.90
C LEU D 26 14.38 -29.85 -2.48
N GLU D 27 13.37 -29.36 -3.20
CA GLU D 27 11.98 -29.71 -2.92
C GLU D 27 11.32 -30.12 -4.23
N HIS D 28 10.26 -30.91 -4.10
CA HIS D 28 9.47 -31.29 -5.27
C HIS D 28 8.86 -30.06 -5.93
N GLY D 29 8.95 -30.01 -7.25
CA GLY D 29 8.42 -28.88 -7.99
C GLY D 29 9.15 -27.58 -7.77
N GLY D 30 10.37 -27.63 -7.23
CA GLY D 30 11.12 -26.43 -6.95
C GLY D 30 12.42 -26.42 -7.73
N CYS D 31 13.03 -25.24 -7.75
CA CYS D 31 14.31 -25.04 -8.43
C CYS D 31 15.22 -24.22 -7.53
N VAL D 32 16.50 -24.58 -7.52
CA VAL D 32 17.52 -23.85 -6.79
C VAL D 32 18.48 -23.26 -7.81
N THR D 33 18.64 -21.94 -7.77
CA THR D 33 19.52 -21.22 -8.68
C THR D 33 20.73 -20.75 -7.89
N VAL D 34 21.89 -21.31 -8.19
CA VAL D 34 23.12 -21.03 -7.46
C VAL D 34 23.98 -20.09 -8.31
N MET D 35 24.47 -19.02 -7.68
CA MET D 35 25.28 -18.01 -8.34
C MET D 35 26.59 -17.86 -7.61
N ALA D 36 27.69 -17.75 -8.37
CA ALA D 36 29.00 -17.56 -7.79
C ALA D 36 29.79 -16.59 -8.65
N GLN D 37 30.76 -15.93 -8.01
CA GLN D 37 31.59 -14.96 -8.71
C GLN D 37 32.47 -15.64 -9.75
N ASP D 38 32.44 -15.12 -10.98
CA ASP D 38 33.23 -15.64 -12.08
C ASP D 38 32.95 -17.11 -12.36
N LYS D 39 31.73 -17.55 -12.09
CA LYS D 39 31.31 -18.92 -12.38
C LYS D 39 29.93 -18.90 -13.01
N PRO D 40 29.64 -19.85 -13.90
CA PRO D 40 28.32 -19.89 -14.53
C PRO D 40 27.23 -20.21 -13.51
N THR D 41 26.05 -19.67 -13.77
CA THR D 41 24.89 -19.93 -12.92
C THR D 41 24.32 -21.31 -13.22
N VAL D 42 24.03 -22.06 -12.17
CA VAL D 42 23.57 -23.44 -12.30
C VAL D 42 22.19 -23.57 -11.65
N ASP D 43 21.32 -24.32 -12.32
CA ASP D 43 19.99 -24.62 -11.83
C ASP D 43 19.97 -26.06 -11.33
N ILE D 44 19.52 -26.25 -10.10
CA ILE D 44 19.43 -27.57 -9.49
C ILE D 44 17.97 -27.88 -9.22
N GLU D 45 17.48 -28.99 -9.76
CA GLU D 45 16.07 -29.34 -9.63
C GLU D 45 15.95 -30.80 -9.25
N LEU D 46 15.10 -31.05 -8.25
CA LEU D 46 14.76 -32.41 -7.82
C LEU D 46 13.54 -32.86 -8.62
N VAL D 47 13.74 -33.85 -9.48
CA VAL D 47 12.69 -34.24 -10.42
C VAL D 47 11.77 -35.31 -9.83
N THR D 48 12.32 -36.46 -9.47
CA THR D 48 11.51 -37.59 -9.02
C THR D 48 12.10 -38.21 -7.76
N THR D 49 11.22 -38.70 -6.89
CA THR D 49 11.59 -39.55 -5.77
C THR D 49 10.88 -40.88 -5.92
N THR D 50 11.65 -41.97 -5.89
CA THR D 50 11.14 -43.30 -6.18
C THR D 50 11.48 -44.26 -5.05
N VAL D 51 10.50 -45.08 -4.67
CA VAL D 51 10.68 -46.15 -3.71
C VAL D 51 10.46 -47.47 -4.42
N SER D 52 11.34 -48.43 -4.19
CA SER D 52 11.30 -49.71 -4.88
C SER D 52 11.14 -50.85 -3.87
N ASN D 53 10.73 -52.00 -4.39
CA ASN D 53 10.59 -53.23 -3.62
C ASN D 53 9.75 -53.02 -2.36
N MET D 54 8.53 -52.54 -2.56
CA MET D 54 7.57 -52.43 -1.47
C MET D 54 6.88 -53.77 -1.26
N ALA D 55 7.02 -54.33 -0.07
CA ALA D 55 6.48 -55.65 0.23
C ALA D 55 5.15 -55.51 0.95
N GLU D 56 4.21 -56.39 0.61
CA GLU D 56 2.86 -56.35 1.17
C GLU D 56 2.93 -56.59 2.67
N VAL D 57 2.21 -55.77 3.44
CA VAL D 57 2.18 -55.93 4.89
C VAL D 57 0.83 -56.48 5.34
N ARG D 58 -0.27 -55.84 4.94
CA ARG D 58 -1.60 -56.28 5.34
C ARG D 58 -2.63 -55.79 4.34
N SER D 59 -3.60 -56.64 3.99
CA SER D 59 -4.65 -56.27 3.07
C SER D 59 -5.99 -56.22 3.79
N TYR D 60 -6.74 -55.16 3.54
CA TYR D 60 -8.03 -54.91 4.18
C TYR D 60 -9.14 -54.96 3.14
N CYS D 61 -10.26 -55.58 3.51
CA CYS D 61 -11.41 -55.73 2.61
C CYS D 61 -12.49 -54.74 3.03
N TYR D 62 -12.83 -53.85 2.10
CA TYR D 62 -13.87 -52.87 2.38
C TYR D 62 -15.20 -53.20 1.72
N GLU D 63 -15.25 -54.26 0.92
CA GLU D 63 -16.49 -54.70 0.29
C GLU D 63 -16.50 -56.22 0.22
N ALA D 64 -17.52 -56.85 0.80
CA ALA D 64 -17.58 -58.29 0.88
C ALA D 64 -18.94 -58.78 0.42
N SER D 65 -19.00 -60.08 0.11
CA SER D 65 -20.23 -60.74 -0.28
C SER D 65 -20.31 -62.08 0.44
N ILE D 66 -21.53 -62.57 0.60
CA ILE D 66 -21.80 -63.80 1.34
C ILE D 66 -22.68 -64.73 0.51
N SER D 67 -22.47 -66.03 0.68
CA SER D 67 -23.21 -67.05 -0.04
C SER D 67 -23.34 -68.26 0.87
N ASP D 68 -24.15 -69.24 0.44
CA ASP D 68 -24.35 -70.48 1.16
C ASP D 68 -24.80 -70.23 2.59
N MET D 69 -25.97 -69.61 2.76
CA MET D 69 -26.50 -69.30 4.07
C MET D 69 -27.19 -70.53 4.64
N ALA D 70 -26.74 -70.96 5.83
CA ALA D 70 -27.27 -72.16 6.45
C ALA D 70 -27.58 -71.88 7.92
N SER D 71 -28.53 -72.66 8.45
CA SER D 71 -28.94 -72.54 9.84
C SER D 71 -29.30 -73.92 10.36
N ASP D 72 -29.08 -74.11 11.66
CA ASP D 72 -29.46 -75.36 12.32
C ASP D 72 -29.96 -75.03 13.72
N SER D 73 -31.00 -75.72 14.15
CA SER D 73 -31.64 -75.47 15.43
C SER D 73 -31.83 -76.77 16.19
N ARG D 74 -31.77 -76.67 17.52
CA ARG D 74 -31.99 -77.81 18.40
C ARG D 74 -32.99 -77.43 19.48
N CYS D 75 -33.80 -78.40 19.88
CA CYS D 75 -34.71 -78.22 20.99
C CYS D 75 -33.94 -78.15 22.30
N PRO D 76 -34.53 -77.56 23.33
CA PRO D 76 -33.87 -77.55 24.64
C PRO D 76 -33.62 -78.97 25.14
N THR D 77 -32.51 -79.13 25.86
CA THR D 77 -31.98 -80.39 26.39
C THR D 77 -31.46 -81.31 25.28
N GLN D 78 -31.49 -80.88 24.02
CA GLN D 78 -31.02 -81.70 22.92
C GLN D 78 -29.64 -81.30 22.43
N GLY D 79 -28.93 -80.46 23.17
CA GLY D 79 -27.56 -80.11 22.88
C GLY D 79 -27.44 -78.88 22.00
N GLU D 80 -26.18 -78.51 21.76
CA GLU D 80 -25.89 -77.34 20.95
C GLU D 80 -26.08 -77.65 19.47
N ALA D 81 -26.54 -76.65 18.73
CA ALA D 81 -26.71 -76.79 17.30
C ALA D 81 -25.35 -76.83 16.61
N TYR D 82 -25.28 -77.61 15.54
CA TYR D 82 -24.02 -77.86 14.86
C TYR D 82 -24.20 -77.74 13.35
N LEU D 83 -23.18 -77.20 12.70
CA LEU D 83 -23.09 -77.20 11.24
C LEU D 83 -21.70 -77.67 10.85
N ASP D 84 -21.64 -78.44 9.77
CA ASP D 84 -20.34 -78.91 9.28
C ASP D 84 -19.44 -77.77 8.85
N LYS D 85 -20.03 -76.62 8.51
CA LYS D 85 -19.30 -75.46 8.04
C LYS D 85 -18.93 -74.51 9.17
N GLN D 86 -19.31 -74.82 10.41
CA GLN D 86 -18.94 -74.00 11.55
C GLN D 86 -17.44 -73.97 11.79
N SER D 87 -16.72 -75.02 11.39
CA SER D 87 -15.28 -75.07 11.58
C SER D 87 -14.48 -74.62 10.37
N ASP D 88 -15.13 -74.38 9.23
CA ASP D 88 -14.40 -73.92 8.05
C ASP D 88 -13.88 -72.50 8.25
N THR D 89 -12.67 -72.25 7.77
CA THR D 89 -12.04 -70.96 7.96
C THR D 89 -12.69 -69.85 7.14
N GLN D 90 -13.33 -70.18 6.03
CA GLN D 90 -13.92 -69.16 5.17
C GLN D 90 -15.34 -68.79 5.58
N TYR D 91 -15.88 -69.40 6.62
CA TYR D 91 -17.27 -69.24 7.02
C TYR D 91 -17.35 -68.46 8.33
N VAL D 92 -18.30 -67.52 8.38
CA VAL D 92 -18.56 -66.73 9.58
C VAL D 92 -19.88 -67.21 10.18
N CYS D 93 -19.91 -67.36 11.51
CA CYS D 93 -21.04 -67.97 12.19
C CYS D 93 -21.36 -67.21 13.47
N LYS D 94 -22.62 -67.31 13.89
CA LYS D 94 -23.06 -66.76 15.16
C LYS D 94 -23.91 -67.80 15.87
N ARG D 95 -23.70 -67.96 17.17
CA ARG D 95 -24.48 -68.87 18.00
C ARG D 95 -25.27 -68.05 19.00
N THR D 96 -26.54 -68.40 19.17
CA THR D 96 -27.42 -67.65 20.06
C THR D 96 -28.45 -68.62 20.65
N LEU D 97 -29.37 -68.09 21.44
CA LEU D 97 -30.42 -68.88 22.05
C LEU D 97 -31.77 -68.29 21.68
N VAL D 98 -32.73 -69.16 21.37
CA VAL D 98 -34.06 -68.73 20.97
C VAL D 98 -35.09 -69.48 21.80
N ASP D 99 -36.26 -68.86 21.96
CA ASP D 99 -37.35 -69.49 22.69
C ASP D 99 -37.94 -70.63 21.86
N ARG D 100 -38.14 -71.78 22.52
CA ARG D 100 -38.76 -72.93 21.89
C ARG D 100 -39.95 -73.40 22.72
N GLY D 101 -40.86 -74.10 22.07
CA GLY D 101 -42.04 -74.56 22.77
C GLY D 101 -42.84 -75.52 21.91
N TRP D 102 -44.07 -75.78 22.35
CA TRP D 102 -44.92 -76.74 21.65
C TRP D 102 -45.28 -76.27 20.26
N GLY D 103 -45.32 -74.96 20.05
CA GLY D 103 -45.59 -74.38 18.75
C GLY D 103 -44.42 -74.39 17.79
N ASN D 104 -43.20 -74.64 18.27
CA ASN D 104 -42.02 -74.68 17.43
C ASN D 104 -41.46 -76.09 17.29
N GLY D 105 -42.19 -77.10 17.76
CA GLY D 105 -41.78 -78.48 17.60
C GLY D 105 -41.00 -79.08 18.74
N CYS D 106 -40.97 -78.44 19.91
CA CYS D 106 -40.26 -78.96 21.07
C CYS D 106 -41.24 -79.29 22.19
N GLY D 107 -40.90 -80.30 22.97
CA GLY D 107 -41.76 -80.76 24.06
C GLY D 107 -41.57 -79.99 25.35
N LEU D 108 -40.56 -79.13 25.43
CA LEU D 108 -40.32 -78.30 26.61
C LEU D 108 -40.24 -76.84 26.21
N PHE D 109 -40.60 -75.96 27.14
CA PHE D 109 -40.56 -74.52 26.92
C PHE D 109 -39.26 -73.99 27.50
N GLY D 110 -38.33 -73.64 26.62
CA GLY D 110 -37.03 -73.16 27.08
C GLY D 110 -36.18 -72.72 25.92
N LYS D 111 -34.95 -72.35 26.24
CA LYS D 111 -34.01 -71.82 25.26
C LYS D 111 -33.47 -72.96 24.40
N GLY D 112 -33.51 -72.77 23.10
CA GLY D 112 -32.94 -73.73 22.17
C GLY D 112 -31.71 -73.19 21.47
N SER D 113 -30.85 -74.08 21.00
CA SER D 113 -29.63 -73.66 20.32
C SER D 113 -29.91 -73.33 18.86
N LEU D 114 -29.22 -72.31 18.36
CA LEU D 114 -29.38 -71.89 16.97
C LEU D 114 -28.02 -71.37 16.48
N VAL D 115 -27.53 -71.95 15.40
CA VAL D 115 -26.30 -71.53 14.76
C VAL D 115 -26.59 -71.18 13.31
N THR D 116 -25.96 -70.12 12.82
CA THR D 116 -26.15 -69.66 11.45
C THR D 116 -24.79 -69.30 10.86
N CYS D 117 -24.47 -69.85 9.70
CA CYS D 117 -23.18 -69.66 9.06
C CYS D 117 -23.35 -69.13 7.64
N ALA D 118 -22.31 -68.48 7.14
CA ALA D 118 -22.32 -67.92 5.80
C ALA D 118 -20.89 -67.84 5.28
N LYS D 119 -20.72 -68.14 3.99
CA LYS D 119 -19.41 -68.06 3.36
C LYS D 119 -19.02 -66.61 3.17
N PHE D 120 -17.76 -66.29 3.44
CA PHE D 120 -17.26 -64.93 3.31
C PHE D 120 -16.39 -64.84 2.05
N ALA D 121 -16.79 -64.01 1.12
CA ALA D 121 -16.01 -63.73 -0.08
C ALA D 121 -15.77 -62.23 -0.19
N CYS D 122 -14.53 -61.87 -0.54
CA CYS D 122 -14.14 -60.48 -0.66
C CYS D 122 -14.02 -60.13 -2.14
N SER D 123 -14.69 -59.05 -2.54
CA SER D 123 -14.64 -58.61 -3.93
C SER D 123 -13.71 -57.42 -4.13
N LYS D 124 -13.59 -56.54 -3.14
CA LYS D 124 -12.72 -55.38 -3.24
C LYS D 124 -11.90 -55.27 -1.97
N LYS D 125 -10.60 -55.01 -2.11
CA LYS D 125 -9.71 -54.91 -0.97
C LYS D 125 -8.67 -53.82 -1.20
N MET D 126 -8.09 -53.32 -0.12
CA MET D 126 -6.97 -52.40 -0.17
C MET D 126 -5.75 -53.04 0.46
N THR D 127 -4.58 -52.67 -0.05
CA THR D 127 -3.32 -53.29 0.34
C THR D 127 -2.39 -52.25 0.91
N GLY D 128 -1.69 -52.61 1.99
CA GLY D 128 -0.66 -51.77 2.57
C GLY D 128 0.71 -52.40 2.38
N LYS D 129 1.71 -51.54 2.19
CA LYS D 129 3.06 -51.98 1.90
C LYS D 129 4.06 -51.21 2.75
N SER D 130 5.22 -51.84 2.97
CA SER D 130 6.28 -51.25 3.76
C SER D 130 7.31 -50.57 2.86
N ILE D 131 7.98 -49.57 3.40
CA ILE D 131 8.99 -48.80 2.66
C ILE D 131 10.32 -48.94 3.38
N GLN D 132 11.31 -49.50 2.68
CA GLN D 132 12.64 -49.67 3.24
C GLN D 132 13.49 -48.43 2.97
N PRO D 133 14.16 -47.91 3.99
CA PRO D 133 14.94 -46.67 3.82
C PRO D 133 16.04 -46.80 2.77
N GLU D 134 16.48 -48.02 2.50
CA GLU D 134 17.54 -48.26 1.54
C GLU D 134 17.04 -48.38 0.11
N ASN D 135 15.74 -48.19 -0.13
CA ASN D 135 15.16 -48.32 -1.46
C ASN D 135 14.73 -46.97 -2.04
N LEU D 136 15.31 -45.88 -1.54
CA LEU D 136 15.02 -44.55 -2.06
C LEU D 136 15.92 -44.25 -3.26
N GLU D 137 15.38 -43.50 -4.23
CA GLU D 137 16.17 -43.05 -5.37
C GLU D 137 15.74 -41.64 -5.73
N TYR D 138 16.69 -40.72 -5.77
CA TYR D 138 16.46 -39.34 -6.14
C TYR D 138 17.08 -39.07 -7.51
N ARG D 139 16.33 -38.42 -8.39
CA ARG D 139 16.79 -38.08 -9.73
C ARG D 139 16.81 -36.55 -9.82
N ILE D 140 18.01 -35.99 -9.92
CA ILE D 140 18.21 -34.55 -9.86
C ILE D 140 18.75 -34.05 -11.19
N MET D 141 18.18 -32.98 -11.70
CA MET D 141 18.62 -32.35 -12.95
C MET D 141 19.55 -31.20 -12.64
N LEU D 142 20.65 -31.12 -13.37
CA LEU D 142 21.62 -30.03 -13.24
C LEU D 142 21.80 -29.40 -14.62
N SER D 143 21.57 -28.09 -14.72
CA SER D 143 21.64 -27.39 -15.98
C SER D 143 22.37 -26.07 -15.80
N VAL D 144 23.03 -25.61 -16.86
CA VAL D 144 23.61 -24.28 -16.89
C VAL D 144 22.53 -23.28 -17.26
N HIS D 145 22.36 -22.25 -16.44
CA HIS D 145 21.25 -21.32 -16.61
C HIS D 145 21.48 -20.44 -17.83
N GLY D 146 20.50 -20.38 -18.73
CA GLY D 146 20.60 -19.54 -19.90
C GLY D 146 21.50 -20.11 -20.97
N SER D 147 21.12 -21.27 -21.53
CA SER D 147 21.95 -22.02 -22.46
C SER D 147 21.54 -21.80 -23.91
N GLN D 148 20.67 -20.82 -24.19
CA GLN D 148 20.22 -20.48 -25.53
C GLN D 148 19.32 -21.59 -26.11
N HIS D 149 19.22 -22.69 -25.38
CA HIS D 149 18.34 -23.79 -25.75
C HIS D 149 17.55 -24.32 -24.57
N SER D 150 17.90 -23.91 -23.35
CA SER D 150 17.05 -24.21 -22.20
C SER D 150 15.77 -23.39 -22.23
N GLY D 151 15.75 -22.32 -23.03
CA GLY D 151 14.51 -21.59 -23.24
C GLY D 151 13.43 -22.43 -23.87
N MET D 152 13.82 -23.42 -24.67
CA MET D 152 12.85 -24.39 -25.17
C MET D 152 12.89 -25.69 -24.37
N ILE D 153 13.79 -25.80 -23.40
CA ILE D 153 13.83 -26.97 -22.53
C ILE D 153 13.16 -26.66 -21.20
N VAL D 154 12.05 -27.32 -20.94
CA VAL D 154 11.32 -27.16 -19.69
C VAL D 154 11.23 -28.52 -18.98
N ASN D 155 11.02 -29.58 -19.75
CA ASN D 155 10.93 -30.93 -19.19
C ASN D 155 12.20 -31.72 -19.48
N ASP D 156 12.18 -33.01 -19.16
CA ASP D 156 13.34 -33.89 -19.29
C ASP D 156 13.29 -34.66 -20.62
N THR D 157 13.35 -33.94 -21.74
CA THR D 157 13.34 -34.54 -23.06
C THR D 157 14.54 -34.11 -23.90
N GLY D 158 15.49 -33.43 -23.27
CA GLY D 158 16.70 -32.96 -23.93
C GLY D 158 17.91 -33.24 -23.07
N HIS D 159 17.87 -34.38 -22.37
CA HIS D 159 18.71 -34.65 -21.21
C HIS D 159 19.99 -35.42 -21.48
N GLU D 160 19.96 -36.57 -22.17
CA GLU D 160 21.13 -37.44 -22.22
C GLU D 160 22.22 -36.88 -23.14
N THR D 161 21.84 -36.41 -24.32
CA THR D 161 22.80 -36.11 -25.37
C THR D 161 23.37 -34.71 -25.31
N ASP D 162 23.00 -33.90 -24.31
CA ASP D 162 23.43 -32.51 -24.23
C ASP D 162 24.60 -32.37 -23.25
N GLU D 163 25.58 -31.56 -23.63
CA GLU D 163 26.78 -31.37 -22.84
C GLU D 163 26.63 -30.36 -21.73
N ASN D 164 25.57 -29.55 -21.73
CA ASN D 164 25.43 -28.50 -20.74
C ASN D 164 24.32 -28.77 -19.72
N ARG D 165 23.77 -29.98 -19.68
CA ARG D 165 22.90 -30.39 -18.60
C ARG D 165 23.16 -31.86 -18.26
N ALA D 166 22.85 -32.24 -17.03
CA ALA D 166 23.13 -33.60 -16.58
C ALA D 166 22.19 -34.00 -15.47
N LYS D 167 21.92 -35.30 -15.38
CA LYS D 167 21.17 -35.88 -14.28
C LYS D 167 22.13 -36.56 -13.33
N VAL D 168 21.74 -36.66 -12.07
CA VAL D 168 22.44 -37.48 -11.10
C VAL D 168 21.43 -38.37 -10.42
N GLU D 169 21.92 -39.50 -9.91
CA GLU D 169 21.10 -40.45 -9.17
C GLU D 169 21.63 -40.54 -7.74
N ILE D 170 20.73 -40.34 -6.77
CA ILE D 170 21.10 -40.30 -5.36
C ILE D 170 20.35 -41.42 -4.64
N THR D 171 21.10 -42.28 -3.98
CA THR D 171 20.59 -43.37 -3.18
C THR D 171 21.28 -43.39 -1.82
N PRO D 172 20.67 -44.00 -0.80
CA PRO D 172 21.31 -44.05 0.52
C PRO D 172 22.67 -44.74 0.52
N ASN D 173 22.90 -45.70 -0.37
CA ASN D 173 24.20 -46.35 -0.47
C ASN D 173 25.15 -45.60 -1.38
N SER D 174 24.63 -44.78 -2.30
CA SER D 174 25.44 -43.96 -3.20
C SER D 174 24.91 -42.53 -3.14
N PRO D 175 25.16 -41.82 -2.05
CA PRO D 175 24.61 -40.47 -1.91
C PRO D 175 25.48 -39.40 -2.56
N ARG D 176 26.45 -39.84 -3.35
CA ARG D 176 27.38 -38.94 -4.00
C ARG D 176 27.28 -39.12 -5.51
N ALA D 177 27.45 -38.02 -6.24
CA ALA D 177 27.38 -38.07 -7.69
C ALA D 177 28.27 -36.98 -8.28
N GLU D 178 28.66 -37.20 -9.53
CA GLU D 178 29.48 -36.27 -10.30
C GLU D 178 28.78 -35.98 -11.62
N ALA D 179 28.65 -34.71 -11.96
CA ALA D 179 27.99 -34.29 -13.20
C ALA D 179 28.99 -33.56 -14.06
N THR D 180 29.21 -34.06 -15.28
CA THR D 180 30.10 -33.40 -16.23
C THR D 180 29.31 -32.43 -17.08
N LEU D 181 29.89 -31.26 -17.35
CA LEU D 181 29.24 -30.21 -18.12
C LEU D 181 30.10 -29.72 -19.27
N GLY D 182 30.95 -30.59 -19.81
CA GLY D 182 31.73 -30.23 -20.98
C GLY D 182 32.71 -29.10 -20.69
N GLY D 183 32.56 -28.00 -21.44
CA GLY D 183 33.42 -26.86 -21.26
C GLY D 183 33.15 -26.04 -20.02
N PHE D 184 32.04 -26.30 -19.33
CA PHE D 184 31.73 -25.64 -18.07
C PHE D 184 32.36 -26.35 -16.88
N GLY D 185 33.10 -27.43 -17.10
CA GLY D 185 33.72 -28.15 -16.02
C GLY D 185 32.86 -29.28 -15.49
N SER D 186 32.76 -29.40 -14.17
CA SER D 186 31.98 -30.46 -13.56
C SER D 186 31.44 -30.00 -12.22
N LEU D 187 30.38 -30.67 -11.76
CA LEU D 187 29.77 -30.40 -10.47
C LEU D 187 29.72 -31.68 -9.66
N GLY D 188 29.92 -31.54 -8.36
CA GLY D 188 29.82 -32.66 -7.43
C GLY D 188 28.72 -32.43 -6.43
N LEU D 189 28.01 -33.51 -6.07
CA LEU D 189 26.88 -33.45 -5.15
C LEU D 189 27.15 -34.39 -3.97
N ASP D 190 27.06 -33.86 -2.76
CA ASP D 190 27.17 -34.64 -1.53
C ASP D 190 25.82 -34.55 -0.82
N CYS D 191 24.90 -35.43 -1.20
CA CYS D 191 23.54 -35.37 -0.68
C CYS D 191 23.41 -36.16 0.62
N GLU D 192 22.30 -35.92 1.31
CA GLU D 192 22.03 -36.51 2.62
C GLU D 192 20.68 -37.19 2.59
N PRO D 193 20.59 -38.42 2.09
CA PRO D 193 19.34 -39.17 2.13
C PRO D 193 19.08 -39.70 3.54
N ARG D 194 17.89 -40.30 3.70
CA ARG D 194 17.47 -40.95 4.94
C ARG D 194 17.25 -39.95 6.06
N THR D 195 17.52 -38.67 5.80
CA THR D 195 17.23 -37.62 6.78
C THR D 195 16.29 -36.56 6.23
N GLY D 196 15.98 -36.59 4.94
CA GLY D 196 15.04 -35.65 4.36
C GLY D 196 13.64 -35.82 4.93
N LEU D 197 13.05 -37.00 4.75
CA LEU D 197 11.77 -37.33 5.34
C LEU D 197 11.84 -38.75 5.89
N ASP D 198 11.25 -38.96 7.06
CA ASP D 198 11.33 -40.24 7.76
C ASP D 198 10.18 -41.14 7.31
N PHE D 199 10.54 -42.29 6.76
CA PHE D 199 9.58 -43.32 6.36
C PHE D 199 9.51 -44.44 7.39
N SER D 200 9.85 -44.16 8.64
CA SER D 200 9.93 -45.19 9.67
C SER D 200 8.60 -45.52 10.30
N ASP D 201 7.64 -44.57 10.30
CA ASP D 201 6.32 -44.80 10.87
C ASP D 201 5.23 -44.63 9.81
N LEU D 202 5.52 -44.99 8.57
CA LEU D 202 4.58 -44.80 7.48
C LEU D 202 4.54 -46.04 6.60
N TYR D 203 3.34 -46.40 6.15
CA TYR D 203 3.12 -47.45 5.16
C TYR D 203 2.63 -46.82 3.87
N TYR D 204 2.67 -47.61 2.79
CA TYR D 204 2.19 -47.17 1.49
C TYR D 204 0.90 -47.91 1.17
N LEU D 205 -0.20 -47.17 1.10
CA LEU D 205 -1.54 -47.74 1.00
C LEU D 205 -2.02 -47.65 -0.45
N THR D 206 -2.43 -48.80 -1.00
CA THR D 206 -3.00 -48.86 -2.33
C THR D 206 -4.46 -49.29 -2.24
N MET D 207 -5.35 -48.48 -2.81
CA MET D 207 -6.77 -48.77 -2.72
C MET D 207 -7.45 -48.27 -4.00
N ASN D 208 -7.80 -49.20 -4.88
CA ASN D 208 -8.55 -48.90 -6.10
C ASN D 208 -7.87 -47.82 -6.92
N ASN D 209 -6.60 -48.08 -7.26
CA ASN D 209 -5.74 -47.24 -8.10
C ASN D 209 -5.42 -45.90 -7.47
N LYS D 210 -5.77 -45.67 -6.20
CA LYS D 210 -5.44 -44.44 -5.50
C LYS D 210 -4.51 -44.78 -4.35
N HIS D 211 -3.54 -43.91 -4.09
CA HIS D 211 -2.43 -44.25 -3.22
C HIS D 211 -2.19 -43.14 -2.20
N TRP D 212 -1.76 -43.52 -1.00
CA TRP D 212 -1.46 -42.57 0.06
C TRP D 212 -0.28 -43.08 0.88
N LEU D 213 0.20 -42.21 1.76
CA LEU D 213 1.15 -42.57 2.82
C LEU D 213 0.44 -42.41 4.15
N VAL D 214 0.43 -43.48 4.95
CA VAL D 214 -0.39 -43.53 6.15
C VAL D 214 0.46 -43.88 7.35
N HIS D 215 -0.02 -43.47 8.53
CA HIS D 215 0.66 -43.78 9.78
C HIS D 215 0.56 -45.27 10.10
N LYS D 216 1.56 -45.76 10.83
CA LYS D 216 1.57 -47.17 11.22
C LYS D 216 0.40 -47.52 12.13
N GLU D 217 0.24 -46.76 13.22
CA GLU D 217 -0.77 -47.09 14.21
C GLU D 217 -2.17 -46.99 13.62
N TRP D 218 -2.43 -45.95 12.83
CA TRP D 218 -3.73 -45.81 12.20
C TRP D 218 -4.01 -46.94 11.24
N PHE D 219 -2.97 -47.51 10.63
CA PHE D 219 -3.17 -48.65 9.74
C PHE D 219 -3.44 -49.93 10.52
N HIS D 220 -2.79 -50.12 11.68
CA HIS D 220 -3.10 -51.27 12.51
C HIS D 220 -4.48 -51.14 13.15
N ASP D 221 -4.97 -49.91 13.32
CA ASP D 221 -6.23 -49.67 14.01
C ASP D 221 -7.45 -49.68 13.08
N ILE D 222 -7.30 -50.17 11.86
CA ILE D 222 -8.41 -50.19 10.91
C ILE D 222 -9.34 -51.36 11.21
N PRO D 223 -10.62 -51.11 11.49
CA PRO D 223 -11.57 -52.17 11.84
C PRO D 223 -12.26 -52.82 10.64
N LEU D 224 -11.47 -53.51 9.83
CA LEU D 224 -11.97 -54.23 8.66
C LEU D 224 -11.30 -55.59 8.59
N PRO D 225 -11.91 -56.56 7.89
CA PRO D 225 -11.29 -57.89 7.76
C PRO D 225 -9.93 -57.82 7.06
N TRP D 226 -9.02 -58.71 7.44
CA TRP D 226 -7.66 -58.65 6.90
C TRP D 226 -7.04 -60.04 6.89
N HIS D 227 -6.03 -60.19 6.04
CA HIS D 227 -5.19 -61.39 5.99
C HIS D 227 -3.73 -60.99 5.97
N ALA D 228 -2.85 -61.96 6.16
CA ALA D 228 -1.42 -61.71 6.29
C ALA D 228 -0.88 -60.94 5.09
N GLY D 229 -1.24 -61.37 3.89
CA GLY D 229 -0.78 -60.70 2.68
C GLY D 229 -0.29 -61.68 1.63
N ALA D 230 -0.09 -61.19 0.41
CA ALA D 230 0.42 -62.01 -0.68
C ALA D 230 -0.48 -63.23 -0.91
N ASP D 231 -1.71 -62.99 -1.36
CA ASP D 231 -2.67 -64.07 -1.61
C ASP D 231 -2.05 -65.11 -2.53
N THR D 232 -1.84 -66.31 -2.01
CA THR D 232 -1.24 -67.41 -2.75
C THR D 232 -2.20 -68.59 -2.91
N GLY D 233 -3.51 -68.35 -2.76
CA GLY D 233 -4.47 -69.42 -2.88
C GLY D 233 -5.24 -69.65 -1.59
N THR D 234 -6.51 -69.26 -1.58
CA THR D 234 -7.42 -69.41 -0.44
C THR D 234 -6.84 -68.73 0.79
N PRO D 235 -6.81 -67.41 0.85
CA PRO D 235 -6.38 -66.72 2.05
C PRO D 235 -7.46 -66.77 3.13
N HIS D 236 -7.03 -66.54 4.37
CA HIS D 236 -7.94 -66.52 5.51
C HIS D 236 -8.08 -65.11 6.05
N TRP D 237 -9.33 -64.67 6.18
CA TRP D 237 -9.66 -63.32 6.62
C TRP D 237 -10.00 -63.36 8.10
N ASN D 238 -9.34 -62.50 8.88
CA ASN D 238 -9.64 -62.38 10.30
C ASN D 238 -10.66 -61.28 10.52
N ASN D 239 -11.43 -61.41 11.60
CA ASN D 239 -12.46 -60.45 11.99
C ASN D 239 -13.40 -60.28 10.80
N LYS D 240 -14.06 -61.37 10.41
CA LYS D 240 -15.09 -61.28 9.38
C LYS D 240 -16.31 -60.54 9.88
N GLU D 241 -16.49 -60.43 11.19
CA GLU D 241 -17.69 -59.83 11.75
C GLU D 241 -17.78 -58.33 11.46
N ALA D 242 -16.71 -57.72 10.96
CA ALA D 242 -16.73 -56.30 10.66
C ALA D 242 -17.72 -55.96 9.55
N LEU D 243 -17.85 -56.85 8.56
CA LEU D 243 -18.72 -56.58 7.42
C LEU D 243 -19.97 -57.45 7.38
N VAL D 244 -20.11 -58.42 8.28
CA VAL D 244 -21.25 -59.32 8.30
C VAL D 244 -21.97 -59.15 9.63
N GLU D 245 -23.27 -58.91 9.58
CA GLU D 245 -24.09 -58.70 10.76
C GLU D 245 -25.26 -59.69 10.76
N PHE D 246 -25.69 -60.06 11.95
CA PHE D 246 -26.78 -61.01 12.14
C PHE D 246 -27.96 -60.29 12.78
N LYS D 247 -29.17 -60.61 12.32
CA LYS D 247 -30.38 -59.96 12.79
C LYS D 247 -31.41 -61.00 13.16
N ASP D 248 -32.56 -60.52 13.64
CA ASP D 248 -33.75 -61.35 13.87
C ASP D 248 -33.49 -62.49 14.84
N ALA D 249 -32.92 -63.58 14.33
CA ALA D 249 -32.73 -64.81 15.09
C ALA D 249 -34.07 -65.42 15.51
N HIS D 250 -34.87 -65.82 14.53
CA HIS D 250 -36.10 -66.54 14.80
C HIS D 250 -35.80 -67.93 15.36
N ALA D 251 -36.87 -68.71 15.56
CA ALA D 251 -36.74 -70.02 16.18
C ALA D 251 -35.87 -70.95 15.36
N LYS D 252 -36.03 -70.95 14.04
CA LYS D 252 -35.33 -71.89 13.19
C LYS D 252 -34.36 -71.26 12.20
N ARG D 253 -34.27 -69.94 12.15
CA ARG D 253 -33.34 -69.32 11.22
C ARG D 253 -32.93 -67.94 11.73
N GLN D 254 -31.81 -67.45 11.23
CA GLN D 254 -31.26 -66.15 11.58
C GLN D 254 -30.83 -65.44 10.29
N THR D 255 -31.21 -64.18 10.17
CA THR D 255 -30.90 -63.41 8.96
C THR D 255 -29.45 -62.96 8.99
N VAL D 256 -28.75 -63.17 7.87
CA VAL D 256 -27.36 -62.76 7.73
C VAL D 256 -27.30 -61.71 6.63
N VAL D 257 -26.76 -60.54 6.96
CA VAL D 257 -26.72 -59.41 6.04
C VAL D 257 -25.30 -58.84 6.03
N VAL D 258 -24.94 -58.21 4.92
CA VAL D 258 -23.62 -57.59 4.75
C VAL D 258 -23.77 -56.08 4.87
N LEU D 259 -22.75 -55.44 5.41
CA LEU D 259 -22.67 -53.99 5.31
C LEU D 259 -22.21 -53.59 3.92
N GLY D 260 -22.50 -52.35 3.54
CA GLY D 260 -22.09 -51.85 2.25
C GLY D 260 -20.59 -51.63 2.18
N SER D 261 -20.16 -51.15 1.03
CA SER D 261 -18.76 -50.82 0.83
C SER D 261 -18.35 -49.69 1.77
N GLN D 262 -17.18 -49.83 2.39
CA GLN D 262 -16.64 -48.83 3.29
C GLN D 262 -15.71 -47.85 2.58
N GLU D 263 -15.87 -47.71 1.26
CA GLU D 263 -15.00 -46.82 0.49
C GLU D 263 -15.13 -45.37 0.96
N GLY D 264 -16.36 -44.91 1.18
CA GLY D 264 -16.56 -43.54 1.61
C GLY D 264 -15.97 -43.27 2.99
N ALA D 265 -16.13 -44.22 3.91
CA ALA D 265 -15.62 -44.02 5.26
C ALA D 265 -14.10 -43.93 5.27
N VAL D 266 -13.43 -44.84 4.55
CA VAL D 266 -11.97 -44.83 4.55
C VAL D 266 -11.44 -43.61 3.79
N HIS D 267 -12.13 -43.20 2.73
CA HIS D 267 -11.76 -41.95 2.08
C HIS D 267 -11.88 -40.77 3.04
N THR D 268 -12.96 -40.72 3.82
CA THR D 268 -13.11 -39.66 4.81
C THR D 268 -12.02 -39.70 5.86
N ALA D 269 -11.57 -40.89 6.25
CA ALA D 269 -10.50 -41.02 7.23
C ALA D 269 -9.13 -40.74 6.65
N LEU D 270 -8.99 -40.62 5.33
CA LEU D 270 -7.72 -40.33 4.70
C LEU D 270 -7.60 -38.88 4.26
N ALA D 271 -8.36 -37.98 4.89
CA ALA D 271 -8.39 -36.58 4.48
C ALA D 271 -7.02 -35.93 4.64
N GLY D 272 -6.37 -36.15 5.76
CA GLY D 272 -5.08 -35.53 6.02
C GLY D 272 -3.90 -36.27 5.45
N ALA D 273 -4.16 -37.38 4.76
CA ALA D 273 -3.09 -38.22 4.24
C ALA D 273 -2.35 -37.54 3.09
N LEU D 274 -1.12 -38.00 2.86
CA LEU D 274 -0.31 -37.53 1.75
C LEU D 274 -0.54 -38.42 0.54
N GLU D 275 -0.89 -37.81 -0.58
CA GLU D 275 -1.19 -38.56 -1.79
C GLU D 275 0.10 -39.13 -2.39
N ALA D 276 -0.06 -40.12 -3.27
CA ALA D 276 1.07 -40.77 -3.89
C ALA D 276 0.63 -41.37 -5.23
N GLU D 277 1.63 -41.72 -6.04
CA GLU D 277 1.40 -42.32 -7.34
C GLU D 277 2.27 -43.56 -7.50
N MET D 278 1.81 -44.48 -8.34
CA MET D 278 2.48 -45.76 -8.56
C MET D 278 2.83 -45.87 -10.04
N ASP D 279 4.14 -45.84 -10.34
CA ASP D 279 4.63 -45.94 -11.71
C ASP D 279 5.39 -47.25 -11.84
N GLY D 280 4.84 -48.18 -12.62
CA GLY D 280 5.46 -49.48 -12.77
C GLY D 280 5.38 -50.30 -11.50
N ALA D 281 6.48 -50.95 -11.14
CA ALA D 281 6.57 -51.73 -9.91
C ALA D 281 7.06 -50.92 -8.72
N LYS D 282 7.18 -49.59 -8.88
CA LYS D 282 7.75 -48.73 -7.86
C LYS D 282 6.84 -47.54 -7.61
N GLY D 283 6.88 -47.02 -6.38
CA GLY D 283 6.04 -45.90 -6.00
C GLY D 283 6.72 -44.56 -6.26
N ARG D 284 5.90 -43.55 -6.54
CA ARG D 284 6.37 -42.20 -6.81
C ARG D 284 5.90 -41.28 -5.69
N LEU D 285 6.84 -40.56 -5.08
CA LEU D 285 6.52 -39.62 -4.02
C LEU D 285 6.65 -38.19 -4.51
N SER D 286 5.88 -37.29 -3.89
CA SER D 286 5.87 -35.89 -4.28
C SER D 286 5.83 -34.97 -3.06
N SER D 287 6.42 -35.41 -1.95
CA SER D 287 6.46 -34.59 -0.73
C SER D 287 7.72 -34.99 0.04
N GLY D 288 8.75 -34.18 -0.08
CA GLY D 288 10.00 -34.46 0.62
C GLY D 288 10.99 -33.33 0.44
N HIS D 289 11.96 -33.29 1.35
CA HIS D 289 13.06 -32.33 1.30
C HIS D 289 14.36 -33.10 1.13
N LEU D 290 15.33 -32.49 0.44
CA LEU D 290 16.64 -33.09 0.26
C LEU D 290 17.73 -32.06 0.47
N LYS D 291 18.73 -32.43 1.25
CA LYS D 291 19.86 -31.56 1.57
C LYS D 291 21.10 -32.10 0.85
N CYS D 292 21.75 -31.23 0.08
CA CYS D 292 22.93 -31.62 -0.68
C CYS D 292 23.95 -30.49 -0.62
N ARG D 293 25.22 -30.88 -0.76
CA ARG D 293 26.32 -29.93 -0.88
C ARG D 293 26.87 -30.00 -2.30
N LEU D 294 27.02 -28.84 -2.92
CA LEU D 294 27.45 -28.74 -4.32
C LEU D 294 28.92 -28.34 -4.37
N LYS D 295 29.71 -29.12 -5.09
CA LYS D 295 31.12 -28.79 -5.34
C LYS D 295 31.18 -27.93 -6.60
N MET D 296 31.64 -26.69 -6.44
CA MET D 296 31.74 -25.75 -7.55
C MET D 296 33.19 -25.42 -7.87
N ASP D 297 34.13 -26.17 -7.28
CA ASP D 297 35.55 -25.93 -7.51
C ASP D 297 35.95 -26.19 -8.95
N LYS D 298 35.30 -27.12 -9.63
CA LYS D 298 35.60 -27.45 -11.01
C LYS D 298 34.59 -26.87 -11.99
N LEU D 299 33.91 -25.80 -11.61
CA LEU D 299 32.97 -25.12 -12.50
C LEU D 299 33.65 -23.90 -13.11
N ARG D 300 33.63 -23.82 -14.44
CA ARG D 300 34.35 -22.79 -15.17
C ARG D 300 33.40 -22.09 -16.14
N LEU D 301 33.67 -20.81 -16.38
CA LEU D 301 32.92 -20.03 -17.35
C LEU D 301 33.44 -20.36 -18.74
N LYS D 302 32.64 -21.07 -19.52
CA LYS D 302 32.99 -21.36 -20.90
C LYS D 302 32.65 -20.16 -21.78
N GLY D 303 33.62 -19.71 -22.55
CA GLY D 303 33.42 -18.60 -23.46
C GLY D 303 33.80 -17.24 -22.93
N VAL D 304 34.70 -17.16 -21.94
CA VAL D 304 35.17 -15.86 -21.47
C VAL D 304 35.96 -15.12 -22.55
N SER D 305 36.56 -15.85 -23.49
CA SER D 305 37.38 -15.26 -24.53
C SER D 305 36.59 -14.98 -25.81
N TYR D 306 35.28 -15.20 -25.79
CA TYR D 306 34.45 -14.91 -26.95
C TYR D 306 34.42 -13.41 -27.21
N SER D 307 34.49 -13.04 -28.48
CA SER D 307 34.33 -11.65 -28.86
C SER D 307 32.86 -11.25 -28.80
N LEU D 308 32.61 -9.96 -28.60
CA LEU D 308 31.25 -9.47 -28.47
C LEU D 308 30.50 -9.62 -29.79
N CYS D 309 29.20 -9.91 -29.69
CA CYS D 309 28.36 -9.98 -30.87
C CYS D 309 28.25 -8.61 -31.51
N THR D 310 28.34 -8.56 -32.85
CA THR D 310 28.41 -7.31 -33.57
C THR D 310 27.08 -6.89 -34.20
N ALA D 311 26.22 -7.84 -34.55
CA ALA D 311 25.00 -7.54 -35.26
C ALA D 311 23.94 -7.03 -34.29
N ALA D 312 22.71 -6.87 -34.79
CA ALA D 312 21.64 -6.26 -34.02
C ALA D 312 20.79 -7.31 -33.33
N PHE D 313 20.30 -6.97 -32.14
CA PHE D 313 19.38 -7.80 -31.40
C PHE D 313 17.98 -7.20 -31.47
N THR D 314 16.96 -8.04 -31.37
CA THR D 314 15.57 -7.61 -31.32
C THR D 314 14.83 -8.40 -30.26
N PHE D 315 13.77 -7.81 -29.71
CA PHE D 315 12.93 -8.52 -28.76
C PHE D 315 12.01 -9.48 -29.48
N THR D 316 11.90 -10.70 -28.98
CA THR D 316 10.83 -11.61 -29.33
C THR D 316 9.81 -11.74 -28.22
N LYS D 317 10.27 -11.79 -26.97
CA LYS D 317 9.44 -11.68 -25.79
C LYS D 317 9.92 -10.47 -25.00
N ILE D 318 9.01 -9.54 -24.72
CA ILE D 318 9.36 -8.30 -24.05
C ILE D 318 9.76 -8.61 -22.60
N PRO D 319 10.54 -7.75 -21.95
CA PRO D 319 10.93 -8.02 -20.56
C PRO D 319 9.71 -8.18 -19.67
N ALA D 320 9.76 -9.18 -18.79
CA ALA D 320 8.67 -9.51 -17.89
C ALA D 320 9.21 -9.72 -16.50
N GLU D 321 8.51 -9.20 -15.50
CA GLU D 321 8.91 -9.36 -14.12
C GLU D 321 8.45 -10.70 -13.59
N THR D 322 9.38 -11.45 -12.99
CA THR D 322 9.04 -12.71 -12.34
C THR D 322 8.50 -12.44 -10.95
N LEU D 323 8.12 -13.50 -10.25
CA LEU D 323 7.59 -13.35 -8.90
C LEU D 323 8.66 -13.01 -7.88
N HIS D 324 9.94 -13.12 -8.24
CA HIS D 324 11.04 -12.81 -7.34
C HIS D 324 11.76 -11.52 -7.70
N GLY D 325 11.17 -10.71 -8.56
CA GLY D 325 11.74 -9.43 -8.94
C GLY D 325 12.72 -9.47 -10.08
N THR D 326 13.06 -10.65 -10.59
CA THR D 326 13.95 -10.75 -11.73
C THR D 326 13.20 -10.50 -13.03
N VAL D 327 13.94 -10.19 -14.08
CA VAL D 327 13.39 -9.87 -15.39
C VAL D 327 13.84 -10.91 -16.39
N THR D 328 12.90 -11.45 -17.14
CA THR D 328 13.17 -12.42 -18.18
C THR D 328 12.98 -11.76 -19.55
N VAL D 329 13.95 -11.96 -20.44
CA VAL D 329 13.93 -11.37 -21.77
C VAL D 329 14.30 -12.44 -22.77
N GLU D 330 13.58 -12.49 -23.90
CA GLU D 330 13.96 -13.32 -25.03
C GLU D 330 14.34 -12.42 -26.20
N VAL D 331 15.52 -12.66 -26.77
CA VAL D 331 16.07 -11.82 -27.82
C VAL D 331 16.42 -12.69 -29.02
N GLN D 332 16.52 -12.03 -30.18
CA GLN D 332 16.88 -12.68 -31.42
C GLN D 332 18.08 -11.96 -32.03
N TYR D 333 19.08 -12.73 -32.42
CA TYR D 333 20.33 -12.20 -32.95
C TYR D 333 20.33 -12.30 -34.47
N ALA D 334 20.54 -11.16 -35.13
CA ALA D 334 20.49 -11.09 -36.59
C ALA D 334 21.87 -11.23 -37.22
N GLY D 335 22.76 -11.99 -36.60
CA GLY D 335 24.12 -12.10 -37.09
C GLY D 335 24.55 -13.55 -37.23
N THR D 336 25.72 -13.72 -37.85
CA THR D 336 26.33 -15.03 -38.09
C THR D 336 27.68 -15.16 -37.41
N ASP D 337 27.90 -14.43 -36.33
CA ASP D 337 29.18 -14.40 -35.61
C ASP D 337 29.50 -15.70 -34.91
N GLY D 338 28.71 -16.76 -35.06
CA GLY D 338 28.98 -18.01 -34.38
C GLY D 338 28.92 -17.83 -32.88
N PRO D 339 29.83 -18.46 -32.16
CA PRO D 339 29.91 -18.23 -30.71
C PRO D 339 30.40 -16.84 -30.39
N CYS D 340 29.49 -15.98 -29.93
CA CYS D 340 29.81 -14.60 -29.57
C CYS D 340 29.19 -14.25 -28.23
N LYS D 341 29.76 -13.25 -27.58
CA LYS D 341 29.34 -12.84 -26.26
C LYS D 341 28.26 -11.76 -26.36
N VAL D 342 27.15 -11.99 -25.68
CA VAL D 342 25.99 -11.09 -25.76
C VAL D 342 26.22 -9.86 -24.89
N PRO D 343 26.15 -8.65 -25.45
CA PRO D 343 26.24 -7.44 -24.62
C PRO D 343 24.93 -7.20 -23.90
N ALA D 344 24.94 -7.38 -22.58
CA ALA D 344 23.75 -7.20 -21.77
C ALA D 344 24.12 -6.58 -20.45
N GLN D 345 23.39 -5.53 -20.04
CA GLN D 345 23.67 -4.83 -18.80
C GLN D 345 22.45 -4.00 -18.43
N MET D 346 22.47 -3.49 -17.21
CA MET D 346 21.56 -2.44 -16.77
C MET D 346 22.35 -1.17 -16.52
N ALA D 347 21.76 -0.03 -16.88
CA ALA D 347 22.44 1.25 -16.77
C ALA D 347 21.55 2.27 -16.08
N VAL D 348 22.15 3.04 -15.18
CA VAL D 348 21.43 4.15 -14.55
C VAL D 348 21.07 5.21 -15.58
N ASP D 349 22.04 5.59 -16.41
CA ASP D 349 21.82 6.58 -17.46
C ASP D 349 22.32 6.01 -18.77
N MET D 350 21.74 6.50 -19.87
CA MET D 350 22.07 5.98 -21.19
C MET D 350 23.27 6.67 -21.83
N GLN D 351 23.81 7.70 -21.17
CA GLN D 351 25.03 8.35 -21.61
C GLN D 351 26.27 7.77 -20.95
N THR D 352 26.22 7.57 -19.63
CA THR D 352 27.35 6.97 -18.92
C THR D 352 27.42 5.47 -19.12
N LEU D 353 26.26 4.81 -19.26
CA LEU D 353 26.19 3.35 -19.40
C LEU D 353 26.89 2.65 -18.25
N THR D 354 26.74 3.20 -17.06
CA THR D 354 27.38 2.65 -15.87
C THR D 354 26.70 1.33 -15.49
N PRO D 355 27.43 0.23 -15.40
CA PRO D 355 26.79 -1.05 -15.07
C PRO D 355 26.19 -1.03 -13.67
N VAL D 356 24.93 -1.42 -13.57
CA VAL D 356 24.23 -1.60 -12.31
C VAL D 356 23.45 -2.91 -12.38
N GLY D 357 23.03 -3.38 -11.22
CA GLY D 357 22.29 -4.63 -11.19
C GLY D 357 23.19 -5.82 -11.42
N ARG D 358 22.58 -6.94 -11.78
CA ARG D 358 23.30 -8.20 -11.91
C ARG D 358 22.58 -9.08 -12.92
N LEU D 359 23.34 -9.91 -13.61
CA LEU D 359 22.77 -10.88 -14.54
C LEU D 359 22.69 -12.24 -13.86
N ILE D 360 21.49 -12.81 -13.81
CA ILE D 360 21.35 -14.19 -13.38
C ILE D 360 21.95 -15.13 -14.41
N THR D 361 21.64 -14.89 -15.69
CA THR D 361 22.28 -15.64 -16.77
C THR D 361 23.71 -15.13 -16.95
N ALA D 362 24.64 -15.73 -16.23
CA ALA D 362 26.02 -15.26 -16.26
C ALA D 362 26.65 -15.52 -17.63
N ASN D 363 27.42 -14.54 -18.10
CA ASN D 363 28.15 -14.59 -19.36
C ASN D 363 27.26 -15.03 -20.51
N PRO D 364 26.26 -14.23 -20.90
CA PRO D 364 25.38 -14.64 -22.00
C PRO D 364 26.13 -14.75 -23.31
N VAL D 365 25.92 -15.85 -24.02
CA VAL D 365 26.58 -16.11 -25.29
C VAL D 365 25.58 -16.68 -26.29
N ILE D 366 25.74 -16.28 -27.55
CA ILE D 366 25.05 -16.90 -28.68
C ILE D 366 25.94 -18.01 -29.18
N THR D 367 25.48 -19.25 -29.10
CA THR D 367 26.29 -20.39 -29.51
C THR D 367 26.02 -20.81 -30.95
N GLU D 368 24.91 -20.40 -31.54
CA GLU D 368 24.57 -20.80 -32.89
C GLU D 368 25.20 -19.86 -33.91
N SER D 369 25.68 -20.44 -35.01
CA SER D 369 26.26 -19.68 -36.10
C SER D 369 25.22 -19.23 -37.13
N THR D 370 23.99 -19.72 -37.02
CA THR D 370 22.94 -19.34 -37.95
C THR D 370 22.25 -18.07 -37.49
N GLU D 371 21.80 -17.27 -38.45
CA GLU D 371 21.15 -16.00 -38.12
C GLU D 371 19.77 -16.24 -37.51
N ASN D 372 19.29 -15.22 -36.81
CA ASN D 372 17.95 -15.22 -36.21
C ASN D 372 17.78 -16.33 -35.18
N SER D 373 18.86 -16.60 -34.45
CA SER D 373 18.79 -17.51 -33.31
C SER D 373 18.25 -16.79 -32.09
N LYS D 374 17.54 -17.53 -31.24
CA LYS D 374 16.85 -16.95 -30.10
C LYS D 374 17.54 -17.36 -28.80
N MET D 375 17.65 -16.40 -27.88
CA MET D 375 18.22 -16.64 -26.57
C MET D 375 17.38 -15.92 -25.52
N MET D 376 17.32 -16.48 -24.33
CA MET D 376 16.60 -15.87 -23.21
C MET D 376 17.58 -15.46 -22.13
N LEU D 377 17.34 -14.30 -21.53
CA LEU D 377 18.18 -13.74 -20.49
C LEU D 377 17.37 -13.51 -19.22
N GLU D 378 18.05 -13.58 -18.07
CA GLU D 378 17.46 -13.28 -16.78
C GLU D 378 18.32 -12.23 -16.09
N LEU D 379 17.69 -11.18 -15.58
CA LEU D 379 18.40 -10.03 -15.03
C LEU D 379 17.92 -9.77 -13.61
N ASP D 380 18.82 -9.19 -12.81
CA ASP D 380 18.49 -8.79 -11.45
C ASP D 380 18.67 -7.28 -11.34
N PRO D 381 17.66 -6.50 -11.70
CA PRO D 381 17.81 -5.05 -11.76
C PRO D 381 17.96 -4.45 -10.37
N PRO D 382 18.59 -3.29 -10.27
CA PRO D 382 18.60 -2.58 -8.99
C PRO D 382 17.22 -2.02 -8.66
N PHE D 383 16.99 -1.81 -7.37
CA PHE D 383 15.74 -1.22 -6.94
C PHE D 383 15.66 0.22 -7.43
N GLY D 384 14.52 0.59 -7.99
CA GLY D 384 14.35 1.91 -8.56
C GLY D 384 14.33 1.89 -10.07
N ASP D 385 14.87 2.92 -10.70
CA ASP D 385 14.85 3.07 -12.14
C ASP D 385 16.17 2.59 -12.74
N SER D 386 16.07 1.95 -13.91
CA SER D 386 17.25 1.49 -14.63
C SER D 386 16.86 1.24 -16.08
N TYR D 387 17.88 1.17 -16.93
CA TYR D 387 17.70 0.90 -18.36
C TYR D 387 18.25 -0.48 -18.68
N ILE D 388 17.49 -1.25 -19.45
CA ILE D 388 17.94 -2.55 -19.92
C ILE D 388 18.50 -2.36 -21.33
N VAL D 389 19.79 -2.64 -21.49
CA VAL D 389 20.50 -2.38 -22.74
C VAL D 389 21.00 -3.71 -23.29
N ILE D 390 20.61 -4.03 -24.52
CA ILE D 390 21.05 -5.24 -25.20
C ILE D 390 21.71 -4.83 -26.51
N GLY D 391 22.93 -5.31 -26.73
CA GLY D 391 23.66 -5.01 -27.95
C GLY D 391 24.56 -3.79 -27.80
N VAL D 392 25.27 -3.49 -28.88
CA VAL D 392 26.20 -2.37 -28.93
C VAL D 392 25.97 -1.59 -30.22
N GLY D 393 26.43 -0.35 -30.24
CA GLY D 393 26.34 0.47 -31.42
C GLY D 393 25.01 1.20 -31.53
N GLU D 394 24.77 1.75 -32.72
CA GLU D 394 23.53 2.47 -32.94
C GLU D 394 22.33 1.54 -32.87
N LYS D 395 22.53 0.26 -33.21
CA LYS D 395 21.45 -0.73 -33.18
C LYS D 395 21.22 -1.32 -31.81
N LYS D 396 21.74 -0.70 -30.75
CA LYS D 396 21.54 -1.22 -29.40
C LYS D 396 20.08 -1.10 -28.99
N ILE D 397 19.66 -1.98 -28.08
CA ILE D 397 18.29 -2.01 -27.60
C ILE D 397 18.15 -1.21 -26.32
N THR D 398 17.02 -0.52 -26.16
CA THR D 398 16.70 0.20 -24.95
C THR D 398 15.37 -0.30 -24.40
N HIS D 399 15.28 -0.41 -23.07
CA HIS D 399 14.01 -0.71 -22.42
C HIS D 399 14.10 -0.28 -20.97
N HIS D 400 13.34 0.73 -20.59
CA HIS D 400 13.37 1.25 -19.23
C HIS D 400 12.64 0.32 -18.28
N TRP D 401 13.18 0.19 -17.07
CA TRP D 401 12.63 -0.71 -16.07
C TRP D 401 12.58 -0.03 -14.72
N HIS D 402 11.58 -0.39 -13.92
CA HIS D 402 11.43 0.09 -12.55
C HIS D 402 11.16 -1.09 -11.64
N ARG D 403 11.84 -1.13 -10.50
CA ARG D 403 11.69 -2.20 -9.52
C ARG D 403 11.21 -1.62 -8.19
N SER D 404 10.22 -2.27 -7.59
CA SER D 404 9.71 -1.85 -6.29
C SER D 404 10.31 -2.70 -5.18
#